data_2HL0
# 
_entry.id   2HL0 
# 
_audit_conform.dict_name       mmcif_pdbx.dic 
_audit_conform.dict_version    5.380 
_audit_conform.dict_location   http://mmcif.pdb.org/dictionaries/ascii/mmcif_pdbx.dic 
# 
loop_
_database_2.database_id 
_database_2.database_code 
_database_2.pdbx_database_accession 
_database_2.pdbx_DOI 
PDB   2HL0         pdb_00002hl0 10.2210/pdb2hl0/pdb 
RCSB  RCSB038467   ?            ?                   
WWPDB D_1000038467 ?            ?                   
# 
loop_
_pdbx_database_related.db_name 
_pdbx_database_related.db_id 
_pdbx_database_related.details 
_pdbx_database_related.content_type 
PDB 1Y2Q 'The same protein without ligand'                              unspecified 
PDB 2HKZ 'The same protein in complex with L-serine'                    unspecified 
PDB 2HL1 
;The same protein in complex with seryl-3'-aminoadenosine
;
unspecified 
PDB 2HL2 'The same protein in complex with an analog of seryladenylate' unspecified 
# 
_pdbx_database_status.status_code                     REL 
_pdbx_database_status.entry_id                        2HL0 
_pdbx_database_status.recvd_initial_deposition_date   2006-07-06 
_pdbx_database_status.deposit_site                    RCSB 
_pdbx_database_status.process_site                    PDBJ 
_pdbx_database_status.status_code_sf                  REL 
_pdbx_database_status.status_code_mr                  ? 
_pdbx_database_status.SG_entry                        ? 
_pdbx_database_status.pdb_format_compatible           Y 
_pdbx_database_status.status_code_cs                  ? 
_pdbx_database_status.status_code_nmr_data            ? 
_pdbx_database_status.methods_development_category    ? 
# 
loop_
_audit_author.name 
_audit_author.pdbx_ordinal 
'Hussain, T.'          1 
'Kruparani, S.P.'      2 
'Pal, B.'              3 
'Sankaranarayanan, R.' 4 
# 
loop_
_citation.id 
_citation.title 
_citation.journal_abbrev 
_citation.journal_volume 
_citation.page_first 
_citation.page_last 
_citation.year 
_citation.journal_id_ASTM 
_citation.country 
_citation.journal_id_ISSN 
_citation.journal_id_CSD 
_citation.book_publisher 
_citation.pdbx_database_id_PubMed 
_citation.pdbx_database_id_DOI 
primary 'Post-transfer editing mechanism of a D-aminoacyl-tRNA deacylase-like domain in threonyl-tRNA synthetase from archaea' 
'Embo J.'            25 4152 4162 2006 EMJODG UK 0261-4189 0897 ? 16902403 10.1038/sj.emboj.7601278 
1       'A D-amino acid editing module coupled to the translational apparatus in archaea'                                      
Nat.Struct.Mol.Biol. 12 556  557  2005 ?      US 1545-9993 ?    ? 15908961 10.1038/nsmb943          
# 
loop_
_citation_author.citation_id 
_citation_author.name 
_citation_author.ordinal 
_citation_author.identifier_ORCID 
primary 'Hussain, T.'          1  ? 
primary 'Kruparani, S.P.'      2  ? 
primary 'Pal, B.'              3  ? 
primary 'Dock-Bregeon, A.C.'   4  ? 
primary 'Dwivedi, S.'          5  ? 
primary 'Shekar, M.R.'         6  ? 
primary 'Sureshbabu, K.'       7  ? 
primary 'Sankaranarayanan, R.' 8  ? 
1       'Dwivedi, S.'          9  ? 
1       'Kruparani, S.P.'      10 ? 
1       'Sankaranarayanan, R.' 11 ? 
# 
_cell.entry_id           2HL0 
_cell.length_a           53.022 
_cell.length_b           77.223 
_cell.length_c           90.952 
_cell.angle_alpha        90.00 
_cell.angle_beta         90.00 
_cell.angle_gamma        90.00 
_cell.Z_PDB              8 
_cell.pdbx_unique_axis   ? 
_cell.length_a_esd       ? 
_cell.length_b_esd       ? 
_cell.length_c_esd       ? 
_cell.angle_alpha_esd    ? 
_cell.angle_beta_esd     ? 
_cell.angle_gamma_esd    ? 
# 
_symmetry.entry_id                         2HL0 
_symmetry.space_group_name_H-M             'I 2 2 2' 
_symmetry.pdbx_full_space_group_name_H-M   ? 
_symmetry.cell_setting                     ? 
_symmetry.Int_Tables_number                23 
_symmetry.space_group_name_Hall            ? 
# 
loop_
_entity.id 
_entity.type 
_entity.src_method 
_entity.pdbx_description 
_entity.formula_weight 
_entity.pdbx_number_of_molecules 
_entity.pdbx_ec 
_entity.pdbx_mutation 
_entity.pdbx_fragment 
_entity.details 
1 polymer     man 'Threonyl-tRNA synthetase' 16281.795 1   6.1.1.3 ? 'editing domain (residues 1-143)' ? 
2 non-polymer syn "SERINE-3'-AMINOADENOSINE" 353.334   1   ?       ? ?                                 ? 
3 water       nat water                      18.015    199 ?       ? ?                                 ? 
# 
_entity_name_com.entity_id   1 
_entity_name_com.name        'Threonine--tRNA ligase, ThrRS' 
# 
_entity_poly.entity_id                      1 
_entity_poly.type                           'polypeptide(L)' 
_entity_poly.nstd_linkage                   no 
_entity_poly.nstd_monomer                   no 
_entity_poly.pdbx_seq_one_letter_code       
;MRVLLIHSDYIEYEVKDKALKNPEPISEDMKRGRMEEVLVAFISVEKVDEKNPEEVSLKAIEEISKVAEQVKAENVFVYP
FAHLSSELAKPSVAMDILNRVYQGLKERGFNVGKAPFGYYKAFKISCKGHPLAELSRTIVPEE
;
_entity_poly.pdbx_seq_one_letter_code_can   
;MRVLLIHSDYIEYEVKDKALKNPEPISEDMKRGRMEEVLVAFISVEKVDEKNPEEVSLKAIEEISKVAEQVKAENVFVYP
FAHLSSELAKPSVAMDILNRVYQGLKERGFNVGKAPFGYYKAFKISCKGHPLAELSRTIVPEE
;
_entity_poly.pdbx_strand_id                 A 
_entity_poly.pdbx_target_identifier         ? 
# 
loop_
_entity_poly_seq.entity_id 
_entity_poly_seq.num 
_entity_poly_seq.mon_id 
_entity_poly_seq.hetero 
1 1   MET n 
1 2   ARG n 
1 3   VAL n 
1 4   LEU n 
1 5   LEU n 
1 6   ILE n 
1 7   HIS n 
1 8   SER n 
1 9   ASP n 
1 10  TYR n 
1 11  ILE n 
1 12  GLU n 
1 13  TYR n 
1 14  GLU n 
1 15  VAL n 
1 16  LYS n 
1 17  ASP n 
1 18  LYS n 
1 19  ALA n 
1 20  LEU n 
1 21  LYS n 
1 22  ASN n 
1 23  PRO n 
1 24  GLU n 
1 25  PRO n 
1 26  ILE n 
1 27  SER n 
1 28  GLU n 
1 29  ASP n 
1 30  MET n 
1 31  LYS n 
1 32  ARG n 
1 33  GLY n 
1 34  ARG n 
1 35  MET n 
1 36  GLU n 
1 37  GLU n 
1 38  VAL n 
1 39  LEU n 
1 40  VAL n 
1 41  ALA n 
1 42  PHE n 
1 43  ILE n 
1 44  SER n 
1 45  VAL n 
1 46  GLU n 
1 47  LYS n 
1 48  VAL n 
1 49  ASP n 
1 50  GLU n 
1 51  LYS n 
1 52  ASN n 
1 53  PRO n 
1 54  GLU n 
1 55  GLU n 
1 56  VAL n 
1 57  SER n 
1 58  LEU n 
1 59  LYS n 
1 60  ALA n 
1 61  ILE n 
1 62  GLU n 
1 63  GLU n 
1 64  ILE n 
1 65  SER n 
1 66  LYS n 
1 67  VAL n 
1 68  ALA n 
1 69  GLU n 
1 70  GLN n 
1 71  VAL n 
1 72  LYS n 
1 73  ALA n 
1 74  GLU n 
1 75  ASN n 
1 76  VAL n 
1 77  PHE n 
1 78  VAL n 
1 79  TYR n 
1 80  PRO n 
1 81  PHE n 
1 82  ALA n 
1 83  HIS n 
1 84  LEU n 
1 85  SER n 
1 86  SER n 
1 87  GLU n 
1 88  LEU n 
1 89  ALA n 
1 90  LYS n 
1 91  PRO n 
1 92  SER n 
1 93  VAL n 
1 94  ALA n 
1 95  MET n 
1 96  ASP n 
1 97  ILE n 
1 98  LEU n 
1 99  ASN n 
1 100 ARG n 
1 101 VAL n 
1 102 TYR n 
1 103 GLN n 
1 104 GLY n 
1 105 LEU n 
1 106 LYS n 
1 107 GLU n 
1 108 ARG n 
1 109 GLY n 
1 110 PHE n 
1 111 ASN n 
1 112 VAL n 
1 113 GLY n 
1 114 LYS n 
1 115 ALA n 
1 116 PRO n 
1 117 PHE n 
1 118 GLY n 
1 119 TYR n 
1 120 TYR n 
1 121 LYS n 
1 122 ALA n 
1 123 PHE n 
1 124 LYS n 
1 125 ILE n 
1 126 SER n 
1 127 CYS n 
1 128 LYS n 
1 129 GLY n 
1 130 HIS n 
1 131 PRO n 
1 132 LEU n 
1 133 ALA n 
1 134 GLU n 
1 135 LEU n 
1 136 SER n 
1 137 ARG n 
1 138 THR n 
1 139 ILE n 
1 140 VAL n 
1 141 PRO n 
1 142 GLU n 
1 143 GLU n 
# 
_entity_src_gen.entity_id                          1 
_entity_src_gen.pdbx_src_id                        1 
_entity_src_gen.pdbx_alt_source_flag               sample 
_entity_src_gen.pdbx_seq_type                      ? 
_entity_src_gen.pdbx_beg_seq_num                   ? 
_entity_src_gen.pdbx_end_seq_num                   ? 
_entity_src_gen.gene_src_common_name               ? 
_entity_src_gen.gene_src_genus                     Pyrococcus 
_entity_src_gen.pdbx_gene_src_gene                 ? 
_entity_src_gen.gene_src_species                   ? 
_entity_src_gen.gene_src_strain                    ? 
_entity_src_gen.gene_src_tissue                    ? 
_entity_src_gen.gene_src_tissue_fraction           ? 
_entity_src_gen.gene_src_details                   ? 
_entity_src_gen.pdbx_gene_src_fragment             ? 
_entity_src_gen.pdbx_gene_src_scientific_name      'Pyrococcus abyssi' 
_entity_src_gen.pdbx_gene_src_ncbi_taxonomy_id     29292 
_entity_src_gen.pdbx_gene_src_variant              ? 
_entity_src_gen.pdbx_gene_src_cell_line            ? 
_entity_src_gen.pdbx_gene_src_atcc                 ? 
_entity_src_gen.pdbx_gene_src_organ                ? 
_entity_src_gen.pdbx_gene_src_organelle            ? 
_entity_src_gen.pdbx_gene_src_cell                 ? 
_entity_src_gen.pdbx_gene_src_cellular_location    ? 
_entity_src_gen.host_org_common_name               ? 
_entity_src_gen.pdbx_host_org_scientific_name      'Escherichia coli BL21' 
_entity_src_gen.pdbx_host_org_ncbi_taxonomy_id     511693 
_entity_src_gen.host_org_genus                     Escherichia 
_entity_src_gen.pdbx_host_org_gene                 ? 
_entity_src_gen.pdbx_host_org_organ                ? 
_entity_src_gen.host_org_species                   'Escherichia coli' 
_entity_src_gen.pdbx_host_org_tissue               ? 
_entity_src_gen.pdbx_host_org_tissue_fraction      ? 
_entity_src_gen.pdbx_host_org_strain               BL21 
_entity_src_gen.pdbx_host_org_variant              ? 
_entity_src_gen.pdbx_host_org_cell_line            ? 
_entity_src_gen.pdbx_host_org_atcc                 ? 
_entity_src_gen.pdbx_host_org_culture_collection   ? 
_entity_src_gen.pdbx_host_org_cell                 ? 
_entity_src_gen.pdbx_host_org_organelle            ? 
_entity_src_gen.pdbx_host_org_cellular_location    ? 
_entity_src_gen.pdbx_host_org_vector_type          plasmid 
_entity_src_gen.pdbx_host_org_vector               ? 
_entity_src_gen.host_org_details                   ? 
_entity_src_gen.expression_system_id               ? 
_entity_src_gen.plasmid_name                       pET21b 
_entity_src_gen.plasmid_details                    ? 
_entity_src_gen.pdbx_description                   ? 
# 
_struct_ref.id                         1 
_struct_ref.db_name                    UNP 
_struct_ref.db_code                    SYT_PYRAB 
_struct_ref.pdbx_db_accession          Q9UZ14 
_struct_ref.entity_id                  1 
_struct_ref.pdbx_seq_one_letter_code   
;MRVLLIHSDYIEYEVKDKALKNPEPISEDMKRGRMEEVLVAFISVEKVDEKNPEEVSLKAIEEISKVAEQVKAENVFVYP
FAHLSSELAKPSVAMDILNRVYQGLKERGFNVGKAPFGYYKAFKISCKGHPLAELSRTIVPEE
;
_struct_ref.pdbx_align_begin           1 
_struct_ref.pdbx_db_isoform            ? 
# 
_struct_ref_seq.align_id                      1 
_struct_ref_seq.ref_id                        1 
_struct_ref_seq.pdbx_PDB_id_code              2HL0 
_struct_ref_seq.pdbx_strand_id                A 
_struct_ref_seq.seq_align_beg                 1 
_struct_ref_seq.pdbx_seq_align_beg_ins_code   ? 
_struct_ref_seq.seq_align_end                 143 
_struct_ref_seq.pdbx_seq_align_end_ins_code   ? 
_struct_ref_seq.pdbx_db_accession             Q9UZ14 
_struct_ref_seq.db_align_beg                  1 
_struct_ref_seq.pdbx_db_align_beg_ins_code    ? 
_struct_ref_seq.db_align_end                  143 
_struct_ref_seq.pdbx_db_align_end_ins_code    ? 
_struct_ref_seq.pdbx_auth_seq_align_beg       1 
_struct_ref_seq.pdbx_auth_seq_align_end       143 
# 
loop_
_chem_comp.id 
_chem_comp.type 
_chem_comp.mon_nstd_flag 
_chem_comp.name 
_chem_comp.pdbx_synonyms 
_chem_comp.formula 
_chem_comp.formula_weight 
A3S non-polymer         . "SERINE-3'-AMINOADENOSINE" "N'-L-SERYL-3'-AMINO-(3'-DEOXY)-ADENOSINE" 'C13 H19 N7 O5'  353.334 
ALA 'L-peptide linking' y ALANINE                    ?                                          'C3 H7 N O2'     89.093  
ARG 'L-peptide linking' y ARGININE                   ?                                          'C6 H15 N4 O2 1' 175.209 
ASN 'L-peptide linking' y ASPARAGINE                 ?                                          'C4 H8 N2 O3'    132.118 
ASP 'L-peptide linking' y 'ASPARTIC ACID'            ?                                          'C4 H7 N O4'     133.103 
CYS 'L-peptide linking' y CYSTEINE                   ?                                          'C3 H7 N O2 S'   121.158 
GLN 'L-peptide linking' y GLUTAMINE                  ?                                          'C5 H10 N2 O3'   146.144 
GLU 'L-peptide linking' y 'GLUTAMIC ACID'            ?                                          'C5 H9 N O4'     147.129 
GLY 'peptide linking'   y GLYCINE                    ?                                          'C2 H5 N O2'     75.067  
HIS 'L-peptide linking' y HISTIDINE                  ?                                          'C6 H10 N3 O2 1' 156.162 
HOH non-polymer         . WATER                      ?                                          'H2 O'           18.015  
ILE 'L-peptide linking' y ISOLEUCINE                 ?                                          'C6 H13 N O2'    131.173 
LEU 'L-peptide linking' y LEUCINE                    ?                                          'C6 H13 N O2'    131.173 
LYS 'L-peptide linking' y LYSINE                     ?                                          'C6 H15 N2 O2 1' 147.195 
MET 'L-peptide linking' y METHIONINE                 ?                                          'C5 H11 N O2 S'  149.211 
PHE 'L-peptide linking' y PHENYLALANINE              ?                                          'C9 H11 N O2'    165.189 
PRO 'L-peptide linking' y PROLINE                    ?                                          'C5 H9 N O2'     115.130 
SER 'L-peptide linking' y SERINE                     ?                                          'C3 H7 N O3'     105.093 
THR 'L-peptide linking' y THREONINE                  ?                                          'C4 H9 N O3'     119.119 
TYR 'L-peptide linking' y TYROSINE                   ?                                          'C9 H11 N O3'    181.189 
VAL 'L-peptide linking' y VALINE                     ?                                          'C5 H11 N O2'    117.146 
# 
_exptl.entry_id          2HL0 
_exptl.method            'X-RAY DIFFRACTION' 
_exptl.crystals_number   1 
# 
_exptl_crystal.id                    1 
_exptl_crystal.density_meas          ? 
_exptl_crystal.density_Matthews      2.86 
_exptl_crystal.density_percent_sol   56.96 
_exptl_crystal.description           ? 
_exptl_crystal.F_000                 ? 
_exptl_crystal.preparation           ? 
# 
_exptl_crystal_grow.crystal_id      1 
_exptl_crystal_grow.method          'VAPOR DIFFUSION, HANGING DROP' 
_exptl_crystal_grow.temp            277 
_exptl_crystal_grow.temp_details    ? 
_exptl_crystal_grow.pH              6.5 
_exptl_crystal_grow.pdbx_details    
'30% PEG 8000, 0.2M ammonium sulphate, 0.1M sodium cacodylate, pH 6.5, VAPOR DIFFUSION, HANGING DROP, temperature 277K' 
_exptl_crystal_grow.pdbx_pH_range   . 
# 
_diffrn.id                     1 
_diffrn.ambient_temp           100 
_diffrn.ambient_temp_details   ? 
_diffrn.crystal_id             1 
# 
_diffrn_detector.diffrn_id              1 
_diffrn_detector.detector               'IMAGE PLATE' 
_diffrn_detector.type                   'MAR scanner 345 mm plate' 
_diffrn_detector.pdbx_collection_date   2005-11-02 
_diffrn_detector.details                'Osmic mirrors' 
# 
_diffrn_radiation.diffrn_id                        1 
_diffrn_radiation.wavelength_id                    1 
_diffrn_radiation.pdbx_monochromatic_or_laue_m_l   M 
_diffrn_radiation.monochromator                    ? 
_diffrn_radiation.pdbx_diffrn_protocol             'SINGLE WAVELENGTH' 
_diffrn_radiation.pdbx_scattering_type             x-ray 
# 
_diffrn_radiation_wavelength.id           1 
_diffrn_radiation_wavelength.wavelength   1.5418 
_diffrn_radiation_wavelength.wt           1.0 
# 
_diffrn_source.diffrn_id                   1 
_diffrn_source.source                      'ROTATING ANODE' 
_diffrn_source.type                        'RIGAKU RU300' 
_diffrn_source.pdbx_synchrotron_site       ? 
_diffrn_source.pdbx_synchrotron_beamline   ? 
_diffrn_source.pdbx_wavelength             ? 
_diffrn_source.pdbx_wavelength_list        1.5418 
# 
_reflns.entry_id                     2HL0 
_reflns.observed_criterion_sigma_I   0 
_reflns.observed_criterion_sigma_F   0 
_reflns.d_resolution_low             25.0 
_reflns.d_resolution_high            1.86 
_reflns.number_obs                   15968 
_reflns.number_all                   15968 
_reflns.percent_possible_obs         99.1 
_reflns.pdbx_Rmerge_I_obs            0.063 
_reflns.pdbx_Rsym_value              ? 
_reflns.pdbx_netI_over_sigmaI        19.65 
_reflns.B_iso_Wilson_estimate        8.2 
_reflns.pdbx_redundancy              4.6 
_reflns.R_free_details               ? 
_reflns.limit_h_max                  ? 
_reflns.limit_h_min                  ? 
_reflns.limit_k_max                  ? 
_reflns.limit_k_min                  ? 
_reflns.limit_l_max                  ? 
_reflns.limit_l_min                  ? 
_reflns.observed_criterion_F_max     ? 
_reflns.observed_criterion_F_min     ? 
_reflns.pdbx_chi_squared             ? 
_reflns.pdbx_scaling_rejects         ? 
_reflns.pdbx_diffrn_id               1 
_reflns.pdbx_ordinal                 1 
# 
_reflns_shell.d_res_high             1.86 
_reflns_shell.d_res_low              1.93 
_reflns_shell.percent_possible_all   91.4 
_reflns_shell.Rmerge_I_obs           0.236 
_reflns_shell.pdbx_Rsym_value        ? 
_reflns_shell.meanI_over_sigI_obs    3.85 
_reflns_shell.pdbx_redundancy        3.8 
_reflns_shell.percent_possible_obs   ? 
_reflns_shell.number_unique_all      1458 
_reflns_shell.number_measured_all    ? 
_reflns_shell.number_measured_obs    ? 
_reflns_shell.number_unique_obs      ? 
_reflns_shell.pdbx_chi_squared       ? 
_reflns_shell.pdbx_diffrn_id         ? 
_reflns_shell.pdbx_ordinal           1 
# 
_refine.entry_id                                 2HL0 
_refine.ls_number_reflns_obs                     15632 
_refine.ls_number_reflns_all                     15632 
_refine.pdbx_ls_sigma_I                          ? 
_refine.pdbx_ls_sigma_F                          0.0 
_refine.pdbx_data_cutoff_high_absF               1526939.04 
_refine.pdbx_data_cutoff_low_absF                0.000000 
_refine.pdbx_data_cutoff_high_rms_absF           ? 
_refine.ls_d_res_low                             24.77 
_refine.ls_d_res_high                            1.86 
_refine.ls_percent_reflns_obs                    97.5 
_refine.ls_R_factor_obs                          0.193 
_refine.ls_R_factor_all                          ? 
_refine.ls_R_factor_R_work                       0.193 
_refine.ls_R_factor_R_free                       0.22 
_refine.ls_R_factor_R_free_error                 0.008 
_refine.ls_R_factor_R_free_error_details         ? 
_refine.ls_percent_reflns_R_free                 5.0 
_refine.ls_number_reflns_R_free                  788 
_refine.ls_number_parameters                     ? 
_refine.ls_number_restraints                     ? 
_refine.occupancy_min                            ? 
_refine.occupancy_max                            ? 
_refine.correlation_coeff_Fo_to_Fc               ? 
_refine.correlation_coeff_Fo_to_Fc_free          ? 
_refine.B_iso_mean                               15.8 
_refine.aniso_B[1][1]                            -0.44 
_refine.aniso_B[2][2]                            -0.82 
_refine.aniso_B[3][3]                            1.26 
_refine.aniso_B[1][2]                            0.00 
_refine.aniso_B[1][3]                            0.00 
_refine.aniso_B[2][3]                            0.00 
_refine.solvent_model_details                    'FLAT MODEL' 
_refine.solvent_model_param_ksol                 0.355428 
_refine.solvent_model_param_bsol                 42.9771 
_refine.pdbx_solvent_vdw_probe_radii             ? 
_refine.pdbx_solvent_ion_probe_radii             ? 
_refine.pdbx_solvent_shrinkage_radii             ? 
_refine.pdbx_ls_cross_valid_method               THROUGHOUT 
_refine.details                                  ? 
_refine.pdbx_starting_model                      'PDB ENTRY 1Y2Q' 
_refine.pdbx_method_to_determine_struct          'MOLECULAR REPLACEMENT' 
_refine.pdbx_isotropic_thermal_model             RESTRAINED 
_refine.pdbx_stereochemistry_target_values       'Engh & Huber' 
_refine.pdbx_stereochem_target_val_spec_case     ? 
_refine.pdbx_R_Free_selection_details            RANDOM 
_refine.pdbx_overall_ESU_R                       ? 
_refine.pdbx_overall_ESU_R_Free                  ? 
_refine.overall_SU_ML                            ? 
_refine.overall_SU_B                             ? 
_refine.ls_redundancy_reflns_obs                 ? 
_refine.B_iso_min                                ? 
_refine.B_iso_max                                ? 
_refine.overall_SU_R_Cruickshank_DPI             ? 
_refine.overall_SU_R_free                        ? 
_refine.ls_wR_factor_R_free                      ? 
_refine.ls_wR_factor_R_work                      ? 
_refine.overall_FOM_free_R_set                   ? 
_refine.overall_FOM_work_R_set                   ? 
_refine.pdbx_refine_id                           'X-RAY DIFFRACTION' 
_refine.pdbx_diffrn_id                           1 
_refine.pdbx_TLS_residual_ADP_flag               ? 
_refine.pdbx_overall_phase_error                 ? 
_refine.pdbx_overall_SU_R_free_Cruickshank_DPI   ? 
_refine.pdbx_overall_SU_R_Blow_DPI               ? 
_refine.pdbx_overall_SU_R_free_Blow_DPI          ? 
# 
_refine_analyze.entry_id                        2HL0 
_refine_analyze.Luzzati_coordinate_error_obs    0.20 
_refine_analyze.Luzzati_sigma_a_obs             0.10 
_refine_analyze.Luzzati_d_res_low_obs           5.00 
_refine_analyze.Luzzati_coordinate_error_free   0.24 
_refine_analyze.Luzzati_sigma_a_free            0.14 
_refine_analyze.Luzzati_d_res_low_free          ? 
_refine_analyze.number_disordered_residues      ? 
_refine_analyze.occupancy_sum_hydrogen          ? 
_refine_analyze.occupancy_sum_non_hydrogen      ? 
_refine_analyze.pdbx_Luzzati_d_res_high_obs     ? 
_refine_analyze.pdbx_refine_id                  'X-RAY DIFFRACTION' 
# 
_refine_hist.pdbx_refine_id                   'X-RAY DIFFRACTION' 
_refine_hist.cycle_id                         LAST 
_refine_hist.pdbx_number_atoms_protein        1140 
_refine_hist.pdbx_number_atoms_nucleic_acid   0 
_refine_hist.pdbx_number_atoms_ligand         25 
_refine_hist.number_atoms_solvent             199 
_refine_hist.number_atoms_total               1364 
_refine_hist.d_res_high                       1.86 
_refine_hist.d_res_low                        24.77 
# 
loop_
_refine_ls_restr.type 
_refine_ls_restr.dev_ideal 
_refine_ls_restr.dev_ideal_target 
_refine_ls_restr.weight 
_refine_ls_restr.number 
_refine_ls_restr.pdbx_refine_id 
_refine_ls_restr.pdbx_restraint_function 
c_bond_d                0.006 ?    ? ? 'X-RAY DIFFRACTION' ? 
c_bond_d_na             ?     ?    ? ? 'X-RAY DIFFRACTION' ? 
c_bond_d_prot           ?     ?    ? ? 'X-RAY DIFFRACTION' ? 
c_angle_d               ?     ?    ? ? 'X-RAY DIFFRACTION' ? 
c_angle_d_na            ?     ?    ? ? 'X-RAY DIFFRACTION' ? 
c_angle_d_prot          ?     ?    ? ? 'X-RAY DIFFRACTION' ? 
c_angle_deg             1.4   ?    ? ? 'X-RAY DIFFRACTION' ? 
c_angle_deg_na          ?     ?    ? ? 'X-RAY DIFFRACTION' ? 
c_angle_deg_prot        ?     ?    ? ? 'X-RAY DIFFRACTION' ? 
c_dihedral_angle_d      23.5  ?    ? ? 'X-RAY DIFFRACTION' ? 
c_dihedral_angle_d_na   ?     ?    ? ? 'X-RAY DIFFRACTION' ? 
c_dihedral_angle_d_prot ?     ?    ? ? 'X-RAY DIFFRACTION' ? 
c_improper_angle_d      0.71  ?    ? ? 'X-RAY DIFFRACTION' ? 
c_improper_angle_d_na   ?     ?    ? ? 'X-RAY DIFFRACTION' ? 
c_improper_angle_d_prot ?     ?    ? ? 'X-RAY DIFFRACTION' ? 
c_mcbond_it             1.23  1.50 ? ? 'X-RAY DIFFRACTION' ? 
c_mcangle_it            1.89  2.00 ? ? 'X-RAY DIFFRACTION' ? 
c_scbond_it             2.25  2.00 ? ? 'X-RAY DIFFRACTION' ? 
c_scangle_it            3.40  2.50 ? ? 'X-RAY DIFFRACTION' ? 
# 
_refine_ls_shell.pdbx_total_number_of_bins_used   6 
_refine_ls_shell.d_res_high                       1.86 
_refine_ls_shell.d_res_low                        1.98 
_refine_ls_shell.number_reflns_R_work             2302 
_refine_ls_shell.R_factor_R_work                  0.222 
_refine_ls_shell.percent_reflns_obs               92.7 
_refine_ls_shell.R_factor_R_free                  0.259 
_refine_ls_shell.R_factor_R_free_error            0.022 
_refine_ls_shell.percent_reflns_R_free            5.5 
_refine_ls_shell.number_reflns_R_free             135 
_refine_ls_shell.number_reflns_all                ? 
_refine_ls_shell.R_factor_all                     ? 
_refine_ls_shell.number_reflns_obs                ? 
_refine_ls_shell.redundancy_reflns_obs            ? 
_refine_ls_shell.pdbx_refine_id                   'X-RAY DIFFRACTION' 
# 
loop_
_pdbx_xplor_file.serial_no 
_pdbx_xplor_file.param_file 
_pdbx_xplor_file.topol_file 
_pdbx_xplor_file.pdbx_refine_id 
1 protein_rep.param protein.top 'X-RAY DIFFRACTION' 
2 water_rep.param   water.top   'X-RAY DIFFRACTION' 
3 a3s.param         a3s.top     'X-RAY DIFFRACTION' 
# 
_struct.entry_id                  2HL0 
_struct.title                     
;Crystal structure of the editing domain of threonyl-tRNA synthetase from Pyrococcus abyssi in complex with seryl-3'-aminoadenosine
;
_struct.pdbx_model_details        ? 
_struct.pdbx_CASP_flag            ? 
_struct.pdbx_model_type_details   ? 
# 
_struct_keywords.entry_id        2HL0 
_struct_keywords.pdbx_keywords   LIGASE 
_struct_keywords.text            'translation, editing, aminoacyl-tRNA synthetase, enzyme mechanism, enantioselectivity, LIGASE' 
# 
loop_
_struct_asym.id 
_struct_asym.pdbx_blank_PDB_chainid_flag 
_struct_asym.pdbx_modified 
_struct_asym.entity_id 
_struct_asym.details 
A N N 1 ? 
B N N 2 ? 
C N N 3 ? 
# 
_struct_biol.id                    1 
_struct_biol.details               'The biological assembly is a dimer' 
_struct_biol.pdbx_parent_biol_id   ? 
# 
loop_
_struct_conf.conf_type_id 
_struct_conf.id 
_struct_conf.pdbx_PDB_helix_id 
_struct_conf.beg_label_comp_id 
_struct_conf.beg_label_asym_id 
_struct_conf.beg_label_seq_id 
_struct_conf.pdbx_beg_PDB_ins_code 
_struct_conf.end_label_comp_id 
_struct_conf.end_label_asym_id 
_struct_conf.end_label_seq_id 
_struct_conf.pdbx_end_PDB_ins_code 
_struct_conf.beg_auth_comp_id 
_struct_conf.beg_auth_asym_id 
_struct_conf.beg_auth_seq_id 
_struct_conf.end_auth_comp_id 
_struct_conf.end_auth_asym_id 
_struct_conf.end_auth_seq_id 
_struct_conf.pdbx_PDB_helix_class 
_struct_conf.details 
_struct_conf.pdbx_PDB_helix_length 
HELX_P HELX_P1 1 SER A 27 ? MET A 30  ? SER A 27 MET A 30  5 ? 4  
HELX_P HELX_P2 2 GLU A 46 ? LYS A 51  ? GLU A 46 LYS A 51  5 ? 6  
HELX_P HELX_P3 3 ASN A 52 ? LYS A 72  ? ASN A 52 LYS A 72  1 ? 21 
HELX_P HELX_P4 4 ALA A 82 ? SER A 85  ? ALA A 82 SER A 85  5 ? 4  
HELX_P HELX_P5 5 LYS A 90 ? ARG A 108 ? LYS A 90 ARG A 108 1 ? 19 
# 
_struct_conf_type.id          HELX_P 
_struct_conf_type.criteria    ? 
_struct_conf_type.reference   ? 
# 
loop_
_struct_sheet.id 
_struct_sheet.type 
_struct_sheet.number_strands 
_struct_sheet.details 
A ? 5 ? 
B ? 5 ? 
# 
loop_
_struct_sheet_order.sheet_id 
_struct_sheet_order.range_id_1 
_struct_sheet_order.range_id_2 
_struct_sheet_order.offset 
_struct_sheet_order.sense 
A 1 2 ? parallel      
A 2 3 ? parallel      
A 3 4 ? anti-parallel 
A 4 5 ? anti-parallel 
B 1 2 ? parallel      
B 2 3 ? parallel      
B 3 4 ? anti-parallel 
B 4 5 ? anti-parallel 
# 
loop_
_struct_sheet_range.sheet_id 
_struct_sheet_range.id 
_struct_sheet_range.beg_label_comp_id 
_struct_sheet_range.beg_label_asym_id 
_struct_sheet_range.beg_label_seq_id 
_struct_sheet_range.pdbx_beg_PDB_ins_code 
_struct_sheet_range.end_label_comp_id 
_struct_sheet_range.end_label_asym_id 
_struct_sheet_range.end_label_seq_id 
_struct_sheet_range.pdbx_end_PDB_ins_code 
_struct_sheet_range.beg_auth_comp_id 
_struct_sheet_range.beg_auth_asym_id 
_struct_sheet_range.beg_auth_seq_id 
_struct_sheet_range.end_auth_comp_id 
_struct_sheet_range.end_auth_asym_id 
_struct_sheet_range.end_auth_seq_id 
A 1 ASN A 111 ? LYS A 114 ? ASN A 111 LYS A 114 
A 2 ASN A 75  ? PRO A 80  ? ASN A 75  PRO A 80  
A 3 ARG A 32  ? SER A 44  ? ARG A 32  SER A 44  
A 4 ARG A 2   ? LYS A 18  ? ARG A 2   LYS A 18  
A 5 TYR A 119 ? CYS A 127 ? TYR A 119 CYS A 127 
B 1 ASN A 111 ? LYS A 114 ? ASN A 111 LYS A 114 
B 2 ASN A 75  ? PRO A 80  ? ASN A 75  PRO A 80  
B 3 ARG A 32  ? SER A 44  ? ARG A 32  SER A 44  
B 4 ARG A 2   ? LYS A 18  ? ARG A 2   LYS A 18  
B 5 GLU A 134 ? THR A 138 ? GLU A 134 THR A 138 
# 
loop_
_pdbx_struct_sheet_hbond.sheet_id 
_pdbx_struct_sheet_hbond.range_id_1 
_pdbx_struct_sheet_hbond.range_id_2 
_pdbx_struct_sheet_hbond.range_1_label_atom_id 
_pdbx_struct_sheet_hbond.range_1_label_comp_id 
_pdbx_struct_sheet_hbond.range_1_label_asym_id 
_pdbx_struct_sheet_hbond.range_1_label_seq_id 
_pdbx_struct_sheet_hbond.range_1_PDB_ins_code 
_pdbx_struct_sheet_hbond.range_1_auth_atom_id 
_pdbx_struct_sheet_hbond.range_1_auth_comp_id 
_pdbx_struct_sheet_hbond.range_1_auth_asym_id 
_pdbx_struct_sheet_hbond.range_1_auth_seq_id 
_pdbx_struct_sheet_hbond.range_2_label_atom_id 
_pdbx_struct_sheet_hbond.range_2_label_comp_id 
_pdbx_struct_sheet_hbond.range_2_label_asym_id 
_pdbx_struct_sheet_hbond.range_2_label_seq_id 
_pdbx_struct_sheet_hbond.range_2_PDB_ins_code 
_pdbx_struct_sheet_hbond.range_2_auth_atom_id 
_pdbx_struct_sheet_hbond.range_2_auth_comp_id 
_pdbx_struct_sheet_hbond.range_2_auth_asym_id 
_pdbx_struct_sheet_hbond.range_2_auth_seq_id 
A 1 2 O GLY A 113 ? O GLY A 113 N VAL A 78  ? N VAL A 78  
A 2 3 O PHE A 77  ? O PHE A 77  N ALA A 41  ? N ALA A 41  
A 3 4 O VAL A 38  ? O VAL A 38  N SER A 8   ? N SER A 8   
A 4 5 N ASP A 17  ? N ASP A 17  O TYR A 120 ? O TYR A 120 
B 1 2 O GLY A 113 ? O GLY A 113 N VAL A 78  ? N VAL A 78  
B 2 3 O PHE A 77  ? O PHE A 77  N ALA A 41  ? N ALA A 41  
B 3 4 O VAL A 38  ? O VAL A 38  N SER A 8   ? N SER A 8   
B 4 5 N LEU A 5   ? N LEU A 5   O LEU A 135 ? O LEU A 135 
# 
_struct_site.id                   AC1 
_struct_site.pdbx_evidence_code   Software 
_struct_site.pdbx_auth_asym_id    A 
_struct_site.pdbx_auth_comp_id    A3S 
_struct_site.pdbx_auth_seq_id     500 
_struct_site.pdbx_auth_ins_code   ? 
_struct_site.pdbx_num_residues    22 
_struct_site.details              'BINDING SITE FOR RESIDUE A3S A 500' 
# 
loop_
_struct_site_gen.id 
_struct_site_gen.site_id 
_struct_site_gen.pdbx_num_res 
_struct_site_gen.label_comp_id 
_struct_site_gen.label_asym_id 
_struct_site_gen.label_seq_id 
_struct_site_gen.pdbx_auth_ins_code 
_struct_site_gen.auth_comp_id 
_struct_site_gen.auth_asym_id 
_struct_site_gen.auth_seq_id 
_struct_site_gen.label_atom_id 
_struct_site_gen.label_alt_id 
_struct_site_gen.symmetry 
_struct_site_gen.details 
1  AC1 22 ALA A 19  ? ALA A 19   . ? 1_555 ? 
2  AC1 22 ILE A 43  ? ILE A 43   . ? 1_555 ? 
3  AC1 22 VAL A 45  ? VAL A 45   . ? 1_555 ? 
4  AC1 22 PRO A 80  ? PRO A 80   . ? 1_555 ? 
5  AC1 22 PHE A 81  ? PHE A 81   . ? 1_555 ? 
6  AC1 22 ALA A 82  ? ALA A 82   . ? 1_555 ? 
7  AC1 22 ALA A 89  ? ALA A 89   . ? 1_555 ? 
8  AC1 22 ALA A 94  ? ALA A 94   . ? 1_555 ? 
9  AC1 22 PHE A 117 ? PHE A 117  . ? 1_555 ? 
10 AC1 22 GLY A 118 ? GLY A 118  . ? 1_555 ? 
11 AC1 22 TYR A 119 ? TYR A 119  . ? 1_555 ? 
12 AC1 22 TYR A 120 ? TYR A 120  . ? 1_555 ? 
13 AC1 22 LYS A 121 ? LYS A 121  . ? 1_555 ? 
14 AC1 22 GLU A 134 ? GLU A 134  . ? 2_565 ? 
15 AC1 22 HOH C .   ? HOH A 1001 . ? 1_555 ? 
16 AC1 22 HOH C .   ? HOH A 1029 . ? 2_565 ? 
17 AC1 22 HOH C .   ? HOH A 1042 . ? 1_555 ? 
18 AC1 22 HOH C .   ? HOH A 1083 . ? 1_555 ? 
19 AC1 22 HOH C .   ? HOH A 1116 . ? 1_555 ? 
20 AC1 22 HOH C .   ? HOH A 1124 . ? 1_555 ? 
21 AC1 22 HOH C .   ? HOH A 1142 . ? 1_555 ? 
22 AC1 22 HOH C .   ? HOH A 1143 . ? 1_555 ? 
# 
_atom_sites.entry_id                    2HL0 
_atom_sites.fract_transf_matrix[1][1]   -0.00943864 
_atom_sites.fract_transf_matrix[1][2]   -0.00862411 
_atom_sites.fract_transf_matrix[1][3]   0.01386494 
_atom_sites.fract_transf_matrix[2][1]   -0.00233463 
_atom_sites.fract_transf_matrix[2][2]   -0.01004250 
_atom_sites.fract_transf_matrix[2][3]   -0.00783583 
_atom_sites.fract_transf_matrix[3][1]   0.00931037 
_atom_sites.fract_transf_matrix[3][2]   -0.00478670 
_atom_sites.fract_transf_matrix[3][3]   0.00336073 
_atom_sites.fract_transf_vector[1]      0.056753 
_atom_sites.fract_transf_vector[2]      0.354354 
_atom_sites.fract_transf_vector[3]      0.213100 
# 
loop_
_atom_type.symbol 
C 
N 
O 
S 
# 
loop_
_atom_site.group_PDB 
_atom_site.id 
_atom_site.type_symbol 
_atom_site.label_atom_id 
_atom_site.label_alt_id 
_atom_site.label_comp_id 
_atom_site.label_asym_id 
_atom_site.label_entity_id 
_atom_site.label_seq_id 
_atom_site.pdbx_PDB_ins_code 
_atom_site.Cartn_x 
_atom_site.Cartn_y 
_atom_site.Cartn_z 
_atom_site.occupancy 
_atom_site.B_iso_or_equiv 
_atom_site.pdbx_formal_charge 
_atom_site.auth_seq_id 
_atom_site.auth_comp_id 
_atom_site.auth_asym_id 
_atom_site.auth_atom_id 
_atom_site.pdbx_PDB_model_num 
ATOM   1    N N     . MET A 1 1   ? 9.862   -6.601  1.840   1.00 12.95 ? 1    MET A N     1 
ATOM   2    C CA    . MET A 1 1   ? 8.572   -6.018  1.379   1.00 13.05 ? 1    MET A CA    1 
ATOM   3    C C     . MET A 1 1   ? 8.464   -6.103  -0.136  1.00 14.18 ? 1    MET A C     1 
ATOM   4    O O     . MET A 1 1   ? 9.445   -5.882  -0.846  1.00 15.73 ? 1    MET A O     1 
ATOM   5    C CB    . MET A 1 1   ? 8.464   -4.547  1.798   1.00 13.10 ? 1    MET A CB    1 
ATOM   6    C CG    . MET A 1 1   ? 7.192   -3.864  1.296   1.00 14.44 ? 1    MET A CG    1 
ATOM   7    S SD    . MET A 1 1   ? 7.186   -2.054  1.469   1.00 16.88 ? 1    MET A SD    1 
ATOM   8    C CE    . MET A 1 1   ? 6.614   -1.889  3.126   1.00 14.89 ? 1    MET A CE    1 
ATOM   9    N N     . ARG A 1 2   ? 7.271   -6.435  -0.620  1.00 13.81 ? 2    ARG A N     1 
ATOM   10   C CA    . ARG A 1 2   ? 7.013   -6.518  -2.052  1.00 14.49 ? 2    ARG A CA    1 
ATOM   11   C C     . ARG A 1 2   ? 5.998   -5.428  -2.376  1.00 13.34 ? 2    ARG A C     1 
ATOM   12   O O     . ARG A 1 2   ? 4.968   -5.310  -1.708  1.00 12.21 ? 2    ARG A O     1 
ATOM   13   C CB    . ARG A 1 2   ? 6.436   -7.886  -2.429  1.00 19.31 ? 2    ARG A CB    1 
ATOM   14   C CG    . ARG A 1 2   ? 7.455   -9.014  -2.543  1.00 24.50 ? 2    ARG A CG    1 
ATOM   15   C CD    . ARG A 1 2   ? 7.998   -9.153  -3.964  1.00 30.76 ? 2    ARG A CD    1 
ATOM   16   N NE    . ARG A 1 2   ? 6.923   -9.205  -4.956  1.00 33.13 ? 2    ARG A NE    1 
ATOM   17   C CZ    . ARG A 1 2   ? 7.087   -9.522  -6.239  1.00 35.83 ? 2    ARG A CZ    1 
ATOM   18   N NH1   . ARG A 1 2   ? 8.290   -9.833  -6.710  1.00 34.87 ? 2    ARG A NH1   1 
ATOM   19   N NH2   . ARG A 1 2   ? 6.040   -9.512  -7.063  1.00 36.55 ? 2    ARG A NH2   1 
ATOM   20   N N     . VAL A 1 3   ? 6.295   -4.624  -3.389  1.00 10.80 ? 3    VAL A N     1 
ATOM   21   C CA    . VAL A 1 3   ? 5.397   -3.548  -3.778  1.00 9.49  ? 3    VAL A CA    1 
ATOM   22   C C     . VAL A 1 3   ? 5.103   -3.617  -5.275  1.00 9.19  ? 3    VAL A C     1 
ATOM   23   O O     . VAL A 1 3   ? 6.004   -3.838  -6.087  1.00 9.28  ? 3    VAL A O     1 
ATOM   24   C CB    . VAL A 1 3   ? 6.018   -2.156  -3.464  1.00 11.69 ? 3    VAL A CB    1 
ATOM   25   C CG1   . VAL A 1 3   ? 4.991   -1.060  -3.694  1.00 13.38 ? 3    VAL A CG1   1 
ATOM   26   C CG2   . VAL A 1 3   ? 6.515   -2.109  -2.026  1.00 12.83 ? 3    VAL A CG2   1 
ATOM   27   N N     . LEU A 1 4   ? 3.833   -3.469  -5.630  1.00 8.36  ? 4    LEU A N     1 
ATOM   28   C CA    . LEU A 1 4   ? 3.442   -3.444  -7.036  1.00 7.93  ? 4    LEU A CA    1 
ATOM   29   C C     . LEU A 1 4   ? 2.814   -2.066  -7.213  1.00 7.83  ? 4    LEU A C     1 
ATOM   30   O O     . LEU A 1 4   ? 1.797   -1.758  -6.593  1.00 6.54  ? 4    LEU A O     1 
ATOM   31   C CB    . LEU A 1 4   ? 2.425   -4.543  -7.354  1.00 8.62  ? 4    LEU A CB    1 
ATOM   32   C CG    . LEU A 1 4   ? 1.951   -4.602  -8.811  1.00 11.59 ? 4    LEU A CG    1 
ATOM   33   C CD1   . LEU A 1 4   ? 3.138   -4.833  -9.743  1.00 13.03 ? 4    LEU A CD1   1 
ATOM   34   C CD2   . LEU A 1 4   ? 0.930   -5.717  -8.974  1.00 12.13 ? 4    LEU A CD2   1 
ATOM   35   N N     . LEU A 1 5   ? 3.437   -1.238  -8.045  1.00 7.13  ? 5    LEU A N     1 
ATOM   36   C CA    . LEU A 1 5   ? 2.967   0.123   -8.280  1.00 7.96  ? 5    LEU A CA    1 
ATOM   37   C C     . LEU A 1 5   ? 2.216   0.251   -9.595  1.00 9.00  ? 5    LEU A C     1 
ATOM   38   O O     . LEU A 1 5   ? 2.783   0.037   -10.666 1.00 9.97  ? 5    LEU A O     1 
ATOM   39   C CB    . LEU A 1 5   ? 4.161   1.081   -8.271  1.00 8.39  ? 5    LEU A CB    1 
ATOM   40   C CG    . LEU A 1 5   ? 4.994   1.065   -6.986  1.00 8.14  ? 5    LEU A CG    1 
ATOM   41   C CD1   . LEU A 1 5   ? 6.281   1.851   -7.188  1.00 9.17  ? 5    LEU A CD1   1 
ATOM   42   C CD2   . LEU A 1 5   ? 4.172   1.642   -5.849  1.00 9.95  ? 5    LEU A CD2   1 
ATOM   43   N N     . ILE A 1 6   ? 0.936   0.603   -9.511  1.00 8.26  ? 6    ILE A N     1 
ATOM   44   C CA    . ILE A 1 6   ? 0.122   0.747   -10.707 1.00 8.31  ? 6    ILE A CA    1 
ATOM   45   C C     . ILE A 1 6   ? -0.418  2.168   -10.801 1.00 7.67  ? 6    ILE A C     1 
ATOM   46   O O     . ILE A 1 6   ? -1.221  2.591   -9.966  1.00 7.29  ? 6    ILE A O     1 
ATOM   47   C CB    . ILE A 1 6   ? -1.072  -0.253  -10.713 1.00 9.70  ? 6    ILE A CB    1 
ATOM   48   C CG1   . ILE A 1 6   ? -0.570  -1.697  -10.616 1.00 12.55 ? 6    ILE A CG1   1 
ATOM   49   C CG2   . ILE A 1 6   ? -1.877  -0.093  -11.986 1.00 8.78  ? 6    ILE A CG2   1 
ATOM   50   C CD1   . ILE A 1 6   ? -0.021  -2.057  -9.271  1.00 19.74 ? 6    ILE A CD1   1 
ATOM   51   N N     . HIS A 1 7   ? 0.047   2.907   -11.805 1.00 6.99  ? 7    HIS A N     1 
ATOM   52   C CA    . HIS A 1 7   ? -0.402  4.280   -12.019 1.00 8.42  ? 7    HIS A CA    1 
ATOM   53   C C     . HIS A 1 7   ? -1.779  4.148   -12.654 1.00 8.22  ? 7    HIS A C     1 
ATOM   54   O O     . HIS A 1 7   ? -1.908  3.648   -13.775 1.00 7.23  ? 7    HIS A O     1 
ATOM   55   C CB    . HIS A 1 7   ? 0.558   5.016   -12.953 1.00 9.43  ? 7    HIS A CB    1 
ATOM   56   C CG    . HIS A 1 7   ? 0.319   6.492   -13.012 1.00 9.71  ? 7    HIS A CG    1 
ATOM   57   N ND1   . HIS A 1 7   ? 0.960   7.314   -13.912 1.00 10.67 ? 7    HIS A ND1   1 
ATOM   58   C CD2   . HIS A 1 7   ? -0.474  7.296   -12.265 1.00 10.71 ? 7    HIS A CD2   1 
ATOM   59   C CE1   . HIS A 1 7   ? 0.575   8.563   -13.717 1.00 11.73 ? 7    HIS A CE1   1 
ATOM   60   N NE2   . HIS A 1 7   ? -0.295  8.579   -12.723 1.00 10.67 ? 7    HIS A NE2   1 
ATOM   61   N N     . SER A 1 8   ? -2.800  4.612   -11.936 1.00 9.24  ? 8    SER A N     1 
ATOM   62   C CA    . SER A 1 8   ? -4.184  4.454   -12.369 1.00 8.03  ? 8    SER A CA    1 
ATOM   63   C C     . SER A 1 8   ? -5.058  5.692   -12.517 1.00 8.81  ? 8    SER A C     1 
ATOM   64   O O     . SER A 1 8   ? -4.810  6.736   -11.904 1.00 8.05  ? 8    SER A O     1 
ATOM   65   C CB    . SER A 1 8   ? -4.895  3.519   -11.391 1.00 9.09  ? 8    SER A CB    1 
ATOM   66   O OG    . SER A 1 8   ? -4.043  2.480   -10.957 1.00 9.34  ? 8    SER A OG    1 
ATOM   67   N N     . ASP A 1 9   ? -6.106  5.544   -13.328 1.00 9.07  ? 9    ASP A N     1 
ATOM   68   C CA    . ASP A 1 9   ? -7.082  6.605   -13.528 1.00 9.77  ? 9    ASP A CA    1 
ATOM   69   C C     . ASP A 1 9   ? -7.889  6.648   -12.236 1.00 8.03  ? 9    ASP A C     1 
ATOM   70   O O     . ASP A 1 9   ? -8.338  7.705   -11.796 1.00 8.01  ? 9    ASP A O     1 
ATOM   71   C CB    . ASP A 1 9   ? -8.004  6.275   -14.701 1.00 10.76 ? 9    ASP A CB    1 
ATOM   72   C CG    . ASP A 1 9   ? -7.243  6.076   -15.995 1.00 14.00 ? 9    ASP A CG    1 
ATOM   73   O OD1   . ASP A 1 9   ? -6.544  7.015   -16.431 1.00 10.95 ? 9    ASP A OD1   1 
ATOM   74   O OD2   . ASP A 1 9   ? -7.340  4.971   -16.570 1.00 19.34 ? 9    ASP A OD2   1 
ATOM   75   N N     . TYR A 1 10  ? -8.058  5.481   -11.623 1.00 7.55  ? 10   TYR A N     1 
ATOM   76   C CA    . TYR A 1 10  ? -8.796  5.386   -10.370 1.00 7.39  ? 10   TYR A CA    1 
ATOM   77   C C     . TYR A 1 10  ? -8.605  4.039   -9.699  1.00 8.04  ? 10   TYR A C     1 
ATOM   78   O O     . TYR A 1 10  ? -8.165  3.065   -10.319 1.00 6.61  ? 10   TYR A O     1 
ATOM   79   C CB    . TYR A 1 10  ? -10.300 5.590   -10.608 1.00 8.37  ? 10   TYR A CB    1 
ATOM   80   C CG    . TYR A 1 10  ? -10.948 4.496   -11.435 1.00 8.22  ? 10   TYR A CG    1 
ATOM   81   C CD1   . TYR A 1 10  ? -11.192 3.229   -10.898 1.00 11.21 ? 10   TYR A CD1   1 
ATOM   82   C CD2   . TYR A 1 10  ? -11.264 4.709   -12.775 1.00 9.30  ? 10   TYR A CD2   1 
ATOM   83   C CE1   . TYR A 1 10  ? -11.730 2.203   -11.681 1.00 13.83 ? 10   TYR A CE1   1 
ATOM   84   C CE2   . TYR A 1 10  ? -11.798 3.695   -13.565 1.00 12.31 ? 10   TYR A CE2   1 
ATOM   85   C CZ    . TYR A 1 10  ? -12.026 2.447   -13.016 1.00 13.60 ? 10   TYR A CZ    1 
ATOM   86   O OH    . TYR A 1 10  ? -12.533 1.443   -13.808 1.00 15.49 ? 10   TYR A OH    1 
ATOM   87   N N     . ILE A 1 11  ? -8.938  4.007   -8.416  1.00 7.93  ? 11   ILE A N     1 
ATOM   88   C CA    . ILE A 1 11  ? -8.913  2.785   -7.634  1.00 7.75  ? 11   ILE A CA    1 
ATOM   89   C C     . ILE A 1 11  ? -10.110 2.880   -6.691  1.00 8.53  ? 11   ILE A C     1 
ATOM   90   O O     . ILE A 1 11  ? -10.358 3.933   -6.102  1.00 8.15  ? 11   ILE A O     1 
ATOM   91   C CB    . ILE A 1 11  ? -7.620  2.621   -6.799  1.00 9.78  ? 11   ILE A CB    1 
ATOM   92   C CG1   . ILE A 1 11  ? -7.679  1.284   -6.046  1.00 12.90 ? 11   ILE A CG1   1 
ATOM   93   C CG2   . ILE A 1 11  ? -7.458  3.783   -5.821  1.00 9.54  ? 11   ILE A CG2   1 
ATOM   94   C CD1   . ILE A 1 11  ? -6.483  1.014   -5.176  1.00 17.72 ? 11   ILE A CD1   1 
ATOM   95   N N     . GLU A 1 12  ? -10.874 1.798   -6.589  1.00 6.66  ? 12   GLU A N     1 
ATOM   96   C CA    . GLU A 1 12  ? -12.025 1.743   -5.686  1.00 9.17  ? 12   GLU A CA    1 
ATOM   97   C C     . GLU A 1 12  ? -11.880 0.442   -4.911  1.00 8.18  ? 12   GLU A C     1 
ATOM   98   O O     . GLU A 1 12  ? -11.307 -0.524  -5.421  1.00 8.47  ? 12   GLU A O     1 
ATOM   99   C CB    . GLU A 1 12  ? -13.356 1.685   -6.452  1.00 10.49 ? 12   GLU A CB    1 
ATOM   100  C CG    . GLU A 1 12  ? -13.602 2.788   -7.455  1.00 13.51 ? 12   GLU A CG    1 
ATOM   101  C CD    . GLU A 1 12  ? -15.013 2.734   -8.030  1.00 16.31 ? 12   GLU A CD    1 
ATOM   102  O OE1   . GLU A 1 12  ? -15.602 1.630   -8.075  1.00 13.56 ? 12   GLU A OE1   1 
ATOM   103  O OE2   . GLU A 1 12  ? -15.527 3.791   -8.446  1.00 17.50 ? 12   GLU A OE2   1 
ATOM   104  N N     . TYR A 1 13  ? -12.394 0.410   -3.687  1.00 8.19  ? 13   TYR A N     1 
ATOM   105  C CA    . TYR A 1 13  ? -12.333 -0.805  -2.886  1.00 7.07  ? 13   TYR A CA    1 
ATOM   106  C C     . TYR A 1 13  ? -13.615 -0.926  -2.072  1.00 8.07  ? 13   TYR A C     1 
ATOM   107  O O     . TYR A 1 13  ? -14.295 0.066   -1.816  1.00 7.91  ? 13   TYR A O     1 
ATOM   108  C CB    . TYR A 1 13  ? -11.119 -0.781  -1.948  1.00 8.19  ? 13   TYR A CB    1 
ATOM   109  C CG    . TYR A 1 13  ? -11.246 0.181   -0.781  1.00 9.59  ? 13   TYR A CG    1 
ATOM   110  C CD1   . TYR A 1 13  ? -11.972 -0.170  0.363   1.00 9.95  ? 13   TYR A CD1   1 
ATOM   111  C CD2   . TYR A 1 13  ? -10.667 1.448   -0.830  1.00 9.95  ? 13   TYR A CD2   1 
ATOM   112  C CE1   . TYR A 1 13  ? -12.119 0.717   1.425   1.00 11.33 ? 13   TYR A CE1   1 
ATOM   113  C CE2   . TYR A 1 13  ? -10.808 2.348   0.234   1.00 11.70 ? 13   TYR A CE2   1 
ATOM   114  C CZ    . TYR A 1 13  ? -11.535 1.975   1.352   1.00 12.89 ? 13   TYR A CZ    1 
ATOM   115  O OH    . TYR A 1 13  ? -11.686 2.852   2.404   1.00 14.96 ? 13   TYR A OH    1 
ATOM   116  N N     . GLU A 1 14  ? -13.947 -2.153  -1.694  1.00 8.34  ? 14   GLU A N     1 
ATOM   117  C CA    . GLU A 1 14  ? -15.127 -2.413  -0.885  1.00 9.71  ? 14   GLU A CA    1 
ATOM   118  C C     . GLU A 1 14  ? -14.728 -3.487  0.104   1.00 9.14  ? 14   GLU A C     1 
ATOM   119  O O     . GLU A 1 14  ? -14.363 -4.594  -0.291  1.00 8.53  ? 14   GLU A O     1 
ATOM   120  C CB    . GLU A 1 14  ? -16.292 -2.930  -1.741  1.00 14.24 ? 14   GLU A CB    1 
ATOM   121  C CG    . GLU A 1 14  ? -17.610 -3.018  -0.971  1.00 18.52 ? 14   GLU A CG    1 
ATOM   122  C CD    . GLU A 1 14  ? -18.573 -4.056  -1.529  1.00 24.17 ? 14   GLU A CD    1 
ATOM   123  O OE1   . GLU A 1 14  ? -18.723 -4.140  -2.765  1.00 25.25 ? 14   GLU A OE1   1 
ATOM   124  O OE2   . GLU A 1 14  ? -19.196 -4.784  -0.724  1.00 27.28 ? 14   GLU A OE2   1 
ATOM   125  N N     . VAL A 1 15  ? -14.775 -3.160  1.389   1.00 8.71  ? 15   VAL A N     1 
ATOM   126  C CA    . VAL A 1 15  ? -14.427 -4.134  2.416   1.00 10.16 ? 15   VAL A CA    1 
ATOM   127  C C     . VAL A 1 15  ? -15.453 -5.264  2.427   1.00 11.51 ? 15   VAL A C     1 
ATOM   128  O O     . VAL A 1 15  ? -16.656 -5.013  2.436   1.00 10.46 ? 15   VAL A O     1 
ATOM   129  C CB    . VAL A 1 15  ? -14.401 -3.485  3.814   1.00 10.94 ? 15   VAL A CB    1 
ATOM   130  C CG1   . VAL A 1 15  ? -14.310 -4.558  4.885   1.00 11.37 ? 15   VAL A CG1   1 
ATOM   131  C CG2   . VAL A 1 15  ? -13.231 -2.534  3.912   1.00 9.73  ? 15   VAL A CG2   1 
ATOM   132  N N     . LYS A 1 16  ? -14.961 -6.500  2.430   1.00 11.87 ? 16   LYS A N     1 
ATOM   133  C CA    . LYS A 1 16  ? -15.806 -7.693  2.447   1.00 13.98 ? 16   LYS A CA    1 
ATOM   134  C C     . LYS A 1 16  ? -15.631 -8.405  3.796   1.00 13.92 ? 16   LYS A C     1 
ATOM   135  O O     . LYS A 1 16  ? -15.720 -7.769  4.847   1.00 14.35 ? 16   LYS A O     1 
ATOM   136  C CB    . LYS A 1 16  ? -15.407 -8.625  1.299   1.00 15.08 ? 16   LYS A CB    1 
ATOM   137  C CG    . LYS A 1 16  ? -15.473 -7.979  -0.081  1.00 21.03 ? 16   LYS A CG    1 
ATOM   138  C CD    . LYS A 1 16  ? -16.860 -8.070  -0.684  1.00 23.17 ? 16   LYS A CD    1 
ATOM   139  C CE    . LYS A 1 16  ? -17.208 -9.518  -1.008  1.00 25.49 ? 16   LYS A CE    1 
ATOM   140  N NZ    . LYS A 1 16  ? -18.602 -9.663  -1.509  1.00 27.09 ? 16   LYS A NZ    1 
ATOM   141  N N     . ASP A 1 17  ? -15.371 -9.712  3.774   1.00 14.79 ? 17   ASP A N     1 
ATOM   142  C CA    . ASP A 1 17  ? -15.198 -10.473 5.019   1.00 15.34 ? 17   ASP A CA    1 
ATOM   143  C C     . ASP A 1 17  ? -13.921 -10.111 5.778   1.00 15.19 ? 17   ASP A C     1 
ATOM   144  O O     . ASP A 1 17  ? -12.914 -9.730  5.179   1.00 13.35 ? 17   ASP A O     1 
ATOM   145  C CB    . ASP A 1 17  ? -15.135 -11.981 4.754   1.00 18.07 ? 17   ASP A CB    1 
ATOM   146  C CG    . ASP A 1 17  ? -16.399 -12.537 4.136   1.00 22.29 ? 17   ASP A CG    1 
ATOM   147  O OD1   . ASP A 1 17  ? -17.486 -11.951 4.331   1.00 22.83 ? 17   ASP A OD1   1 
ATOM   148  O OD2   . ASP A 1 17  ? -16.296 -13.590 3.469   1.00 25.56 ? 17   ASP A OD2   1 
ATOM   149  N N     . LYS A 1 18  ? -13.964 -10.256 7.099   1.00 13.88 ? 18   LYS A N     1 
ATOM   150  C CA    . LYS A 1 18  ? -12.787 -9.990  7.917   1.00 13.33 ? 18   LYS A CA    1 
ATOM   151  C C     . LYS A 1 18  ? -11.796 -11.104 7.584   1.00 12.83 ? 18   LYS A C     1 
ATOM   152  O O     . LYS A 1 18  ? -12.197 -12.247 7.352   1.00 13.81 ? 18   LYS A O     1 
ATOM   153  C CB    . LYS A 1 18  ? -13.154 -10.031 9.401   1.00 15.29 ? 18   LYS A CB    1 
ATOM   154  N N     . ALA A 1 19  ? -10.511 -10.776 7.533   1.00 11.32 ? 19   ALA A N     1 
ATOM   155  C CA    . ALA A 1 19  ? -9.486  -11.769 7.229   1.00 13.27 ? 19   ALA A CA    1 
ATOM   156  C C     . ALA A 1 19  ? -8.726  -12.147 8.495   1.00 13.87 ? 19   ALA A C     1 
ATOM   157  O O     . ALA A 1 19  ? -7.959  -13.114 8.511   1.00 14.72 ? 19   ALA A O     1 
ATOM   158  C CB    . ALA A 1 19  ? -8.520  -11.222 6.180   1.00 13.40 ? 19   ALA A CB    1 
ATOM   159  N N     . LEU A 1 20  ? -8.943  -11.362 9.545   1.00 13.39 ? 20   LEU A N     1 
ATOM   160  C CA    . LEU A 1 20  ? -8.309  -11.570 10.841  1.00 14.52 ? 20   LEU A CA    1 
ATOM   161  C C     . LEU A 1 20  ? -9.389  -11.512 11.919  1.00 12.37 ? 20   LEU A C     1 
ATOM   162  O O     . LEU A 1 20  ? -10.446 -10.913 11.721  1.00 12.18 ? 20   LEU A O     1 
ATOM   163  C CB    . LEU A 1 20  ? -7.267  -10.475 11.105  1.00 16.03 ? 20   LEU A CB    1 
ATOM   164  C CG    . LEU A 1 20  ? -6.139  -10.313 10.082  1.00 16.15 ? 20   LEU A CG    1 
ATOM   165  C CD1   . LEU A 1 20  ? -5.303  -9.091  10.424  1.00 16.65 ? 20   LEU A CD1   1 
ATOM   166  C CD2   . LEU A 1 20  ? -5.276  -11.563 10.070  1.00 18.55 ? 20   LEU A CD2   1 
ATOM   167  N N     . LYS A 1 21  ? -9.114  -12.135 13.058  1.00 14.11 ? 21   LYS A N     1 
ATOM   168  C CA    . LYS A 1 21  ? -10.051 -12.160 14.177  1.00 14.72 ? 21   LYS A CA    1 
ATOM   169  C C     . LYS A 1 21  ? -10.416 -10.740 14.612  1.00 13.05 ? 21   LYS A C     1 
ATOM   170  O O     . LYS A 1 21  ? -11.593 -10.411 14.781  1.00 12.87 ? 21   LYS A O     1 
ATOM   171  C CB    . LYS A 1 21  ? -9.416  -12.920 15.346  1.00 17.17 ? 21   LYS A CB    1 
ATOM   172  C CG    . LYS A 1 21  ? -10.239 -12.992 16.624  1.00 21.41 ? 21   LYS A CG    1 
ATOM   173  C CD    . LYS A 1 21  ? -11.465 -13.869 16.470  1.00 25.19 ? 21   LYS A CD    1 
ATOM   174  C CE    . LYS A 1 21  ? -11.852 -14.520 17.801  1.00 24.53 ? 21   LYS A CE    1 
ATOM   175  N NZ    . LYS A 1 21  ? -11.942 -13.533 18.908  1.00 24.83 ? 21   LYS A NZ    1 
ATOM   176  N N     . ASN A 1 22  ? -9.397  -9.899  14.776  1.00 12.68 ? 22   ASN A N     1 
ATOM   177  C CA    . ASN A 1 22  ? -9.594  -8.518  15.211  1.00 12.02 ? 22   ASN A CA    1 
ATOM   178  C C     . ASN A 1 22  ? -9.031  -7.516  14.206  1.00 12.90 ? 22   ASN A C     1 
ATOM   179  O O     . ASN A 1 22  ? -7.944  -6.970  14.401  1.00 13.73 ? 22   ASN A O     1 
ATOM   180  C CB    . ASN A 1 22  ? -8.921  -8.309  16.568  1.00 13.50 ? 22   ASN A CB    1 
ATOM   181  C CG    . ASN A 1 22  ? -9.361  -9.332  17.595  1.00 13.40 ? 22   ASN A CG    1 
ATOM   182  O OD1   . ASN A 1 22  ? -10.502 -9.309  18.061  1.00 15.79 ? 22   ASN A OD1   1 
ATOM   183  N ND2   . ASN A 1 22  ? -8.463  -10.246 17.941  1.00 12.52 ? 22   ASN A ND2   1 
ATOM   184  N N     . PRO A 1 23  ? -9.769  -7.259  13.117  1.00 12.90 ? 23   PRO A N     1 
ATOM   185  C CA    . PRO A 1 23  ? -9.311  -6.312  12.098  1.00 13.36 ? 23   PRO A CA    1 
ATOM   186  C C     . PRO A 1 23  ? -9.464  -4.866  12.567  1.00 13.95 ? 23   PRO A C     1 
ATOM   187  O O     . PRO A 1 23  ? -9.934  -4.602  13.676  1.00 12.00 ? 23   PRO A O     1 
ATOM   188  C CB    . PRO A 1 23  ? -10.213 -6.630  10.913  1.00 12.85 ? 23   PRO A CB    1 
ATOM   189  C CG    . PRO A 1 23  ? -11.515 -6.948  11.586  1.00 13.41 ? 23   PRO A CG    1 
ATOM   190  C CD    . PRO A 1 23  ? -11.073 -7.842  12.742  1.00 13.68 ? 23   PRO A CD    1 
ATOM   191  N N     . GLU A 1 24  ? -9.068  -3.933  11.712  1.00 13.61 ? 24   GLU A N     1 
ATOM   192  C CA    . GLU A 1 24  ? -9.176  -2.516  12.033  1.00 14.84 ? 24   GLU A CA    1 
ATOM   193  C C     . GLU A 1 24  ? -10.652 -2.124  12.150  1.00 13.89 ? 24   GLU A C     1 
ATOM   194  O O     . GLU A 1 24  ? -11.421 -2.306  11.211  1.00 14.79 ? 24   GLU A O     1 
ATOM   195  C CB    . GLU A 1 24  ? -8.512  -1.694  10.929  1.00 14.42 ? 24   GLU A CB    1 
ATOM   196  C CG    . GLU A 1 24  ? -8.502  -0.201  11.163  1.00 14.37 ? 24   GLU A CG    1 
ATOM   197  C CD    . GLU A 1 24  ? -8.006  0.558   9.949   1.00 16.94 ? 24   GLU A CD    1 
ATOM   198  O OE1   . GLU A 1 24  ? -7.039  0.091   9.315   1.00 12.85 ? 24   GLU A OE1   1 
ATOM   199  O OE2   . GLU A 1 24  ? -8.579  1.620   9.631   1.00 19.95 ? 24   GLU A OE2   1 
ATOM   200  N N     . PRO A 1 25  ? -11.073 -1.597  13.313  1.00 14.72 ? 25   PRO A N     1 
ATOM   201  C CA    . PRO A 1 25  ? -12.481 -1.204  13.450  1.00 14.72 ? 25   PRO A CA    1 
ATOM   202  C C     . PRO A 1 25  ? -12.766 -0.051  12.488  1.00 16.23 ? 25   PRO A C     1 
ATOM   203  O O     . PRO A 1 25  ? -11.963 0.876   12.382  1.00 15.84 ? 25   PRO A O     1 
ATOM   204  C CB    . PRO A 1 25  ? -12.579 -0.769  14.910  1.00 15.48 ? 25   PRO A CB    1 
ATOM   205  C CG    . PRO A 1 25  ? -11.521 -1.607  15.585  1.00 14.62 ? 25   PRO A CG    1 
ATOM   206  C CD    . PRO A 1 25  ? -10.375 -1.513  14.608  1.00 14.18 ? 25   PRO A CD    1 
ATOM   207  N N     . ILE A 1 26  ? -13.888 -0.104  11.778  1.00 16.12 ? 26   ILE A N     1 
ATOM   208  C CA    . ILE A 1 26  ? -14.202 0.973   10.848  1.00 20.01 ? 26   ILE A CA    1 
ATOM   209  C C     . ILE A 1 26  ? -15.664 1.392   10.861  1.00 20.99 ? 26   ILE A C     1 
ATOM   210  O O     . ILE A 1 26  ? -16.532 0.680   11.366  1.00 20.57 ? 26   ILE A O     1 
ATOM   211  C CB    . ILE A 1 26  ? -13.816 0.609   9.380   1.00 20.62 ? 26   ILE A CB    1 
ATOM   212  C CG1   . ILE A 1 26  ? -14.857 -0.331  8.762   1.00 22.76 ? 26   ILE A CG1   1 
ATOM   213  C CG2   . ILE A 1 26  ? -12.435 -0.019  9.341   1.00 20.32 ? 26   ILE A CG2   1 
ATOM   214  C CD1   . ILE A 1 26  ? -15.032 -1.648  9.464   1.00 22.95 ? 26   ILE A CD1   1 
ATOM   215  N N     . SER A 1 27  ? -15.914 2.567   10.296  1.00 23.74 ? 27   SER A N     1 
ATOM   216  C CA    . SER A 1 27  ? -17.254 3.125   10.200  1.00 27.69 ? 27   SER A CA    1 
ATOM   217  C C     . SER A 1 27  ? -17.853 2.716   8.862   1.00 29.83 ? 27   SER A C     1 
ATOM   218  O O     . SER A 1 27  ? -17.175 2.119   8.026   1.00 29.03 ? 27   SER A O     1 
ATOM   219  C CB    . SER A 1 27  ? -17.192 4.650   10.271  1.00 27.34 ? 27   SER A CB    1 
ATOM   220  O OG    . SER A 1 27  ? -16.481 5.167   9.158   1.00 29.53 ? 27   SER A OG    1 
ATOM   221  N N     . GLU A 1 28  ? -19.123 3.049   8.660   1.00 31.88 ? 28   GLU A N     1 
ATOM   222  C CA    . GLU A 1 28  ? -19.810 2.724   7.417   1.00 34.09 ? 28   GLU A CA    1 
ATOM   223  C C     . GLU A 1 28  ? -19.103 3.426   6.260   1.00 34.03 ? 28   GLU A C     1 
ATOM   224  O O     . GLU A 1 28  ? -18.919 2.857   5.184   1.00 34.36 ? 28   GLU A O     1 
ATOM   225  C CB    . GLU A 1 28  ? -21.268 3.189   7.494   1.00 36.32 ? 28   GLU A CB    1 
ATOM   226  C CG    . GLU A 1 28  ? -22.154 2.689   6.365   1.00 38.85 ? 28   GLU A CG    1 
ATOM   227  C CD    . GLU A 1 28  ? -22.221 1.175   6.312   1.00 39.90 ? 28   GLU A CD    1 
ATOM   228  O OE1   . GLU A 1 28  ? -22.384 0.551   7.383   1.00 40.48 ? 28   GLU A OE1   1 
ATOM   229  O OE2   . GLU A 1 28  ? -22.120 0.609   5.202   1.00 42.00 ? 28   GLU A OE2   1 
ATOM   230  N N     . ASP A 1 29  ? -18.696 4.667   6.508   1.00 34.20 ? 29   ASP A N     1 
ATOM   231  C CA    . ASP A 1 29  ? -18.017 5.490   5.515   1.00 34.08 ? 29   ASP A CA    1 
ATOM   232  C C     . ASP A 1 29  ? -16.659 4.945   5.077   1.00 31.76 ? 29   ASP A C     1 
ATOM   233  O O     . ASP A 1 29  ? -16.130 5.346   4.040   1.00 31.54 ? 29   ASP A O     1 
ATOM   234  C CB    . ASP A 1 29  ? -17.855 6.913   6.063   1.00 38.09 ? 29   ASP A CB    1 
ATOM   235  C CG    . ASP A 1 29  ? -16.914 7.762   5.231   1.00 41.78 ? 29   ASP A CG    1 
ATOM   236  O OD1   . ASP A 1 29  ? -15.681 7.575   5.345   1.00 44.09 ? 29   ASP A OD1   1 
ATOM   237  O OD2   . ASP A 1 29  ? -17.404 8.613   4.459   1.00 44.11 ? 29   ASP A OD2   1 
ATOM   238  N N     . MET A 1 30  ? -16.096 4.027   5.856   1.00 27.12 ? 30   MET A N     1 
ATOM   239  C CA    . MET A 1 30  ? -14.794 3.470   5.521   1.00 23.55 ? 30   MET A CA    1 
ATOM   240  C C     . MET A 1 30  ? -14.850 2.116   4.816   1.00 19.57 ? 30   MET A C     1 
ATOM   241  O O     . MET A 1 30  ? -13.816 1.584   4.418   1.00 17.34 ? 30   MET A O     1 
ATOM   242  C CB    . MET A 1 30  ? -13.937 3.368   6.782   1.00 25.00 ? 30   MET A CB    1 
ATOM   243  C CG    . MET A 1 30  ? -13.725 4.708   7.476   1.00 29.10 ? 30   MET A CG    1 
ATOM   244  S SD    . MET A 1 30  ? -12.551 4.605   8.833   1.00 33.07 ? 30   MET A SD    1 
ATOM   245  C CE    . MET A 1 30  ? -13.612 4.189   10.180  1.00 31.34 ? 30   MET A CE    1 
ATOM   246  N N     . LYS A 1 31  ? -16.049 1.564   4.662   1.00 17.22 ? 31   LYS A N     1 
ATOM   247  C CA    . LYS A 1 31  ? -16.206 0.275   3.991   1.00 15.77 ? 31   LYS A CA    1 
ATOM   248  C C     . LYS A 1 31  ? -15.849 0.394   2.507   1.00 13.67 ? 31   LYS A C     1 
ATOM   249  O O     . LYS A 1 31  ? -15.391 -0.565  1.895   1.00 12.21 ? 31   LYS A O     1 
ATOM   250  C CB    . LYS A 1 31  ? -17.643 -0.233  4.134   1.00 18.96 ? 31   LYS A CB    1 
ATOM   251  C CG    . LYS A 1 31  ? -18.069 -0.507  5.572   1.00 23.41 ? 31   LYS A CG    1 
ATOM   252  C CD    . LYS A 1 31  ? -19.472 -1.094  5.636   1.00 26.51 ? 31   LYS A CD    1 
ATOM   253  C CE    . LYS A 1 31  ? -19.898 -1.368  7.075   1.00 30.64 ? 31   LYS A CE    1 
ATOM   254  N NZ    . LYS A 1 31  ? -21.300 -1.882  7.158   1.00 32.30 ? 31   LYS A NZ    1 
ATOM   255  N N     . ARG A 1 32  ? -16.062 1.578   1.942   1.00 11.30 ? 32   ARG A N     1 
ATOM   256  C CA    . ARG A 1 32  ? -15.760 1.835   0.536   1.00 11.80 ? 32   ARG A CA    1 
ATOM   257  C C     . ARG A 1 32  ? -14.892 3.078   0.376   1.00 11.92 ? 32   ARG A C     1 
ATOM   258  O O     . ARG A 1 32  ? -14.880 3.959   1.234   1.00 11.83 ? 32   ARG A O     1 
ATOM   259  C CB    . ARG A 1 32  ? -17.047 2.031   -0.265  1.00 11.73 ? 32   ARG A CB    1 
ATOM   260  C CG    . ARG A 1 32  ? -17.845 0.763   -0.532  1.00 14.41 ? 32   ARG A CG    1 
ATOM   261  C CD    . ARG A 1 32  ? -19.129 1.095   -1.284  1.00 17.01 ? 32   ARG A CD    1 
ATOM   262  N NE    . ARG A 1 32  ? -19.979 -0.074  -1.493  1.00 21.09 ? 32   ARG A NE    1 
ATOM   263  C CZ    . ARG A 1 32  ? -19.873 -0.914  -2.520  1.00 24.30 ? 32   ARG A CZ    1 
ATOM   264  N NH1   . ARG A 1 32  ? -18.947 -0.725  -3.454  1.00 23.92 ? 32   ARG A NH1   1 
ATOM   265  N NH2   . ARG A 1 32  ? -20.703 -1.947  -2.618  1.00 28.16 ? 32   ARG A NH2   1 
ATOM   266  N N     . GLY A 1 33  ? -14.177 3.146   -0.740  1.00 10.77 ? 33   GLY A N     1 
ATOM   267  C CA    . GLY A 1 33  ? -13.325 4.289   -1.001  1.00 10.40 ? 33   GLY A CA    1 
ATOM   268  C C     . GLY A 1 33  ? -12.947 4.374   -2.464  1.00 10.17 ? 33   GLY A C     1 
ATOM   269  O O     . GLY A 1 33  ? -13.050 3.391   -3.199  1.00 7.59  ? 33   GLY A O     1 
ATOM   270  N N     . ARG A 1 34  ? -12.509 5.554   -2.889  1.00 8.01  ? 34   ARG A N     1 
ATOM   271  C CA    . ARG A 1 34  ? -12.103 5.763   -4.272  1.00 8.16  ? 34   ARG A CA    1 
ATOM   272  C C     . ARG A 1 34  ? -11.115 6.919   -4.353  1.00 9.15  ? 34   ARG A C     1 
ATOM   273  O O     . ARG A 1 34  ? -11.198 7.873   -3.581  1.00 8.52  ? 34   ARG A O     1 
ATOM   274  C CB    . ARG A 1 34  ? -13.326 6.075   -5.148  1.00 9.61  ? 34   ARG A CB    1 
ATOM   275  C CG    . ARG A 1 34  ? -12.992 6.409   -6.606  1.00 9.45  ? 34   ARG A CG    1 
ATOM   276  C CD    . ARG A 1 34  ? -14.235 6.827   -7.398  1.00 11.79 ? 34   ARG A CD    1 
ATOM   277  N NE    . ARG A 1 34  ? -13.882 7.450   -8.676  1.00 12.19 ? 34   ARG A NE    1 
ATOM   278  C CZ    . ARG A 1 34  ? -13.800 6.806   -9.837  1.00 12.80 ? 34   ARG A CZ    1 
ATOM   279  N NH1   . ARG A 1 34  ? -14.052 5.506   -9.903  1.00 14.02 ? 34   ARG A NH1   1 
ATOM   280  N NH2   . ARG A 1 34  ? -13.461 7.466   -10.935 1.00 14.40 ? 34   ARG A NH2   1 
ATOM   281  N N     . MET A 1 35  ? -10.169 6.816   -5.280  1.00 9.25  ? 35   MET A N     1 
ATOM   282  C CA    . MET A 1 35  ? -9.187  7.869   -5.502  1.00 11.19 ? 35   MET A CA    1 
ATOM   283  C C     . MET A 1 35  ? -8.917  7.873   -7.001  1.00 10.67 ? 35   MET A C     1 
ATOM   284  O O     . MET A 1 35  ? -8.928  6.815   -7.628  1.00 8.77  ? 35   MET A O     1 
ATOM   285  C CB    . MET A 1 35  ? -7.898  7.591   -4.723  1.00 12.75 ? 35   MET A CB    1 
ATOM   286  C CG    . MET A 1 35  ? -6.975  8.796   -4.613  1.00 16.90 ? 35   MET A CG    1 
ATOM   287  S SD    . MET A 1 35  ? -5.728  8.590   -3.311  1.00 20.95 ? 35   MET A SD    1 
ATOM   288  C CE    . MET A 1 35  ? -6.773  8.308   -1.939  1.00 19.55 ? 35   MET A CE    1 
ATOM   289  N N     . GLU A 1 36  ? -8.697  9.052   -7.577  1.00 10.58 ? 36   GLU A N     1 
ATOM   290  C CA    . GLU A 1 36  ? -8.443  9.163   -9.016  1.00 10.76 ? 36   GLU A CA    1 
ATOM   291  C C     . GLU A 1 36  ? -7.036  9.685   -9.297  1.00 10.28 ? 36   GLU A C     1 
ATOM   292  O O     . GLU A 1 36  ? -6.405  10.266  -8.412  1.00 10.40 ? 36   GLU A O     1 
ATOM   293  C CB    . GLU A 1 36  ? -9.464  10.106  -9.656  1.00 13.48 ? 36   GLU A CB    1 
ATOM   294  C CG    . GLU A 1 36  ? -10.904 9.803   -9.290  1.00 17.64 ? 36   GLU A CG    1 
ATOM   295  C CD    . GLU A 1 36  ? -11.892 10.685  -10.033 1.00 22.62 ? 36   GLU A CD    1 
ATOM   296  O OE1   . GLU A 1 36  ? -11.707 11.924  -10.034 1.00 21.93 ? 36   GLU A OE1   1 
ATOM   297  O OE2   . GLU A 1 36  ? -12.856 10.140  -10.611 1.00 23.39 ? 36   GLU A OE2   1 
ATOM   298  N N     . GLU A 1 37  ? -6.558  9.480   -10.528 1.00 9.69  ? 37   GLU A N     1 
ATOM   299  C CA    . GLU A 1 37  ? -5.222  9.934   -10.942 1.00 10.49 ? 37   GLU A CA    1 
ATOM   300  C C     . GLU A 1 37  ? -4.275  9.627   -9.797  1.00 11.63 ? 37   GLU A C     1 
ATOM   301  O O     . GLU A 1 37  ? -3.674  10.524  -9.193  1.00 10.17 ? 37   GLU A O     1 
ATOM   302  C CB    . GLU A 1 37  ? -5.245  11.438  -11.225 1.00 12.17 ? 37   GLU A CB    1 
ATOM   303  C CG    . GLU A 1 37  ? -6.214  11.831  -12.335 1.00 16.35 ? 37   GLU A CG    1 
ATOM   304  C CD    . GLU A 1 37  ? -5.975  11.044  -13.613 1.00 19.97 ? 37   GLU A CD    1 
ATOM   305  O OE1   . GLU A 1 37  ? -4.818  11.007  -14.081 1.00 19.59 ? 37   GLU A OE1   1 
ATOM   306  O OE2   . GLU A 1 37  ? -6.944  10.464  -14.150 1.00 22.87 ? 37   GLU A OE2   1 
ATOM   307  N N     . VAL A 1 38  ? -4.117  8.339   -9.536  1.00 9.85  ? 38   VAL A N     1 
ATOM   308  C CA    . VAL A 1 38  ? -3.345  7.891   -8.402  1.00 8.23  ? 38   VAL A CA    1 
ATOM   309  C C     . VAL A 1 38  ? -2.358  6.764   -8.673  1.00 7.26  ? 38   VAL A C     1 
ATOM   310  O O     . VAL A 1 38  ? -2.569  5.924   -9.552  1.00 6.11  ? 38   VAL A O     1 
ATOM   311  C CB    . VAL A 1 38  ? -4.344  7.438   -7.301  1.00 9.66  ? 38   VAL A CB    1 
ATOM   312  C CG1   . VAL A 1 38  ? -5.331  6.436   -7.905  1.00 10.77 ? 38   VAL A CG1   1 
ATOM   313  C CG2   . VAL A 1 38  ? -3.619  6.815   -6.115  1.00 10.18 ? 38   VAL A CG2   1 
ATOM   314  N N     . LEU A 1 39  ? -1.269  6.767   -7.911  1.00 6.64  ? 39   LEU A N     1 
ATOM   315  C CA    . LEU A 1 39  ? -0.271  5.712   -8.000  1.00 5.46  ? 39   LEU A CA    1 
ATOM   316  C C     . LEU A 1 39  ? -0.700  4.764   -6.895  1.00 6.30  ? 39   LEU A C     1 
ATOM   317  O O     . LEU A 1 39  ? -0.603  5.096   -5.714  1.00 5.56  ? 39   LEU A O     1 
ATOM   318  C CB    . LEU A 1 39  ? 1.137   6.231   -7.693  1.00 7.49  ? 39   LEU A CB    1 
ATOM   319  C CG    . LEU A 1 39  ? 2.233   5.151   -7.716  1.00 6.45  ? 39   LEU A CG    1 
ATOM   320  C CD1   . LEU A 1 39  ? 2.339   4.557   -9.116  1.00 7.12  ? 39   LEU A CD1   1 
ATOM   321  C CD2   . LEU A 1 39  ? 3.566   5.743   -7.286  1.00 5.87  ? 39   LEU A CD2   1 
ATOM   322  N N     . VAL A 1 40  ? -1.208  3.599   -7.275  1.00 6.83  ? 40   VAL A N     1 
ATOM   323  C CA    . VAL A 1 40  ? -1.645  2.632   -6.283  1.00 6.22  ? 40   VAL A CA    1 
ATOM   324  C C     . VAL A 1 40  ? -0.456  1.789   -5.863  1.00 6.35  ? 40   VAL A C     1 
ATOM   325  O O     . VAL A 1 40  ? 0.244   1.209   -6.704  1.00 6.56  ? 40   VAL A O     1 
ATOM   326  C CB    . VAL A 1 40  ? -2.741  1.697   -6.837  1.00 6.05  ? 40   VAL A CB    1 
ATOM   327  C CG1   . VAL A 1 40  ? -3.168  0.716   -5.753  1.00 7.76  ? 40   VAL A CG1   1 
ATOM   328  C CG2   . VAL A 1 40  ? -3.930  2.511   -7.326  1.00 5.37  ? 40   VAL A CG2   1 
ATOM   329  N N     . ALA A 1 41  ? -0.216  1.736   -4.562  1.00 5.57  ? 41   ALA A N     1 
ATOM   330  C CA    . ALA A 1 41  ? 0.884   0.952   -4.035  1.00 6.19  ? 41   ALA A CA    1 
ATOM   331  C C     . ALA A 1 41  ? 0.343   -0.282  -3.327  1.00 6.50  ? 41   ALA A C     1 
ATOM   332  O O     . ALA A 1 41  ? -0.076  -0.213  -2.172  1.00 8.00  ? 41   ALA A O     1 
ATOM   333  C CB    . ALA A 1 41  ? 1.724   1.794   -3.070  1.00 6.87  ? 41   ALA A CB    1 
ATOM   334  N N     . PHE A 1 42  ? 0.325   -1.402  -4.044  1.00 6.99  ? 42   PHE A N     1 
ATOM   335  C CA    . PHE A 1 42  ? -0.125  -2.671  -3.479  1.00 8.36  ? 42   PHE A CA    1 
ATOM   336  C C     . PHE A 1 42  ? 1.081   -3.164  -2.699  1.00 8.46  ? 42   PHE A C     1 
ATOM   337  O O     . PHE A 1 42  ? 2.156   -3.357  -3.266  1.00 7.54  ? 42   PHE A O     1 
ATOM   338  C CB    . PHE A 1 42  ? -0.477  -3.662  -4.590  1.00 7.47  ? 42   PHE A CB    1 
ATOM   339  C CG    . PHE A 1 42  ? -1.734  -3.316  -5.331  1.00 9.41  ? 42   PHE A CG    1 
ATOM   340  C CD1   . PHE A 1 42  ? -2.976  -3.438  -4.715  1.00 9.71  ? 42   PHE A CD1   1 
ATOM   341  C CD2   . PHE A 1 42  ? -1.682  -2.878  -6.650  1.00 9.41  ? 42   PHE A CD2   1 
ATOM   342  C CE1   . PHE A 1 42  ? -4.150  -3.133  -5.399  1.00 9.79  ? 42   PHE A CE1   1 
ATOM   343  C CE2   . PHE A 1 42  ? -2.855  -2.568  -7.346  1.00 10.78 ? 42   PHE A CE2   1 
ATOM   344  C CZ    . PHE A 1 42  ? -4.091  -2.699  -6.714  1.00 9.07  ? 42   PHE A CZ    1 
ATOM   345  N N     . ILE A 1 43  ? 0.903   -3.372  -1.398  1.00 7.43  ? 43   ILE A N     1 
ATOM   346  C CA    . ILE A 1 43  ? 2.013   -3.779  -0.557  1.00 8.10  ? 43   ILE A CA    1 
ATOM   347  C C     . ILE A 1 43  ? 1.811   -5.045  0.252   1.00 7.81  ? 43   ILE A C     1 
ATOM   348  O O     . ILE A 1 43  ? 0.777   -5.236  0.883   1.00 9.12  ? 43   ILE A O     1 
ATOM   349  C CB    . ILE A 1 43  ? 2.381   -2.636  0.430   1.00 7.27  ? 43   ILE A CB    1 
ATOM   350  C CG1   . ILE A 1 43  ? 2.791   -1.385  -0.355  1.00 5.84  ? 43   ILE A CG1   1 
ATOM   351  C CG2   . ILE A 1 43  ? 3.502   -3.081  1.365   1.00 7.37  ? 43   ILE A CG2   1 
ATOM   352  C CD1   . ILE A 1 43  ? 3.104   -0.178  0.525   1.00 7.95  ? 43   ILE A CD1   1 
ATOM   353  N N     . SER A 1 44  ? 2.826   -5.900  0.220   1.00 8.38  ? 44   SER A N     1 
ATOM   354  C CA    . SER A 1 44  ? 2.845   -7.131  0.984   1.00 8.41  ? 44   SER A CA    1 
ATOM   355  C C     . SER A 1 44  ? 4.044   -7.002  1.917   1.00 9.31  ? 44   SER A C     1 
ATOM   356  O O     . SER A 1 44  ? 5.182   -6.888  1.458   1.00 7.91  ? 44   SER A O     1 
ATOM   357  C CB    . SER A 1 44  ? 3.044   -8.345  0.079   1.00 10.02 ? 44   SER A CB    1 
ATOM   358  O OG    . SER A 1 44  ? 3.125   -9.521  0.864   1.00 10.79 ? 44   SER A OG    1 
ATOM   359  N N     . VAL A 1 45  ? 3.788   -6.987  3.220   1.00 8.87  ? 45   VAL A N     1 
ATOM   360  C CA    . VAL A 1 45  ? 4.862   -6.873  4.197   1.00 10.30 ? 45   VAL A CA    1 
ATOM   361  C C     . VAL A 1 45  ? 5.385   -8.286  4.419   1.00 10.94 ? 45   VAL A C     1 
ATOM   362  O O     . VAL A 1 45  ? 4.611   -9.212  4.674   1.00 10.78 ? 45   VAL A O     1 
ATOM   363  C CB    . VAL A 1 45  ? 4.354   -6.261  5.514   1.00 10.28 ? 45   VAL A CB    1 
ATOM   364  C CG1   . VAL A 1 45  ? 5.506   -6.123  6.512   1.00 8.83  ? 45   VAL A CG1   1 
ATOM   365  C CG2   . VAL A 1 45  ? 3.738   -4.887  5.231   1.00 9.84  ? 45   VAL A CG2   1 
ATOM   366  N N     . GLU A 1 46  ? 6.699   -8.441  4.305   1.00 11.40 ? 46   GLU A N     1 
ATOM   367  C CA    . GLU A 1 46  ? 7.329   -9.748  4.433   1.00 12.47 ? 46   GLU A CA    1 
ATOM   368  C C     . GLU A 1 46  ? 7.998   -10.043 5.774   1.00 12.67 ? 46   GLU A C     1 
ATOM   369  O O     . GLU A 1 46  ? 8.301   -9.140  6.552   1.00 12.02 ? 46   GLU A O     1 
ATOM   370  C CB    . GLU A 1 46  ? 8.342   -9.920  3.299   1.00 13.76 ? 46   GLU A CB    1 
ATOM   371  C CG    . GLU A 1 46  ? 7.732   -9.712  1.915   1.00 15.31 ? 46   GLU A CG    1 
ATOM   372  C CD    . GLU A 1 46  ? 8.743   -9.873  0.793   1.00 17.93 ? 46   GLU A CD    1 
ATOM   373  O OE1   . GLU A 1 46  ? 9.725   -9.104  0.756   1.00 18.50 ? 46   GLU A OE1   1 
ATOM   374  O OE2   . GLU A 1 46  ? 8.557   -10.772 -0.055  1.00 19.96 ? 46   GLU A OE2   1 
ATOM   375  N N     . LYS A 1 47  ? 8.230   -11.329 6.021   1.00 13.81 ? 47   LYS A N     1 
ATOM   376  C CA    . LYS A 1 47  ? 8.862   -11.793 7.252   1.00 15.64 ? 47   LYS A CA    1 
ATOM   377  C C     . LYS A 1 47  ? 10.179  -11.070 7.559   1.00 16.23 ? 47   LYS A C     1 
ATOM   378  O O     . LYS A 1 47  ? 10.405  -10.633 8.690   1.00 15.72 ? 47   LYS A O     1 
ATOM   379  C CB    . LYS A 1 47  ? 9.114   -13.303 7.157   1.00 18.92 ? 47   LYS A CB    1 
ATOM   380  C CG    . LYS A 1 47  ? 9.835   -13.911 8.359   1.00 22.88 ? 47   LYS A CG    1 
ATOM   381  C CD    . LYS A 1 47  ? 8.880   -14.604 9.323   1.00 25.97 ? 47   LYS A CD    1 
ATOM   382  C CE    . LYS A 1 47  ? 7.847   -13.645 9.878   1.00 27.81 ? 47   LYS A CE    1 
ATOM   383  N NZ    . LYS A 1 47  ? 6.929   -14.275 10.875  1.00 27.79 ? 47   LYS A NZ    1 
ATOM   384  N N     . VAL A 1 48  ? 11.044  -10.937 6.554   1.00 16.78 ? 48   VAL A N     1 
ATOM   385  C CA    . VAL A 1 48  ? 12.336  -10.281 6.751   1.00 17.04 ? 48   VAL A CA    1 
ATOM   386  C C     . VAL A 1 48  ? 12.212  -8.831  7.215   1.00 17.28 ? 48   VAL A C     1 
ATOM   387  O O     . VAL A 1 48  ? 13.129  -8.292  7.841   1.00 14.94 ? 48   VAL A O     1 
ATOM   388  C CB    . VAL A 1 48  ? 13.197  -10.312 5.465   1.00 19.21 ? 48   VAL A CB    1 
ATOM   389  C CG1   . VAL A 1 48  ? 13.444  -11.753 5.042   1.00 20.94 ? 48   VAL A CG1   1 
ATOM   390  C CG2   . VAL A 1 48  ? 12.512  -9.527  4.351   1.00 18.97 ? 48   VAL A CG2   1 
ATOM   391  N N     . ASP A 1 49  ? 11.078  -8.202  6.912   1.00 15.69 ? 49   ASP A N     1 
ATOM   392  C CA    . ASP A 1 49  ? 10.851  -6.814  7.303   1.00 15.22 ? 49   ASP A CA    1 
ATOM   393  C C     . ASP A 1 49  ? 10.718  -6.653  8.812   1.00 14.99 ? 49   ASP A C     1 
ATOM   394  O O     . ASP A 1 49  ? 10.881  -5.552  9.341   1.00 13.34 ? 49   ASP A O     1 
ATOM   395  C CB    . ASP A 1 49  ? 9.590   -6.263  6.637   1.00 15.84 ? 49   ASP A CB    1 
ATOM   396  C CG    . ASP A 1 49  ? 9.651   -6.325  5.122   1.00 15.72 ? 49   ASP A CG    1 
ATOM   397  O OD1   . ASP A 1 49  ? 10.741  -6.112  4.555   1.00 16.63 ? 49   ASP A OD1   1 
ATOM   398  O OD2   . ASP A 1 49  ? 8.598   -6.568  4.499   1.00 16.62 ? 49   ASP A OD2   1 
ATOM   399  N N     . GLU A 1 50  ? 10.406  -7.745  9.500   1.00 15.26 ? 50   GLU A N     1 
ATOM   400  C CA    . GLU A 1 50  ? 10.251  -7.709  10.950  1.00 17.27 ? 50   GLU A CA    1 
ATOM   401  C C     . GLU A 1 50  ? 11.551  -7.308  11.638  1.00 17.32 ? 50   GLU A C     1 
ATOM   402  O O     . GLU A 1 50  ? 11.533  -6.797  12.756  1.00 18.30 ? 50   GLU A O     1 
ATOM   403  C CB    . GLU A 1 50  ? 9.789   -9.073  11.471  1.00 17.64 ? 50   GLU A CB    1 
ATOM   404  C CG    . GLU A 1 50  ? 8.341   -9.412  11.129  1.00 18.80 ? 50   GLU A CG    1 
ATOM   405  C CD    . GLU A 1 50  ? 7.917   -10.774 11.646  1.00 21.38 ? 50   GLU A CD    1 
ATOM   406  O OE1   . GLU A 1 50  ? 8.529   -11.264 12.620  1.00 23.27 ? 50   GLU A OE1   1 
ATOM   407  O OE2   . GLU A 1 50  ? 6.962   -11.352 11.088  1.00 19.26 ? 50   GLU A OE2   1 
ATOM   408  N N     . LYS A 1 51  ? 12.673  -7.533  10.958  1.00 19.06 ? 51   LYS A N     1 
ATOM   409  C CA    . LYS A 1 51  ? 13.992  -7.206  11.500  1.00 19.92 ? 51   LYS A CA    1 
ATOM   410  C C     . LYS A 1 51  ? 14.171  -5.712  11.744  1.00 19.67 ? 51   LYS A C     1 
ATOM   411  O O     . LYS A 1 51  ? 14.835  -5.309  12.699  1.00 20.32 ? 51   LYS A O     1 
ATOM   412  C CB    . LYS A 1 51  ? 15.084  -7.715  10.554  1.00 23.64 ? 51   LYS A CB    1 
ATOM   413  C CG    . LYS A 1 51  ? 15.053  -9.223  10.338  1.00 28.33 ? 51   LYS A CG    1 
ATOM   414  C CD    . LYS A 1 51  ? 16.046  -9.656  9.272   1.00 32.43 ? 51   LYS A CD    1 
ATOM   415  C CE    . LYS A 1 51  ? 15.956  -11.151 9.011   1.00 33.97 ? 51   LYS A CE    1 
ATOM   416  N NZ    . LYS A 1 51  ? 16.869  -11.582 7.916   1.00 36.48 ? 51   LYS A NZ    1 
ATOM   417  N N     . ASN A 1 52  ? 13.584  -4.888  10.884  1.00 17.14 ? 52   ASN A N     1 
ATOM   418  C CA    . ASN A 1 52  ? 13.686  -3.442  11.045  1.00 15.48 ? 52   ASN A CA    1 
ATOM   419  C C     . ASN A 1 52  ? 12.528  -2.723  10.356  1.00 14.26 ? 52   ASN A C     1 
ATOM   420  O O     . ASN A 1 52  ? 12.680  -2.185  9.257   1.00 12.48 ? 52   ASN A O     1 
ATOM   421  C CB    . ASN A 1 52  ? 15.003  -2.929  10.464  1.00 16.26 ? 52   ASN A CB    1 
ATOM   422  C CG    . ASN A 1 52  ? 15.389  -1.580  11.022  1.00 17.48 ? 52   ASN A CG    1 
ATOM   423  O OD1   . ASN A 1 52  ? 14.527  -0.746  11.320  1.00 16.79 ? 52   ASN A OD1   1 
ATOM   424  N ND2   . ASN A 1 52  ? 16.691  -1.351  11.162  1.00 17.49 ? 52   ASN A ND2   1 
ATOM   425  N N     . PRO A 1 53  ? 11.354  -2.699  11.000  1.00 13.58 ? 53   PRO A N     1 
ATOM   426  C CA    . PRO A 1 53  ? 10.172  -2.040  10.434  1.00 13.03 ? 53   PRO A CA    1 
ATOM   427  C C     . PRO A 1 53  ? 10.391  -0.585  10.017  1.00 12.99 ? 53   PRO A C     1 
ATOM   428  O O     . PRO A 1 53  ? 9.993   -0.188  8.925   1.00 11.53 ? 53   PRO A O     1 
ATOM   429  C CB    . PRO A 1 53  ? 9.137   -2.181  11.549  1.00 13.76 ? 53   PRO A CB    1 
ATOM   430  C CG    . PRO A 1 53  ? 9.512   -3.486  12.173  1.00 14.57 ? 53   PRO A CG    1 
ATOM   431  C CD    . PRO A 1 53  ? 11.019  -3.361  12.273  1.00 14.25 ? 53   PRO A CD    1 
ATOM   432  N N     . GLU A 1 54  ? 11.027  0.213   10.871  1.00 12.65 ? 54   GLU A N     1 
ATOM   433  C CA    . GLU A 1 54  ? 11.252  1.614   10.524  1.00 13.05 ? 54   GLU A CA    1 
ATOM   434  C C     . GLU A 1 54  ? 12.135  1.780   9.290   1.00 12.72 ? 54   GLU A C     1 
ATOM   435  O O     . GLU A 1 54  ? 11.807  2.555   8.395   1.00 11.93 ? 54   GLU A O     1 
ATOM   436  C CB    . GLU A 1 54  ? 11.860  2.384   11.703  1.00 15.17 ? 54   GLU A CB    1 
ATOM   437  C CG    . GLU A 1 54  ? 12.199  3.841   11.371  1.00 14.32 ? 54   GLU A CG    1 
ATOM   438  C CD    . GLU A 1 54  ? 12.492  4.686   12.599  1.00 16.70 ? 54   GLU A CD    1 
ATOM   439  O OE1   . GLU A 1 54  ? 12.929  4.123   13.627  1.00 17.65 ? 54   GLU A OE1   1 
ATOM   440  O OE2   . GLU A 1 54  ? 12.297  5.920   12.530  1.00 17.10 ? 54   GLU A OE2   1 
ATOM   441  N N     . GLU A 1 55  ? 13.249  1.054   9.234   1.00 14.61 ? 55   GLU A N     1 
ATOM   442  C CA    . GLU A 1 55  ? 14.154  1.162   8.087   1.00 15.84 ? 55   GLU A CA    1 
ATOM   443  C C     . GLU A 1 55  ? 13.455  0.809   6.779   1.00 14.11 ? 55   GLU A C     1 
ATOM   444  O O     . GLU A 1 55  ? 13.525  1.563   5.807   1.00 13.83 ? 55   GLU A O     1 
ATOM   445  C CB    . GLU A 1 55  ? 15.372  0.251   8.266   1.00 18.57 ? 55   GLU A CB    1 
ATOM   446  C CG    . GLU A 1 55  ? 16.372  0.333   7.112   1.00 24.02 ? 55   GLU A CG    1 
ATOM   447  C CD    . GLU A 1 55  ? 17.632  -0.481  7.362   1.00 28.49 ? 55   GLU A CD    1 
ATOM   448  O OE1   . GLU A 1 55  ? 17.550  -1.728  7.374   1.00 29.99 ? 55   GLU A OE1   1 
ATOM   449  O OE2   . GLU A 1 55  ? 18.705  0.134   7.553   1.00 31.71 ? 55   GLU A OE2   1 
ATOM   450  N N     . VAL A 1 56  ? 12.788  -0.341  6.758   1.00 13.48 ? 56   VAL A N     1 
ATOM   451  C CA    . VAL A 1 56  ? 12.076  -0.784  5.563   1.00 13.90 ? 56   VAL A CA    1 
ATOM   452  C C     . VAL A 1 56  ? 11.000  0.230   5.181   1.00 12.14 ? 56   VAL A C     1 
ATOM   453  O O     . VAL A 1 56  ? 10.809  0.523   4.004   1.00 12.03 ? 56   VAL A O     1 
ATOM   454  C CB    . VAL A 1 56  ? 11.406  -2.159  5.783   1.00 15.67 ? 56   VAL A CB    1 
ATOM   455  C CG1   . VAL A 1 56  ? 10.513  -2.507  4.593   1.00 19.43 ? 56   VAL A CG1   1 
ATOM   456  C CG2   . VAL A 1 56  ? 12.470  -3.229  5.958   1.00 21.23 ? 56   VAL A CG2   1 
ATOM   457  N N     . SER A 1 57  ? 10.300  0.760   6.179   1.00 11.79 ? 57   SER A N     1 
ATOM   458  C CA    . SER A 1 57  ? 9.246   1.736   5.924   1.00 10.51 ? 57   SER A CA    1 
ATOM   459  C C     . SER A 1 57  ? 9.798   2.981   5.243   1.00 11.52 ? 57   SER A C     1 
ATOM   460  O O     . SER A 1 57  ? 9.249   3.443   4.239   1.00 10.34 ? 57   SER A O     1 
ATOM   461  C CB    . SER A 1 57  ? 8.552   2.124   7.227   1.00 9.84  ? 57   SER A CB    1 
ATOM   462  O OG    . SER A 1 57  ? 7.817   1.033   7.744   1.00 11.67 ? 57   SER A OG    1 
ATOM   463  N N     . LEU A 1 58  ? 10.887  3.517   5.786   1.00 10.99 ? 58   LEU A N     1 
ATOM   464  C CA    . LEU A 1 58  ? 11.496  4.713   5.218   1.00 11.95 ? 58   LEU A CA    1 
ATOM   465  C C     . LEU A 1 58  ? 12.012  4.476   3.802   1.00 11.92 ? 58   LEU A C     1 
ATOM   466  O O     . LEU A 1 58  ? 11.929  5.370   2.957   1.00 11.79 ? 58   LEU A O     1 
ATOM   467  C CB    . LEU A 1 58  ? 12.619  5.217   6.129   1.00 13.33 ? 58   LEU A CB    1 
ATOM   468  C CG    . LEU A 1 58  ? 12.149  5.669   7.519   1.00 14.33 ? 58   LEU A CG    1 
ATOM   469  C CD1   . LEU A 1 58  ? 13.343  6.114   8.351   1.00 16.82 ? 58   LEU A CD1   1 
ATOM   470  C CD2   . LEU A 1 58  ? 11.153  6.809   7.381   1.00 15.13 ? 58   LEU A CD2   1 
ATOM   471  N N     . LYS A 1 59  ? 12.536  3.280   3.540   1.00 12.29 ? 59   LYS A N     1 
ATOM   472  C CA    . LYS A 1 59  ? 13.030  2.945   2.202   1.00 13.16 ? 59   LYS A CA    1 
ATOM   473  C C     . LYS A 1 59  ? 11.856  2.911   1.225   1.00 11.70 ? 59   LYS A C     1 
ATOM   474  O O     . LYS A 1 59  ? 11.966  3.375   0.090   1.00 9.93  ? 59   LYS A O     1 
ATOM   475  C CB    . LYS A 1 59  ? 13.694  1.568   2.186   1.00 15.11 ? 59   LYS A CB    1 
ATOM   476  C CG    . LYS A 1 59  ? 15.063  1.477   2.826   1.00 21.11 ? 59   LYS A CG    1 
ATOM   477  C CD    . LYS A 1 59  ? 15.489  0.011   2.901   1.00 24.92 ? 59   LYS A CD    1 
ATOM   478  C CE    . LYS A 1 59  ? 16.932  -0.146  3.340   1.00 27.06 ? 59   LYS A CE    1 
ATOM   479  N NZ    . LYS A 1 59  ? 17.863  0.393   2.319   1.00 29.64 ? 59   LYS A NZ    1 
ATOM   480  N N     . ALA A 1 60  ? 10.742  2.338   1.672   1.00 9.77  ? 60   ALA A N     1 
ATOM   481  C CA    . ALA A 1 60  ? 9.540   2.237   0.844   1.00 10.10 ? 60   ALA A CA    1 
ATOM   482  C C     . ALA A 1 60  ? 8.989   3.627   0.536   1.00 9.74  ? 60   ALA A C     1 
ATOM   483  O O     . ALA A 1 60  ? 8.601   3.916   -0.597  1.00 9.97  ? 60   ALA A O     1 
ATOM   484  C CB    . ALA A 1 60  ? 8.486   1.406   1.557   1.00 10.73 ? 60   ALA A CB    1 
ATOM   485  N N     . ILE A 1 61  ? 8.946   4.481   1.554   1.00 9.25  ? 61   ILE A N     1 
ATOM   486  C CA    . ILE A 1 61  ? 8.452   5.843   1.385   1.00 8.44  ? 61   ILE A CA    1 
ATOM   487  C C     . ILE A 1 61  ? 9.246   6.569   0.301   1.00 8.91  ? 61   ILE A C     1 
ATOM   488  O O     . ILE A 1 61  ? 8.667   7.228   -0.565  1.00 7.82  ? 61   ILE A O     1 
ATOM   489  C CB    . ILE A 1 61  ? 8.546   6.628   2.712   1.00 8.51  ? 61   ILE A CB    1 
ATOM   490  C CG1   . ILE A 1 61  ? 7.529   6.065   3.711   1.00 9.91  ? 61   ILE A CG1   1 
ATOM   491  C CG2   . ILE A 1 61  ? 8.286   8.116   2.468   1.00 9.45  ? 61   ILE A CG2   1 
ATOM   492  C CD1   . ILE A 1 61  ? 7.766   6.506   5.149   1.00 9.85  ? 61   ILE A CD1   1 
ATOM   493  N N     . GLU A 1 62  ? 10.568  6.430   0.353   1.00 9.25  ? 62   GLU A N     1 
ATOM   494  C CA    . GLU A 1 62  ? 11.462  7.066   -0.613  1.00 9.50  ? 62   GLU A CA    1 
ATOM   495  C C     . GLU A 1 62  ? 11.239  6.505   -2.016  1.00 9.03  ? 62   GLU A C     1 
ATOM   496  O O     . GLU A 1 62  ? 11.088  7.256   -2.978  1.00 8.31  ? 62   GLU A O     1 
ATOM   497  C CB    . GLU A 1 62  ? 12.924  6.853   -0.194  1.00 10.71 ? 62   GLU A CB    1 
ATOM   498  C CG    . GLU A 1 62  ? 13.959  7.338   -1.206  1.00 10.58 ? 62   GLU A CG    1 
ATOM   499  C CD    . GLU A 1 62  ? 14.048  8.855   -1.305  1.00 14.53 ? 62   GLU A CD    1 
ATOM   500  O OE1   . GLU A 1 62  ? 13.243  9.563   -0.663  1.00 15.73 ? 62   GLU A OE1   1 
ATOM   501  O OE2   . GLU A 1 62  ? 14.932  9.344   -2.033  1.00 14.99 ? 62   GLU A OE2   1 
ATOM   502  N N     . GLU A 1 63  ? 11.211  5.183   -2.127  1.00 9.93  ? 63   GLU A N     1 
ATOM   503  C CA    . GLU A 1 63  ? 11.008  4.542   -3.420  1.00 11.38 ? 63   GLU A CA    1 
ATOM   504  C C     . GLU A 1 63  ? 9.658   4.913   -4.037  1.00 9.78  ? 63   GLU A C     1 
ATOM   505  O O     . GLU A 1 63  ? 9.587   5.252   -5.215  1.00 8.77  ? 63   GLU A O     1 
ATOM   506  C CB    . GLU A 1 63  ? 11.127  3.026   -3.270  1.00 14.68 ? 63   GLU A CB    1 
ATOM   507  C CG    . GLU A 1 63  ? 10.936  2.259   -4.553  1.00 24.35 ? 63   GLU A CG    1 
ATOM   508  C CD    . GLU A 1 63  ? 11.494  0.856   -4.454  1.00 32.66 ? 63   GLU A CD    1 
ATOM   509  O OE1   . GLU A 1 63  ? 12.626  0.615   -4.940  1.00 35.79 ? 63   GLU A OE1   1 
ATOM   510  O OE2   . GLU A 1 63  ? 10.801  -0.002  -3.869  1.00 36.90 ? 63   GLU A OE2   1 
ATOM   511  N N     . ILE A 1 64  ? 8.591   4.858   -3.244  1.00 8.58  ? 64   ILE A N     1 
ATOM   512  C CA    . ILE A 1 64  ? 7.267   5.213   -3.750  1.00 9.11  ? 64   ILE A CA    1 
ATOM   513  C C     . ILE A 1 64  ? 7.230   6.697   -4.128  1.00 10.03 ? 64   ILE A C     1 
ATOM   514  O O     . ILE A 1 64  ? 6.585   7.082   -5.110  1.00 8.37  ? 64   ILE A O     1 
ATOM   515  C CB    . ILE A 1 64  ? 6.151   4.903   -2.705  1.00 10.05 ? 64   ILE A CB    1 
ATOM   516  C CG1   . ILE A 1 64  ? 5.873   3.397   -2.651  1.00 10.87 ? 64   ILE A CG1   1 
ATOM   517  C CG2   . ILE A 1 64  ? 4.845   5.583   -3.108  1.00 8.05  ? 64   ILE A CG2   1 
ATOM   518  C CD1   . ILE A 1 64  ? 7.085   2.527   -2.509  1.00 17.74 ? 64   ILE A CD1   1 
ATOM   519  N N     . SER A 1 65  ? 7.930   7.527   -3.354  1.00 9.51  ? 65   SER A N     1 
ATOM   520  C CA    . SER A 1 65  ? 7.983   8.960   -3.634  1.00 10.33 ? 65   SER A CA    1 
ATOM   521  C C     . SER A 1 65  ? 8.639   9.216   -4.988  1.00 9.70  ? 65   SER A C     1 
ATOM   522  O O     . SER A 1 65  ? 8.152   10.027  -5.772  1.00 9.26  ? 65   SER A O     1 
ATOM   523  C CB    . SER A 1 65  ? 8.766   9.705   -2.549  1.00 9.31  ? 65   SER A CB    1 
ATOM   524  O OG    . SER A 1 65  ? 8.070   9.688   -1.319  1.00 12.93 ? 65   SER A OG    1 
ATOM   525  N N     . LYS A 1 66  ? 9.744   8.526   -5.254  1.00 9.29  ? 66   LYS A N     1 
ATOM   526  C CA    . LYS A 1 66  ? 10.452  8.695   -6.520  1.00 10.06 ? 66   LYS A CA    1 
ATOM   527  C C     . LYS A 1 66  ? 9.568   8.326   -7.708  1.00 9.70  ? 66   LYS A C     1 
ATOM   528  O O     . LYS A 1 66  ? 9.492   9.062   -8.692  1.00 9.61  ? 66   LYS A O     1 
ATOM   529  C CB    . LYS A 1 66  ? 11.730  7.849   -6.538  1.00 10.85 ? 66   LYS A CB    1 
ATOM   530  C CG    . LYS A 1 66  ? 12.830  8.356   -5.612  1.00 16.50 ? 66   LYS A CG    1 
ATOM   531  C CD    . LYS A 1 66  ? 14.010  7.385   -5.552  1.00 20.21 ? 66   LYS A CD    1 
ATOM   532  C CE    . LYS A 1 66  ? 14.586  7.090   -6.937  1.00 25.50 ? 66   LYS A CE    1 
ATOM   533  N NZ    . LYS A 1 66  ? 15.161  8.297   -7.605  1.00 29.34 ? 66   LYS A NZ    1 
ATOM   534  N N     . VAL A 1 67  ? 8.893   7.186   -7.618  1.00 9.03  ? 67   VAL A N     1 
ATOM   535  C CA    . VAL A 1 67  ? 8.023   6.752   -8.702  1.00 7.38  ? 67   VAL A CA    1 
ATOM   536  C C     . VAL A 1 67  ? 6.869   7.735   -8.923  1.00 5.81  ? 67   VAL A C     1 
ATOM   537  O O     . VAL A 1 67  ? 6.584   8.112   -10.055 1.00 6.68  ? 67   VAL A O     1 
ATOM   538  C CB    . VAL A 1 67  ? 7.459   5.344   -8.427  1.00 8.13  ? 67   VAL A CB    1 
ATOM   539  C CG1   . VAL A 1 67  ? 6.441   4.966   -9.501  1.00 9.41  ? 67   VAL A CG1   1 
ATOM   540  C CG2   . VAL A 1 67  ? 8.593   4.342   -8.397  1.00 9.68  ? 67   VAL A CG2   1 
ATOM   541  N N     . ALA A 1 68  ? 6.212   8.152   -7.845  1.00 6.20  ? 68   ALA A N     1 
ATOM   542  C CA    . ALA A 1 68  ? 5.103   9.096   -7.953  1.00 7.03  ? 68   ALA A CA    1 
ATOM   543  C C     . ALA A 1 68  ? 5.568   10.363  -8.670  1.00 7.74  ? 68   ALA A C     1 
ATOM   544  O O     . ALA A 1 68  ? 4.894   10.875  -9.560  1.00 8.64  ? 68   ALA A O     1 
ATOM   545  C CB    . ALA A 1 68  ? 4.582   9.439   -6.578  1.00 7.60  ? 68   ALA A CB    1 
ATOM   546  N N     . GLU A 1 69  ? 6.728   10.867  -8.272  1.00 7.65  ? 69   GLU A N     1 
ATOM   547  C CA    . GLU A 1 69  ? 7.281   12.067  -8.885  1.00 8.26  ? 69   GLU A CA    1 
ATOM   548  C C     . GLU A 1 69  ? 7.620   11.835  -10.356 1.00 9.46  ? 69   GLU A C     1 
ATOM   549  O O     . GLU A 1 69  ? 7.359   12.691  -11.201 1.00 9.95  ? 69   GLU A O     1 
ATOM   550  C CB    . GLU A 1 69  ? 8.521   12.507  -8.103  1.00 9.21  ? 69   GLU A CB    1 
ATOM   551  C CG    . GLU A 1 69  ? 8.161   13.188  -6.785  1.00 8.64  ? 69   GLU A CG    1 
ATOM   552  C CD    . GLU A 1 69  ? 9.263   13.104  -5.747  1.00 11.21 ? 69   GLU A CD    1 
ATOM   553  O OE1   . GLU A 1 69  ? 10.451  13.058  -6.133  1.00 10.28 ? 69   GLU A OE1   1 
ATOM   554  O OE2   . GLU A 1 69  ? 8.936   13.100  -4.541  1.00 11.55 ? 69   GLU A OE2   1 
ATOM   555  N N     . GLN A 1 70  ? 8.185   10.670  -10.660 1.00 8.84  ? 70   GLN A N     1 
ATOM   556  C CA    . GLN A 1 70  ? 8.549   10.341  -12.033 1.00 10.74 ? 70   GLN A CA    1 
ATOM   557  C C     . GLN A 1 70  ? 7.341   10.211  -12.963 1.00 10.84 ? 70   GLN A C     1 
ATOM   558  O O     . GLN A 1 70  ? 7.401   10.644  -14.116 1.00 10.75 ? 70   GLN A O     1 
ATOM   559  C CB    . GLN A 1 70  ? 9.375   9.049   -12.066 1.00 13.23 ? 70   GLN A CB    1 
ATOM   560  C CG    . GLN A 1 70  ? 9.745   8.586   -13.474 1.00 17.71 ? 70   GLN A CG    1 
ATOM   561  C CD    . GLN A 1 70  ? 10.663  7.377   -13.477 1.00 19.93 ? 70   GLN A CD    1 
ATOM   562  O OE1   . GLN A 1 70  ? 10.577  6.516   -12.601 1.00 21.49 ? 70   GLN A OE1   1 
ATOM   563  N NE2   . GLN A 1 70  ? 11.537  7.298   -14.476 1.00 21.10 ? 70   GLN A NE2   1 
ATOM   564  N N     . VAL A 1 71  ? 6.242   9.634   -12.479 1.00 9.03  ? 71   VAL A N     1 
ATOM   565  C CA    . VAL A 1 71  ? 5.063   9.479   -13.329 1.00 10.05 ? 71   VAL A CA    1 
ATOM   566  C C     . VAL A 1 71  ? 4.090   10.643  -13.198 1.00 10.52 ? 71   VAL A C     1 
ATOM   567  O O     . VAL A 1 71  ? 3.050   10.667  -13.852 1.00 10.55 ? 71   VAL A O     1 
ATOM   568  C CB    . VAL A 1 71  ? 4.313   8.140   -13.051 1.00 9.69  ? 71   VAL A CB    1 
ATOM   569  C CG1   . VAL A 1 71  ? 5.275   6.974   -13.201 1.00 9.74  ? 71   VAL A CG1   1 
ATOM   570  C CG2   . VAL A 1 71  ? 3.681   8.155   -11.667 1.00 8.19  ? 71   VAL A CG2   1 
ATOM   571  N N     . LYS A 1 72  ? 4.442   11.611  -12.355 1.00 10.39 ? 72   LYS A N     1 
ATOM   572  C CA    . LYS A 1 72  ? 3.628   12.803  -12.134 1.00 11.72 ? 72   LYS A CA    1 
ATOM   573  C C     . LYS A 1 72  ? 2.321   12.548  -11.389 1.00 12.18 ? 72   LYS A C     1 
ATOM   574  O O     . LYS A 1 72  ? 1.299   13.179  -11.671 1.00 11.27 ? 72   LYS A O     1 
ATOM   575  C CB    . LYS A 1 72  ? 3.330   13.500  -13.467 1.00 12.24 ? 72   LYS A CB    1 
ATOM   576  C CG    . LYS A 1 72  ? 4.578   13.890  -14.234 1.00 11.82 ? 72   LYS A CG    1 
ATOM   577  C CD    . LYS A 1 72  ? 4.250   14.824  -15.386 1.00 13.91 ? 72   LYS A CD    1 
ATOM   578  C CE    . LYS A 1 72  ? 5.517   15.250  -16.120 1.00 14.06 ? 72   LYS A CE    1 
ATOM   579  N NZ    . LYS A 1 72  ? 5.226   16.345  -17.090 1.00 14.71 ? 72   LYS A NZ    1 
ATOM   580  N N     . ALA A 1 73  ? 2.362   11.624  -10.438 1.00 10.43 ? 73   ALA A N     1 
ATOM   581  C CA    . ALA A 1 73  ? 1.193   11.307  -9.633  1.00 11.73 ? 73   ALA A CA    1 
ATOM   582  C C     . ALA A 1 73  ? 1.284   12.108  -8.331  1.00 12.07 ? 73   ALA A C     1 
ATOM   583  O O     . ALA A 1 73  ? 2.275   12.014  -7.604  1.00 12.54 ? 73   ALA A O     1 
ATOM   584  C CB    . ALA A 1 73  ? 1.157   9.818   -9.324  1.00 10.25 ? 73   ALA A CB    1 
ATOM   585  N N     . GLU A 1 74  ? 0.259   12.901  -8.049  1.00 12.90 ? 74   GLU A N     1 
ATOM   586  C CA    . GLU A 1 74  ? 0.227   13.702  -6.833  1.00 14.89 ? 74   GLU A CA    1 
ATOM   587  C C     . GLU A 1 74  ? -0.538  12.948  -5.755  1.00 14.21 ? 74   GLU A C     1 
ATOM   588  O O     . GLU A 1 74  ? -0.435  13.264  -4.565  1.00 13.42 ? 74   GLU A O     1 
ATOM   589  C CB    . GLU A 1 74  ? -0.461  15.039  -7.089  1.00 17.51 ? 74   GLU A CB    1 
ATOM   590  C CG    . GLU A 1 74  ? 0.217   15.897  -8.139  1.00 23.12 ? 74   GLU A CG    1 
ATOM   591  C CD    . GLU A 1 74  ? -0.469  17.241  -8.302  1.00 26.11 ? 74   GLU A CD    1 
ATOM   592  O OE1   . GLU A 1 74  ? -1.686  17.261  -8.586  1.00 29.10 ? 74   GLU A OE1   1 
ATOM   593  O OE2   . GLU A 1 74  ? 0.208   18.276  -8.144  1.00 29.04 ? 74   GLU A OE2   1 
ATOM   594  N N     . ASN A 1 75  ? -1.308  11.954  -6.193  1.00 11.83 ? 75   ASN A N     1 
ATOM   595  C CA    . ASN A 1 75  ? -2.108  11.132  -5.294  1.00 10.86 ? 75   ASN A CA    1 
ATOM   596  C C     . ASN A 1 75  ? -1.510  9.733   -5.214  1.00 8.70  ? 75   ASN A C     1 
ATOM   597  O O     . ASN A 1 75  ? -1.098  9.161   -6.223  1.00 7.20  ? 75   ASN A O     1 
ATOM   598  C CB    . ASN A 1 75  ? -3.553  11.037  -5.803  1.00 11.30 ? 75   ASN A CB    1 
ATOM   599  C CG    . ASN A 1 75  ? -4.189  12.403  -6.026  1.00 14.78 ? 75   ASN A CG    1 
ATOM   600  O OD1   . ASN A 1 75  ? -4.141  13.275  -5.156  1.00 12.48 ? 75   ASN A OD1   1 
ATOM   601  N ND2   . ASN A 1 75  ? -4.792  12.592  -7.197  1.00 13.98 ? 75   ASN A ND2   1 
ATOM   602  N N     . VAL A 1 76  ? -1.470  9.181   -4.008  1.00 8.29  ? 76   VAL A N     1 
ATOM   603  C CA    . VAL A 1 76  ? -0.921  7.849   -3.802  1.00 7.39  ? 76   VAL A CA    1 
ATOM   604  C C     . VAL A 1 76  ? -1.860  7.091   -2.874  1.00 8.50  ? 76   VAL A C     1 
ATOM   605  O O     . VAL A 1 76  ? -2.385  7.662   -1.911  1.00 8.95  ? 76   VAL A O     1 
ATOM   606  C CB    . VAL A 1 76  ? 0.483   7.927   -3.152  1.00 8.32  ? 76   VAL A CB    1 
ATOM   607  C CG1   . VAL A 1 76  ? 1.039   6.532   -2.916  1.00 7.86  ? 76   VAL A CG1   1 
ATOM   608  C CG2   . VAL A 1 76  ? 1.416   8.738   -4.038  1.00 8.97  ? 76   VAL A CG2   1 
ATOM   609  N N     . PHE A 1 77  ? -2.085  5.814   -3.169  1.00 6.92  ? 77   PHE A N     1 
ATOM   610  C CA    . PHE A 1 77  ? -2.965  4.999   -2.343  1.00 7.53  ? 77   PHE A CA    1 
ATOM   611  C C     . PHE A 1 77  ? -2.205  3.791   -1.811  1.00 6.52  ? 77   PHE A C     1 
ATOM   612  O O     . PHE A 1 77  ? -1.680  2.995   -2.591  1.00 5.33  ? 77   PHE A O     1 
ATOM   613  C CB    . PHE A 1 77  ? -4.176  4.516   -3.156  1.00 7.89  ? 77   PHE A CB    1 
ATOM   614  C CG    . PHE A 1 77  ? -5.264  3.916   -2.313  1.00 8.73  ? 77   PHE A CG    1 
ATOM   615  C CD1   . PHE A 1 77  ? -6.368  4.675   -1.940  1.00 10.17 ? 77   PHE A CD1   1 
ATOM   616  C CD2   . PHE A 1 77  ? -5.165  2.608   -1.852  1.00 9.09  ? 77   PHE A CD2   1 
ATOM   617  C CE1   . PHE A 1 77  ? -7.363  4.138   -1.114  1.00 10.47 ? 77   PHE A CE1   1 
ATOM   618  C CE2   . PHE A 1 77  ? -6.153  2.060   -1.025  1.00 10.33 ? 77   PHE A CE2   1 
ATOM   619  C CZ    . PHE A 1 77  ? -7.251  2.826   -0.657  1.00 9.59  ? 77   PHE A CZ    1 
ATOM   620  N N     . VAL A 1 78  ? -2.150  3.663   -0.486  1.00 7.50  ? 78   VAL A N     1 
ATOM   621  C CA    . VAL A 1 78  ? -1.459  2.554   0.173   1.00 6.76  ? 78   VAL A CA    1 
ATOM   622  C C     . VAL A 1 78  ? -2.490  1.442   0.347   1.00 7.64  ? 78   VAL A C     1 
ATOM   623  O O     . VAL A 1 78  ? -3.393  1.534   1.173   1.00 8.28  ? 78   VAL A O     1 
ATOM   624  C CB    . VAL A 1 78  ? -0.897  2.986   1.553   1.00 8.39  ? 78   VAL A CB    1 
ATOM   625  C CG1   . VAL A 1 78  ? -0.150  1.823   2.212   1.00 5.58  ? 78   VAL A CG1   1 
ATOM   626  C CG2   . VAL A 1 78  ? 0.042   4.167   1.371   1.00 8.40  ? 78   VAL A CG2   1 
ATOM   627  N N     . TYR A 1 79  ? -2.330  0.387   -0.440  1.00 7.52  ? 79   TYR A N     1 
ATOM   628  C CA    . TYR A 1 79  ? -3.267  -0.725  -0.458  1.00 6.27  ? 79   TYR A CA    1 
ATOM   629  C C     . TYR A 1 79  ? -2.697  -2.028  0.102   1.00 6.42  ? 79   TYR A C     1 
ATOM   630  O O     . TYR A 1 79  ? -1.774  -2.604  -0.477  1.00 7.40  ? 79   TYR A O     1 
ATOM   631  C CB    . TYR A 1 79  ? -3.717  -0.923  -1.913  1.00 5.88  ? 79   TYR A CB    1 
ATOM   632  C CG    . TYR A 1 79  ? -4.967  -1.752  -2.097  1.00 7.76  ? 79   TYR A CG    1 
ATOM   633  C CD1   . TYR A 1 79  ? -4.967  -3.128  -1.853  1.00 8.87  ? 79   TYR A CD1   1 
ATOM   634  C CD2   . TYR A 1 79  ? -6.158  -1.154  -2.501  1.00 8.94  ? 79   TYR A CD2   1 
ATOM   635  C CE1   . TYR A 1 79  ? -6.132  -3.886  -2.006  1.00 8.24  ? 79   TYR A CE1   1 
ATOM   636  C CE2   . TYR A 1 79  ? -7.326  -1.902  -2.657  1.00 11.01 ? 79   TYR A CE2   1 
ATOM   637  C CZ    . TYR A 1 79  ? -7.307  -3.262  -2.406  1.00 7.54  ? 79   TYR A CZ    1 
ATOM   638  O OH    . TYR A 1 79  ? -8.472  -3.986  -2.529  1.00 10.43 ? 79   TYR A OH    1 
ATOM   639  N N     . PRO A 1 80  ? -3.241  -2.512  1.235   1.00 6.49  ? 80   PRO A N     1 
ATOM   640  C CA    . PRO A 1 80  ? -2.740  -3.762  1.818   1.00 7.61  ? 80   PRO A CA    1 
ATOM   641  C C     . PRO A 1 80  ? -3.036  -4.899  0.837   1.00 8.24  ? 80   PRO A C     1 
ATOM   642  O O     . PRO A 1 80  ? -4.191  -5.104  0.456   1.00 8.93  ? 80   PRO A O     1 
ATOM   643  C CB    . PRO A 1 80  ? -3.546  -3.899  3.110   1.00 6.80  ? 80   PRO A CB    1 
ATOM   644  C CG    . PRO A 1 80  ? -3.924  -2.467  3.445   1.00 8.00  ? 80   PRO A CG    1 
ATOM   645  C CD    . PRO A 1 80  ? -4.296  -1.929  2.084   1.00 5.49  ? 80   PRO A CD    1 
ATOM   646  N N     . PHE A 1 81  ? -1.997  -5.624  0.434   1.00 7.52  ? 81   PHE A N     1 
ATOM   647  C CA    . PHE A 1 81  ? -2.139  -6.725  -0.518  1.00 8.60  ? 81   PHE A CA    1 
ATOM   648  C C     . PHE A 1 81  ? -1.144  -7.817  -0.118  1.00 9.54  ? 81   PHE A C     1 
ATOM   649  O O     . PHE A 1 81  ? -0.093  -7.971  -0.736  1.00 8.06  ? 81   PHE A O     1 
ATOM   650  C CB    . PHE A 1 81  ? -1.815  -6.229  -1.932  1.00 9.57  ? 81   PHE A CB    1 
ATOM   651  C CG    . PHE A 1 81  ? -2.446  -7.044  -3.022  1.00 11.99 ? 81   PHE A CG    1 
ATOM   652  C CD1   . PHE A 1 81  ? -3.690  -6.687  -3.540  1.00 13.00 ? 81   PHE A CD1   1 
ATOM   653  C CD2   . PHE A 1 81  ? -1.816  -8.181  -3.515  1.00 14.93 ? 81   PHE A CD2   1 
ATOM   654  C CE1   . PHE A 1 81  ? -4.295  -7.450  -4.535  1.00 14.30 ? 81   PHE A CE1   1 
ATOM   655  C CE2   . PHE A 1 81  ? -2.417  -8.953  -4.512  1.00 16.44 ? 81   PHE A CE2   1 
ATOM   656  C CZ    . PHE A 1 81  ? -3.659  -8.583  -5.020  1.00 15.62 ? 81   PHE A CZ    1 
ATOM   657  N N     . ALA A 1 82  ? -1.487  -8.574  0.919   1.00 8.88  ? 82   ALA A N     1 
ATOM   658  C CA    . ALA A 1 82  ? -0.610  -9.619  1.432   1.00 10.56 ? 82   ALA A CA    1 
ATOM   659  C C     . ALA A 1 82  ? -0.168  -10.653 0.403   1.00 12.89 ? 82   ALA A C     1 
ATOM   660  O O     . ALA A 1 82  ? 0.992   -11.060 0.387   1.00 13.52 ? 82   ALA A O     1 
ATOM   661  C CB    . ALA A 1 82  ? -1.284  -10.321 2.612   1.00 9.47  ? 82   ALA A CB    1 
ATOM   662  N N     . HIS A 1 83  ? -1.083  -11.066 -0.463  1.00 15.22 ? 83   HIS A N     1 
ATOM   663  C CA    . HIS A 1 83  ? -0.767  -12.091 -1.448  1.00 18.51 ? 83   HIS A CA    1 
ATOM   664  C C     . HIS A 1 83  ? 0.168   -11.738 -2.595  1.00 18.58 ? 83   HIS A C     1 
ATOM   665  O O     . HIS A 1 83  ? 0.143   -12.391 -3.635  1.00 20.43 ? 83   HIS A O     1 
ATOM   666  C CB    . HIS A 1 83  ? -2.057  -12.704 -1.993  1.00 18.84 ? 83   HIS A CB    1 
ATOM   667  C CG    . HIS A 1 83  ? -2.751  -13.595 -1.012  1.00 23.39 ? 83   HIS A CG    1 
ATOM   668  N ND1   . HIS A 1 83  ? -2.134  -14.678 -0.425  1.00 27.86 ? 83   HIS A ND1   1 
ATOM   669  C CD2   . HIS A 1 83  ? -4.004  -13.559 -0.502  1.00 26.27 ? 83   HIS A CD2   1 
ATOM   670  C CE1   . HIS A 1 83  ? -2.974  -15.271 0.402   1.00 27.76 ? 83   HIS A CE1   1 
ATOM   671  N NE2   . HIS A 1 83  ? -4.118  -14.612 0.373   1.00 28.64 ? 83   HIS A NE2   1 
ATOM   672  N N     . LEU A 1 84  ? 0.992   -10.712 -2.417  1.00 19.21 ? 84   LEU A N     1 
ATOM   673  C CA    . LEU A 1 84  ? 1.968   -10.367 -3.445  1.00 20.08 ? 84   LEU A CA    1 
ATOM   674  C C     . LEU A 1 84  ? 3.211   -11.189 -3.130  1.00 20.78 ? 84   LEU A C     1 
ATOM   675  O O     . LEU A 1 84  ? 4.033   -11.461 -4.004  1.00 18.80 ? 84   LEU A O     1 
ATOM   676  C CB    . LEU A 1 84  ? 2.330   -8.880  -3.402  1.00 19.64 ? 84   LEU A CB    1 
ATOM   677  C CG    . LEU A 1 84  ? 1.567   -7.913  -4.304  1.00 20.44 ? 84   LEU A CG    1 
ATOM   678  C CD1   . LEU A 1 84  ? 2.120   -6.498  -4.105  1.00 18.66 ? 84   LEU A CD1   1 
ATOM   679  C CD2   . LEU A 1 84  ? 1.724   -8.343  -5.764  1.00 17.64 ? 84   LEU A CD2   1 
ATOM   680  N N     . SER A 1 85  ? 3.335   -11.582 -1.864  1.00 21.54 ? 85   SER A N     1 
ATOM   681  C CA    . SER A 1 85  ? 4.474   -12.363 -1.398  1.00 22.98 ? 85   SER A CA    1 
ATOM   682  C C     . SER A 1 85  ? 4.030   -13.686 -0.791  1.00 23.23 ? 85   SER A C     1 
ATOM   683  O O     . SER A 1 85  ? 2.857   -13.868 -0.463  1.00 20.56 ? 85   SER A O     1 
ATOM   684  C CB    . SER A 1 85  ? 5.256   -11.578 -0.348  1.00 24.91 ? 85   SER A CB    1 
ATOM   685  O OG    . SER A 1 85  ? 5.558   -10.278 -0.819  1.00 33.25 ? 85   SER A OG    1 
ATOM   686  N N     . SER A 1 86  ? 4.985   -14.597 -0.630  1.00 24.96 ? 86   SER A N     1 
ATOM   687  C CA    . SER A 1 86  ? 4.719   -15.917 -0.072  1.00 27.89 ? 86   SER A CA    1 
ATOM   688  C C     . SER A 1 86  ? 5.237   -16.053 1.365   1.00 27.80 ? 86   SER A C     1 
ATOM   689  O O     . SER A 1 86  ? 4.842   -16.968 2.089   1.00 28.98 ? 86   SER A O     1 
ATOM   690  C CB    . SER A 1 86  ? 5.362   -16.987 -0.962  1.00 29.83 ? 86   SER A CB    1 
ATOM   691  O OG    . SER A 1 86  ? 5.031   -18.292 -0.525  1.00 35.03 ? 86   SER A OG    1 
ATOM   692  N N     . GLU A 1 87  ? 6.124   -15.150 1.772   1.00 27.59 ? 87   GLU A N     1 
ATOM   693  C CA    . GLU A 1 87  ? 6.683   -15.169 3.127   1.00 28.00 ? 87   GLU A CA    1 
ATOM   694  C C     . GLU A 1 87  ? 6.245   -13.897 3.843   1.00 25.21 ? 87   GLU A C     1 
ATOM   695  O O     . GLU A 1 87  ? 6.982   -12.916 3.891   1.00 24.72 ? 87   GLU A O     1 
ATOM   696  C CB    . GLU A 1 87  ? 8.213   -15.234 3.077   1.00 31.64 ? 87   GLU A CB    1 
ATOM   697  C CG    . GLU A 1 87  ? 8.771   -16.511 2.471   1.00 37.90 ? 87   GLU A CG    1 
ATOM   698  C CD    . GLU A 1 87  ? 8.402   -16.669 1.010   1.00 42.12 ? 87   GLU A CD    1 
ATOM   699  O OE1   . GLU A 1 87  ? 8.729   -15.760 0.215   1.00 44.96 ? 87   GLU A OE1   1 
ATOM   700  O OE2   . GLU A 1 87  ? 7.786   -17.700 0.655   1.00 45.15 ? 87   GLU A OE2   1 
ATOM   701  N N     . LEU A 1 88  ? 5.051   -13.933 4.420   1.00 21.70 ? 88   LEU A N     1 
ATOM   702  C CA    . LEU A 1 88  ? 4.486   -12.771 5.090   1.00 19.19 ? 88   LEU A CA    1 
ATOM   703  C C     . LEU A 1 88  ? 4.967   -12.482 6.502   1.00 17.85 ? 88   LEU A C     1 
ATOM   704  O O     . LEU A 1 88  ? 5.365   -13.382 7.243   1.00 16.59 ? 88   LEU A O     1 
ATOM   705  C CB    . LEU A 1 88  ? 2.964   -12.890 5.117   1.00 20.10 ? 88   LEU A CB    1 
ATOM   706  C CG    . LEU A 1 88  ? 2.266   -13.205 3.793   1.00 19.72 ? 88   LEU A CG    1 
ATOM   707  C CD1   . LEU A 1 88  ? 0.767   -13.271 4.030   1.00 19.87 ? 88   LEU A CD1   1 
ATOM   708  C CD2   . LEU A 1 88  ? 2.604   -12.142 2.757   1.00 21.31 ? 88   LEU A CD2   1 
ATOM   709  N N     . ALA A 1 89  ? 4.919   -11.204 6.865   1.00 15.42 ? 89   ALA A N     1 
ATOM   710  C CA    . ALA A 1 89  ? 5.292   -10.769 8.202   1.00 14.52 ? 89   ALA A CA    1 
ATOM   711  C C     . ALA A 1 89  ? 4.044   -10.938 9.059   1.00 13.97 ? 89   ALA A C     1 
ATOM   712  O O     . ALA A 1 89  ? 2.923   -10.944 8.538   1.00 12.88 ? 89   ALA A O     1 
ATOM   713  C CB    . ALA A 1 89  ? 5.709   -9.307  8.188   1.00 15.86 ? 89   ALA A CB    1 
ATOM   714  N N     . LYS A 1 90  ? 4.229   -11.078 10.366  1.00 12.75 ? 90   LYS A N     1 
ATOM   715  C CA    . LYS A 1 90  ? 3.093   -11.224 11.267  1.00 12.55 ? 90   LYS A CA    1 
ATOM   716  C C     . LYS A 1 90  ? 2.210   -9.979  11.107  1.00 12.62 ? 90   LYS A C     1 
ATOM   717  O O     . LYS A 1 90  ? 2.701   -8.900  10.777  1.00 12.33 ? 90   LYS A O     1 
ATOM   718  C CB    . LYS A 1 90  ? 3.588   -11.383 12.712  1.00 13.23 ? 90   LYS A CB    1 
ATOM   719  C CG    . LYS A 1 90  ? 4.435   -10.225 13.223  1.00 13.74 ? 90   LYS A CG    1 
ATOM   720  C CD    . LYS A 1 90  ? 5.311   -10.638 14.408  1.00 15.58 ? 90   LYS A CD    1 
ATOM   721  C CE    . LYS A 1 90  ? 4.498   -11.015 15.639  1.00 16.20 ? 90   LYS A CE    1 
ATOM   722  N NZ    . LYS A 1 90  ? 3.846   -9.838  16.282  1.00 19.47 ? 90   LYS A NZ    1 
ATOM   723  N N     . PRO A 1 91  ? 0.894   -10.120 11.334  1.00 13.34 ? 91   PRO A N     1 
ATOM   724  C CA    . PRO A 1 91  ? -0.105  -9.050  11.221  1.00 14.13 ? 91   PRO A CA    1 
ATOM   725  C C     . PRO A 1 91  ? 0.211   -7.714  11.893  1.00 13.43 ? 91   PRO A C     1 
ATOM   726  O O     . PRO A 1 91  ? -0.040  -6.661  11.309  1.00 11.23 ? 91   PRO A O     1 
ATOM   727  C CB    . PRO A 1 91  ? -1.366  -9.688  11.803  1.00 15.08 ? 91   PRO A CB    1 
ATOM   728  C CG    . PRO A 1 91  ? -1.194  -11.125 11.485  1.00 16.92 ? 91   PRO A CG    1 
ATOM   729  C CD    . PRO A 1 91  ? 0.260   -11.365 11.808  1.00 14.83 ? 91   PRO A CD    1 
ATOM   730  N N     . SER A 1 92  ? 0.747   -7.739  13.112  1.00 12.07 ? 92   SER A N     1 
ATOM   731  C CA    . SER A 1 92  ? 1.036   -6.479  13.798  1.00 12.45 ? 92   SER A CA    1 
ATOM   732  C C     . SER A 1 92  ? 2.142   -5.697  13.095  1.00 11.35 ? 92   SER A C     1 
ATOM   733  O O     . SER A 1 92  ? 2.098   -4.465  13.032  1.00 9.66  ? 92   SER A O     1 
ATOM   734  C CB    . SER A 1 92  ? 1.415   -6.721  15.267  1.00 12.34 ? 92   SER A CB    1 
ATOM   735  O OG    . SER A 1 92  ? 2.638   -7.422  15.382  1.00 13.54 ? 92   SER A OG    1 
ATOM   736  N N     . VAL A 1 93  ? 3.128   -6.416  12.563  1.00 10.74 ? 93   VAL A N     1 
ATOM   737  C CA    . VAL A 1 93  ? 4.232   -5.782  11.856  1.00 9.94  ? 93   VAL A CA    1 
ATOM   738  C C     . VAL A 1 93  ? 3.742   -5.216  10.519  1.00 9.73  ? 93   VAL A C     1 
ATOM   739  O O     . VAL A 1 93  ? 4.159   -4.133  10.103  1.00 7.64  ? 93   VAL A O     1 
ATOM   740  C CB    . VAL A 1 93  ? 5.384   -6.786  11.620  1.00 9.71  ? 93   VAL A CB    1 
ATOM   741  C CG1   . VAL A 1 93  ? 6.450   -6.162  10.738  1.00 10.40 ? 93   VAL A CG1   1 
ATOM   742  C CG2   . VAL A 1 93  ? 5.993   -7.203  12.969  1.00 10.79 ? 93   VAL A CG2   1 
ATOM   743  N N     . ALA A 1 94  ? 2.852   -5.947  9.852   1.00 8.82  ? 94   ALA A N     1 
ATOM   744  C CA    . ALA A 1 94  ? 2.305   -5.483  8.580   1.00 7.27  ? 94   ALA A CA    1 
ATOM   745  C C     . ALA A 1 94  ? 1.515   -4.199  8.838   1.00 7.89  ? 94   ALA A C     1 
ATOM   746  O O     . ALA A 1 94  ? 1.637   -3.225  8.102   1.00 8.00  ? 94   ALA A O     1 
ATOM   747  C CB    . ALA A 1 94  ? 1.390   -6.545  7.976   1.00 8.51  ? 94   ALA A CB    1 
ATOM   748  N N     . MET A 1 95  ? 0.706   -4.212  9.890   1.00 7.84  ? 95   MET A N     1 
ATOM   749  C CA    . MET A 1 95  ? -0.099  -3.052  10.251  1.00 7.50  ? 95   MET A CA    1 
ATOM   750  C C     . MET A 1 95  ? 0.820   -1.857  10.517  1.00 6.42  ? 95   MET A C     1 
ATOM   751  O O     . MET A 1 95  ? 0.604   -0.755  10.000  1.00 5.10  ? 95   MET A O     1 
ATOM   752  C CB    . MET A 1 95  ? -0.919  -3.363  11.501  1.00 8.74  ? 95   MET A CB    1 
ATOM   753  C CG    . MET A 1 95  ? -1.839  -2.234  11.935  1.00 11.11 ? 95   MET A CG    1 
ATOM   754  S SD    . MET A 1 95  ? -2.713  -2.624  13.458  1.00 14.77 ? 95   MET A SD    1 
ATOM   755  C CE    . MET A 1 95  ? -2.607  -1.064  14.312  1.00 18.53 ? 95   MET A CE    1 
ATOM   756  N N     . ASP A 1 96  ? 1.849   -2.102  11.320  1.00 7.05  ? 96   ASP A N     1 
ATOM   757  C CA    . ASP A 1 96  ? 2.843   -1.096  11.690  1.00 6.74  ? 96   ASP A CA    1 
ATOM   758  C C     . ASP A 1 96  ? 3.503   -0.470  10.457  1.00 6.75  ? 96   ASP A C     1 
ATOM   759  O O     . ASP A 1 96  ? 3.508   0.747   10.293  1.00 7.28  ? 96   ASP A O     1 
ATOM   760  C CB    . ASP A 1 96  ? 3.893   -1.755  12.599  1.00 8.15  ? 96   ASP A CB    1 
ATOM   761  C CG    . ASP A 1 96  ? 5.059   -0.835  12.941  1.00 10.10 ? 96   ASP A CG    1 
ATOM   762  O OD1   . ASP A 1 96  ? 4.862   0.395   13.035  1.00 10.28 ? 96   ASP A OD1   1 
ATOM   763  O OD2   . ASP A 1 96  ? 6.179   -1.359  13.140  1.00 11.68 ? 96   ASP A OD2   1 
ATOM   764  N N     . ILE A 1 97  ? 4.043   -1.312  9.585   1.00 6.37  ? 97   ILE A N     1 
ATOM   765  C CA    . ILE A 1 97  ? 4.712   -0.837  8.380   1.00 5.60  ? 97   ILE A CA    1 
ATOM   766  C C     . ILE A 1 97  ? 3.762   -0.138  7.395   1.00 7.20  ? 97   ILE A C     1 
ATOM   767  O O     . ILE A 1 97  ? 4.100   0.918   6.844   1.00 5.77  ? 97   ILE A O     1 
ATOM   768  C CB    . ILE A 1 97  ? 5.466   -2.001  7.705   1.00 6.92  ? 97   ILE A CB    1 
ATOM   769  C CG1   . ILE A 1 97  ? 6.591   -2.463  8.642   1.00 7.25  ? 97   ILE A CG1   1 
ATOM   770  C CG2   . ILE A 1 97  ? 6.004   -1.572  6.337   1.00 6.37  ? 97   ILE A CG2   1 
ATOM   771  C CD1   . ILE A 1 97  ? 7.494   -3.566  8.097   1.00 8.62  ? 97   ILE A CD1   1 
ATOM   772  N N     . LEU A 1 98  ? 2.580   -0.708  7.179   1.00 5.78  ? 98   LEU A N     1 
ATOM   773  C CA    . LEU A 1 98  ? 1.606   -0.088  6.281   1.00 8.50  ? 98   LEU A CA    1 
ATOM   774  C C     . LEU A 1 98  ? 1.251   1.308   6.808   1.00 9.19  ? 98   LEU A C     1 
ATOM   775  O O     . LEU A 1 98  ? 1.070   2.250   6.032   1.00 7.62  ? 98   LEU A O     1 
ATOM   776  C CB    . LEU A 1 98  ? 0.350   -0.961  6.170   1.00 7.10  ? 98   LEU A CB    1 
ATOM   777  C CG    . LEU A 1 98  ? 0.561   -2.249  5.360   1.00 7.78  ? 98   LEU A CG    1 
ATOM   778  C CD1   . LEU A 1 98  ? -0.611  -3.199  5.555   1.00 6.83  ? 98   LEU A CD1   1 
ATOM   779  C CD2   . LEU A 1 98  ? 0.730   -1.897  3.885   1.00 9.25  ? 98   LEU A CD2   1 
ATOM   780  N N     . ASN A 1 99  ? 1.164   1.445   8.128   1.00 8.45  ? 99   ASN A N     1 
ATOM   781  C CA    . ASN A 1 99  ? 0.857   2.742   8.718   1.00 8.21  ? 99   ASN A CA    1 
ATOM   782  C C     . ASN A 1 99  ? 2.031   3.711   8.565   1.00 7.55  ? 99   ASN A C     1 
ATOM   783  O O     . ASN A 1 99  ? 1.838   4.887   8.268   1.00 7.82  ? 99   ASN A O     1 
ATOM   784  C CB    . ASN A 1 99  ? 0.505   2.599   10.205  1.00 9.13  ? 99   ASN A CB    1 
ATOM   785  C CG    . ASN A 1 99  ? 0.497   3.939   10.934  1.00 11.65 ? 99   ASN A CG    1 
ATOM   786  O OD1   . ASN A 1 99  ? 1.414   4.254   11.698  1.00 14.58 ? 99   ASN A OD1   1 
ATOM   787  N ND2   . ASN A 1 99  ? -0.533  4.739   10.684  1.00 10.40 ? 99   ASN A ND2   1 
ATOM   788  N N     . ARG A 1 100 ? 3.248   3.216   8.764   1.00 7.19  ? 100  ARG A N     1 
ATOM   789  C CA    . ARG A 1 100 ? 4.427   4.071   8.650   1.00 7.33  ? 100  ARG A CA    1 
ATOM   790  C C     . ARG A 1 100 ? 4.613   4.601   7.235   1.00 8.00  ? 100  ARG A C     1 
ATOM   791  O O     . ARG A 1 100 ? 5.017   5.745   7.050   1.00 7.77  ? 100  ARG A O     1 
ATOM   792  C CB    . ARG A 1 100 ? 5.684   3.316   9.095   1.00 7.01  ? 100  ARG A CB    1 
ATOM   793  C CG    . ARG A 1 100 ? 5.811   3.184   10.607  1.00 8.57  ? 100  ARG A CG    1 
ATOM   794  C CD    . ARG A 1 100 ? 6.913   2.215   11.006  1.00 8.67  ? 100  ARG A CD    1 
ATOM   795  N NE    . ARG A 1 100 ? 6.997   2.093   12.459  1.00 9.22  ? 100  ARG A NE    1 
ATOM   796  C CZ    . ARG A 1 100 ? 7.666   2.929   13.248  1.00 10.87 ? 100  ARG A CZ    1 
ATOM   797  N NH1   . ARG A 1 100 ? 8.328   3.954   12.729  1.00 8.06  ? 100  ARG A NH1   1 
ATOM   798  N NH2   . ARG A 1 100 ? 7.651   2.750   14.564  1.00 11.34 ? 100  ARG A NH2   1 
ATOM   799  N N     . VAL A 1 101 ? 4.318   3.773   6.237   1.00 7.11  ? 101  VAL A N     1 
ATOM   800  C CA    . VAL A 1 101 ? 4.453   4.194   4.843   1.00 7.69  ? 101  VAL A CA    1 
ATOM   801  C C     . VAL A 1 101 ? 3.431   5.290   4.551   1.00 7.24  ? 101  VAL A C     1 
ATOM   802  O O     . VAL A 1 101 ? 3.749   6.307   3.934   1.00 6.78  ? 101  VAL A O     1 
ATOM   803  C CB    . VAL A 1 101 ? 4.241   3.001   3.882   1.00 5.86  ? 101  VAL A CB    1 
ATOM   804  C CG1   . VAL A 1 101 ? 4.105   3.488   2.437   1.00 8.42  ? 101  VAL A CG1   1 
ATOM   805  C CG2   . VAL A 1 101 ? 5.413   2.040   4.001   1.00 8.39  ? 101  VAL A CG2   1 
ATOM   806  N N     . TYR A 1 102 ? 2.202   5.071   5.007   1.00 7.39  ? 102  TYR A N     1 
ATOM   807  C CA    . TYR A 1 102 ? 1.125   6.034   4.824   1.00 7.68  ? 102  TYR A CA    1 
ATOM   808  C C     . TYR A 1 102 ? 1.470   7.368   5.501   1.00 8.19  ? 102  TYR A C     1 
ATOM   809  O O     . TYR A 1 102 ? 1.364   8.433   4.884   1.00 5.77  ? 102  TYR A O     1 
ATOM   810  C CB    . TYR A 1 102 ? -0.169  5.473   5.418   1.00 8.87  ? 102  TYR A CB    1 
ATOM   811  C CG    . TYR A 1 102 ? -1.282  6.484   5.527   1.00 11.78 ? 102  TYR A CG    1 
ATOM   812  C CD1   . TYR A 1 102 ? -2.070  6.808   4.422   1.00 11.89 ? 102  TYR A CD1   1 
ATOM   813  C CD2   . TYR A 1 102 ? -1.538  7.129   6.735   1.00 12.25 ? 102  TYR A CD2   1 
ATOM   814  C CE1   . TYR A 1 102 ? -3.091  7.751   4.522   1.00 13.43 ? 102  TYR A CE1   1 
ATOM   815  C CE2   . TYR A 1 102 ? -2.551  8.075   6.846   1.00 13.94 ? 102  TYR A CE2   1 
ATOM   816  C CZ    . TYR A 1 102 ? -3.322  8.378   5.739   1.00 14.94 ? 102  TYR A CZ    1 
ATOM   817  O OH    . TYR A 1 102 ? -4.333  9.300   5.853   1.00 16.13 ? 102  TYR A OH    1 
ATOM   818  N N     . GLN A 1 103 ? 1.884   7.310   6.765   1.00 8.08  ? 103  GLN A N     1 
ATOM   819  C CA    . GLN A 1 103 ? 2.226   8.532   7.497   1.00 9.59  ? 103  GLN A CA    1 
ATOM   820  C C     . GLN A 1 103 ? 3.371   9.274   6.816   1.00 9.07  ? 103  GLN A C     1 
ATOM   821  O O     . GLN A 1 103 ? 3.326   10.496  6.662   1.00 9.49  ? 103  GLN A O     1 
ATOM   822  C CB    . GLN A 1 103 ? 2.631   8.218   8.942   1.00 10.39 ? 103  GLN A CB    1 
ATOM   823  C CG    . GLN A 1 103 ? 1.542   7.586   9.819   1.00 12.87 ? 103  GLN A CG    1 
ATOM   824  C CD    . GLN A 1 103 ? 0.250   8.390   9.861   1.00 15.17 ? 103  GLN A CD    1 
ATOM   825  O OE1   . GLN A 1 103 ? 0.256   9.618   9.720   1.00 15.10 ? 103  GLN A OE1   1 
ATOM   826  N NE2   . GLN A 1 103 ? -0.868  7.697   10.080  1.00 14.54 ? 103  GLN A NE2   1 
ATOM   827  N N     . GLY A 1 104 ? 4.397   8.526   6.415   1.00 10.50 ? 104  GLY A N     1 
ATOM   828  C CA    . GLY A 1 104 ? 5.552   9.127   5.766   1.00 10.07 ? 104  GLY A CA    1 
ATOM   829  C C     . GLY A 1 104 ? 5.243   9.847   4.466   1.00 11.02 ? 104  GLY A C     1 
ATOM   830  O O     . GLY A 1 104 ? 5.735   10.955  4.229   1.00 12.13 ? 104  GLY A O     1 
ATOM   831  N N     . LEU A 1 105 ? 4.439   9.218   3.610   1.00 9.53  ? 105  LEU A N     1 
ATOM   832  C CA    . LEU A 1 105 ? 4.072   9.829   2.337   1.00 7.31  ? 105  LEU A CA    1 
ATOM   833  C C     . LEU A 1 105 ? 3.227   11.074  2.585   1.00 8.26  ? 105  LEU A C     1 
ATOM   834  O O     . LEU A 1 105 ? 3.359   12.081  1.883   1.00 7.79  ? 105  LEU A O     1 
ATOM   835  C CB    . LEU A 1 105 ? 3.311   8.817   1.471   1.00 6.98  ? 105  LEU A CB    1 
ATOM   836  C CG    . LEU A 1 105 ? 4.179   7.648   0.991   1.00 6.38  ? 105  LEU A CG    1 
ATOM   837  C CD1   . LEU A 1 105 ? 3.304   6.554   0.370   1.00 7.76  ? 105  LEU A CD1   1 
ATOM   838  C CD2   . LEU A 1 105 ? 5.199   8.166   -0.016  1.00 6.64  ? 105  LEU A CD2   1 
ATOM   839  N N     . LYS A 1 106 ? 2.368   11.011  3.599   1.00 8.35  ? 106  LYS A N     1 
ATOM   840  C CA    . LYS A 1 106 ? 1.519   12.144  3.933   1.00 11.81 ? 106  LYS A CA    1 
ATOM   841  C C     . LYS A 1 106 ? 2.398   13.297  4.421   1.00 11.43 ? 106  LYS A C     1 
ATOM   842  O O     . LYS A 1 106 ? 2.238   14.436  3.988   1.00 11.86 ? 106  LYS A O     1 
ATOM   843  C CB    . LYS A 1 106 ? 0.509   11.747  5.016   1.00 14.95 ? 106  LYS A CB    1 
ATOM   844  C CG    . LYS A 1 106 ? -0.551  12.794  5.300   1.00 20.93 ? 106  LYS A CG    1 
ATOM   845  C CD    . LYS A 1 106 ? -1.532  12.319  6.366   1.00 23.92 ? 106  LYS A CD    1 
ATOM   846  C CE    . LYS A 1 106 ? -2.637  13.341  6.581   1.00 27.20 ? 106  LYS A CE    1 
ATOM   847  N NZ    . LYS A 1 106 ? -3.515  12.983  7.730   1.00 31.49 ? 106  LYS A NZ    1 
ATOM   848  N N     . GLU A 1 107 ? 3.339   12.989  5.306   1.00 12.30 ? 107  GLU A N     1 
ATOM   849  C CA    . GLU A 1 107 ? 4.239   14.004  5.845   1.00 12.62 ? 107  GLU A CA    1 
ATOM   850  C C     . GLU A 1 107 ? 5.102   14.609  4.739   1.00 13.92 ? 107  GLU A C     1 
ATOM   851  O O     . GLU A 1 107 ? 5.572   15.745  4.854   1.00 12.12 ? 107  GLU A O     1 
ATOM   852  C CB    . GLU A 1 107 ? 5.109   13.385  6.949   1.00 13.55 ? 107  GLU A CB    1 
ATOM   853  C CG    . GLU A 1 107 ? 4.258   12.755  8.049   1.00 14.02 ? 107  GLU A CG    1 
ATOM   854  C CD    . GLU A 1 107 ? 5.046   11.969  9.080   1.00 15.02 ? 107  GLU A CD    1 
ATOM   855  O OE1   . GLU A 1 107 ? 6.112   11.408  8.741   1.00 14.75 ? 107  GLU A OE1   1 
ATOM   856  O OE2   . GLU A 1 107 ? 4.575   11.890  10.235  1.00 16.31 ? 107  GLU A OE2   1 
ATOM   857  N N     . ARG A 1 108 ? 5.299   13.863  3.657   1.00 12.99 ? 108  ARG A N     1 
ATOM   858  C CA    . ARG A 1 108 ? 6.094   14.371  2.550   1.00 13.38 ? 108  ARG A CA    1 
ATOM   859  C C     . ARG A 1 108 ? 5.293   15.295  1.643   1.00 12.08 ? 108  ARG A C     1 
ATOM   860  O O     . ARG A 1 108 ? 5.832   15.850  0.685   1.00 14.09 ? 108  ARG A O     1 
ATOM   861  C CB    . ARG A 1 108 ? 6.699   13.224  1.739   1.00 13.22 ? 108  ARG A CB    1 
ATOM   862  C CG    . ARG A 1 108 ? 7.918   12.600  2.408   1.00 14.80 ? 108  ARG A CG    1 
ATOM   863  C CD    . ARG A 1 108 ? 8.686   11.733  1.428   1.00 15.10 ? 108  ARG A CD    1 
ATOM   864  N NE    . ARG A 1 108 ? 9.971   11.292  1.962   1.00 12.40 ? 108  ARG A NE    1 
ATOM   865  C CZ    . ARG A 1 108 ? 10.920  10.730  1.222   1.00 15.36 ? 108  ARG A CZ    1 
ATOM   866  N NH1   . ARG A 1 108 ? 10.723  10.550  -0.077  1.00 17.99 ? 108  ARG A NH1   1 
ATOM   867  N NH2   . ARG A 1 108 ? 12.062  10.337  1.777   1.00 13.54 ? 108  ARG A NH2   1 
ATOM   868  N N     . GLY A 1 109 ? 4.004   15.449  1.936   1.00 11.41 ? 109  GLY A N     1 
ATOM   869  C CA    . GLY A 1 109 ? 3.177   16.352  1.153   1.00 9.49  ? 109  GLY A CA    1 
ATOM   870  C C     . GLY A 1 109 ? 2.318   15.776  0.043   1.00 9.68  ? 109  GLY A C     1 
ATOM   871  O O     . GLY A 1 109 ? 1.721   16.531  -0.715  1.00 9.32  ? 109  GLY A O     1 
ATOM   872  N N     . PHE A 1 110 ? 2.259   14.452  -0.070  1.00 9.94  ? 110  PHE A N     1 
ATOM   873  C CA    . PHE A 1 110 ? 1.436   13.823  -1.100  1.00 10.19 ? 110  PHE A CA    1 
ATOM   874  C C     . PHE A 1 110 ? 0.006   13.703  -0.593  1.00 10.26 ? 110  PHE A C     1 
ATOM   875  O O     . PHE A 1 110 ? -0.229  13.753  0.614   1.00 10.56 ? 110  PHE A O     1 
ATOM   876  C CB    . PHE A 1 110 ? 1.950   12.417  -1.410  1.00 9.35  ? 110  PHE A CB    1 
ATOM   877  C CG    . PHE A 1 110 ? 3.289   12.391  -2.079  1.00 11.39 ? 110  PHE A CG    1 
ATOM   878  C CD1   . PHE A 1 110 ? 3.420   12.758  -3.417  1.00 11.83 ? 110  PHE A CD1   1 
ATOM   879  C CD2   . PHE A 1 110 ? 4.420   11.986  -1.379  1.00 10.61 ? 110  PHE A CD2   1 
ATOM   880  C CE1   . PHE A 1 110 ? 4.659   12.717  -4.046  1.00 12.73 ? 110  PHE A CE1   1 
ATOM   881  C CE2   . PHE A 1 110 ? 5.663   11.941  -1.998  1.00 10.82 ? 110  PHE A CE2   1 
ATOM   882  C CZ    . PHE A 1 110 ? 5.784   12.307  -3.335  1.00 11.03 ? 110  PHE A CZ    1 
ATOM   883  N N     . ASN A 1 111 ? -0.946  13.570  -1.515  1.00 10.09 ? 111  ASN A N     1 
ATOM   884  C CA    . ASN A 1 111 ? -2.344  13.374  -1.142  1.00 11.24 ? 111  ASN A CA    1 
ATOM   885  C C     . ASN A 1 111 ? -2.397  11.854  -1.053  1.00 10.59 ? 111  ASN A C     1 
ATOM   886  O O     . ASN A 1 111 ? -2.315  11.175  -2.075  1.00 8.99  ? 111  ASN A O     1 
ATOM   887  C CB    . ASN A 1 111 ? -3.284  13.857  -2.247  1.00 13.07 ? 111  ASN A CB    1 
ATOM   888  C CG    . ASN A 1 111 ? -4.745  13.677  -1.881  1.00 17.91 ? 111  ASN A CG    1 
ATOM   889  O OD1   . ASN A 1 111 ? -5.587  13.418  -2.745  1.00 20.37 ? 111  ASN A OD1   1 
ATOM   890  N ND2   . ASN A 1 111 ? -5.058  13.821  -0.594  1.00 17.03 ? 111  ASN A ND2   1 
ATOM   891  N N     . VAL A 1 112 ? -2.537  11.323  0.157   1.00 9.13  ? 112  VAL A N     1 
ATOM   892  C CA    . VAL A 1 112 ? -2.511  9.877   0.336   1.00 9.69  ? 112  VAL A CA    1 
ATOM   893  C C     . VAL A 1 112 ? -3.778  9.236   0.878   1.00 10.07 ? 112  VAL A C     1 
ATOM   894  O O     . VAL A 1 112 ? -4.418  9.758   1.789   1.00 9.82  ? 112  VAL A O     1 
ATOM   895  C CB    . VAL A 1 112 ? -1.340  9.479   1.267   1.00 9.22  ? 112  VAL A CB    1 
ATOM   896  C CG1   . VAL A 1 112 ? -1.097  7.981   1.204   1.00 9.16  ? 112  VAL A CG1   1 
ATOM   897  C CG2   . VAL A 1 112 ? -0.089  10.244  0.878   1.00 9.51  ? 112  VAL A CG2   1 
ATOM   898  N N     . GLY A 1 113 ? -4.112  8.083   0.309   1.00 10.94 ? 113  GLY A N     1 
ATOM   899  C CA    . GLY A 1 113 ? -5.280  7.342   0.740   1.00 10.49 ? 113  GLY A CA    1 
ATOM   900  C C     . GLY A 1 113 ? -4.850  5.988   1.270   1.00 10.43 ? 113  GLY A C     1 
ATOM   901  O O     . GLY A 1 113 ? -3.725  5.546   1.027   1.00 8.34  ? 113  GLY A O     1 
ATOM   902  N N     . LYS A 1 114 ? -5.738  5.334   2.010   1.00 10.29 ? 114  LYS A N     1 
ATOM   903  C CA    . LYS A 1 114 ? -5.445  4.019   2.562   1.00 11.21 ? 114  LYS A CA    1 
ATOM   904  C C     . LYS A 1 114 ? -6.749  3.244   2.706   1.00 11.68 ? 114  LYS A C     1 
ATOM   905  O O     . LYS A 1 114 ? -7.831  3.828   2.677   1.00 11.67 ? 114  LYS A O     1 
ATOM   906  C CB    . LYS A 1 114 ? -4.774  4.149   3.932   1.00 11.80 ? 114  LYS A CB    1 
ATOM   907  C CG    . LYS A 1 114 ? -5.601  4.938   4.943   1.00 13.92 ? 114  LYS A CG    1 
ATOM   908  C CD    . LYS A 1 114 ? -4.899  5.046   6.282   1.00 19.77 ? 114  LYS A CD    1 
ATOM   909  C CE    . LYS A 1 114 ? -5.719  5.871   7.266   1.00 20.34 ? 114  LYS A CE    1 
ATOM   910  N NZ    . LYS A 1 114 ? -5.067  5.914   8.598   1.00 25.62 ? 114  LYS A NZ    1 
ATOM   911  N N     . ALA A 1 115 ? -6.635  1.930   2.849   1.00 11.97 ? 115  ALA A N     1 
ATOM   912  C CA    . ALA A 1 115 ? -7.797  1.067   3.021   1.00 12.12 ? 115  ALA A CA    1 
ATOM   913  C C     . ALA A 1 115 ? -7.676  0.394   4.380   1.00 12.48 ? 115  ALA A C     1 
ATOM   914  O O     . ALA A 1 115 ? -6.573  0.211   4.890   1.00 13.29 ? 115  ALA A O     1 
ATOM   915  C CB    . ALA A 1 115 ? -7.842  0.015   1.919   1.00 12.35 ? 115  ALA A CB    1 
ATOM   916  N N     . PRO A 1 116 ? -8.808  0.026   4.993   1.00 13.71 ? 116  PRO A N     1 
ATOM   917  C CA    . PRO A 1 116 ? -8.731  -0.625  6.304   1.00 13.27 ? 116  PRO A CA    1 
ATOM   918  C C     . PRO A 1 116 ? -7.896  -1.909  6.315   1.00 12.83 ? 116  PRO A C     1 
ATOM   919  O O     . PRO A 1 116 ? -7.837  -2.651  5.330   1.00 12.04 ? 116  PRO A O     1 
ATOM   920  C CB    . PRO A 1 116 ? -10.205 -0.846  6.677   1.00 14.62 ? 116  PRO A CB    1 
ATOM   921  C CG    . PRO A 1 116 ? -10.937 -0.756  5.365   1.00 17.29 ? 116  PRO A CG    1 
ATOM   922  C CD    . PRO A 1 116 ? -10.203 0.304   4.615   1.00 12.28 ? 116  PRO A CD    1 
ATOM   923  N N     . PHE A 1 117 ? -7.250  -2.159  7.445   1.00 10.26 ? 117  PHE A N     1 
ATOM   924  C CA    . PHE A 1 117 ? -6.383  -3.319  7.605   1.00 10.16 ? 117  PHE A CA    1 
ATOM   925  C C     . PHE A 1 117 ? -7.081  -4.543  8.192   1.00 8.87  ? 117  PHE A C     1 
ATOM   926  O O     . PHE A 1 117 ? -7.907  -4.421  9.093   1.00 9.89  ? 117  PHE A O     1 
ATOM   927  C CB    . PHE A 1 117 ? -5.199  -2.936  8.504   1.00 9.51  ? 117  PHE A CB    1 
ATOM   928  C CG    . PHE A 1 117 ? -4.237  -4.060  8.760   1.00 9.71  ? 117  PHE A CG    1 
ATOM   929  C CD1   . PHE A 1 117 ? -3.166  -4.290  7.901   1.00 9.43  ? 117  PHE A CD1   1 
ATOM   930  C CD2   . PHE A 1 117 ? -4.399  -4.889  9.870   1.00 10.54 ? 117  PHE A CD2   1 
ATOM   931  C CE1   . PHE A 1 117 ? -2.265  -5.331  8.143   1.00 11.00 ? 117  PHE A CE1   1 
ATOM   932  C CE2   . PHE A 1 117 ? -3.509  -5.930  10.123  1.00 9.63  ? 117  PHE A CE2   1 
ATOM   933  C CZ    . PHE A 1 117 ? -2.437  -6.152  9.258   1.00 10.59 ? 117  PHE A CZ    1 
ATOM   934  N N     . GLY A 1 118 ? -6.738  -5.718  7.668   1.00 9.22  ? 118  GLY A N     1 
ATOM   935  C CA    . GLY A 1 118 ? -7.288  -6.963  8.179   1.00 9.96  ? 118  GLY A CA    1 
ATOM   936  C C     . GLY A 1 118 ? -8.537  -7.499  7.511   1.00 10.71 ? 118  GLY A C     1 
ATOM   937  O O     . GLY A 1 118 ? -9.274  -8.282  8.119   1.00 10.66 ? 118  GLY A O     1 
ATOM   938  N N     . TYR A 1 119 ? -8.769  -7.108  6.260   1.00 9.36  ? 119  TYR A N     1 
ATOM   939  C CA    . TYR A 1 119 ? -9.958  -7.552  5.543   1.00 9.18  ? 119  TYR A CA    1 
ATOM   940  C C     . TYR A 1 119 ? -9.698  -8.070  4.146   1.00 9.06  ? 119  TYR A C     1 
ATOM   941  O O     . TYR A 1 119 ? -8.663  -7.797  3.543   1.00 8.33  ? 119  TYR A O     1 
ATOM   942  C CB    . TYR A 1 119 ? -10.956 -6.405  5.376   1.00 10.39 ? 119  TYR A CB    1 
ATOM   943  C CG    . TYR A 1 119 ? -11.477 -5.796  6.647   1.00 11.34 ? 119  TYR A CG    1 
ATOM   944  C CD1   . TYR A 1 119 ? -10.822 -4.723  7.252   1.00 9.55  ? 119  TYR A CD1   1 
ATOM   945  C CD2   . TYR A 1 119 ? -12.639 -6.278  7.238   1.00 11.47 ? 119  TYR A CD2   1 
ATOM   946  C CE1   . TYR A 1 119 ? -11.319 -4.146  8.414   1.00 10.43 ? 119  TYR A CE1   1 
ATOM   947  C CE2   . TYR A 1 119 ? -13.143 -5.711  8.399   1.00 12.76 ? 119  TYR A CE2   1 
ATOM   948  C CZ    . TYR A 1 119 ? -12.482 -4.647  8.981   1.00 13.26 ? 119  TYR A CZ    1 
ATOM   949  O OH    . TYR A 1 119 ? -12.988 -4.085  10.131  1.00 12.88 ? 119  TYR A OH    1 
ATOM   950  N N     . TYR A 1 120 ? -10.662 -8.831  3.644   1.00 8.84  ? 120  TYR A N     1 
ATOM   951  C CA    . TYR A 1 120 ? -10.619 -9.295  2.270   1.00 9.46  ? 120  TYR A CA    1 
ATOM   952  C C     . TYR A 1 120 ? -11.408 -8.148  1.646   1.00 9.02  ? 120  TYR A C     1 
ATOM   953  O O     . TYR A 1 120 ? -12.445 -7.750  2.173   1.00 9.78  ? 120  TYR A O     1 
ATOM   954  C CB    . TYR A 1 120 ? -11.360 -10.622 2.117   1.00 10.55 ? 120  TYR A CB    1 
ATOM   955  C CG    . TYR A 1 120 ? -10.587 -11.780 2.697   1.00 11.58 ? 120  TYR A CG    1 
ATOM   956  C CD1   . TYR A 1 120 ? -9.324  -12.113 2.204   1.00 12.19 ? 120  TYR A CD1   1 
ATOM   957  C CD2   . TYR A 1 120 ? -11.103 -12.532 3.751   1.00 13.41 ? 120  TYR A CD2   1 
ATOM   958  C CE1   . TYR A 1 120 ? -8.592  -13.165 2.749   1.00 14.00 ? 120  TYR A CE1   1 
ATOM   959  C CE2   . TYR A 1 120 ? -10.381 -13.585 4.304   1.00 13.19 ? 120  TYR A CE2   1 
ATOM   960  C CZ    . TYR A 1 120 ? -9.128  -13.896 3.800   1.00 14.04 ? 120  TYR A CZ    1 
ATOM   961  O OH    . TYR A 1 120 ? -8.410  -14.933 4.352   1.00 16.43 ? 120  TYR A OH    1 
ATOM   962  N N     . LYS A 1 121 ? -10.908 -7.586  0.556   1.00 8.24  ? 121  LYS A N     1 
ATOM   963  C CA    . LYS A 1 121 ? -11.592 -6.460  -0.062  1.00 7.39  ? 121  LYS A CA    1 
ATOM   964  C C     . LYS A 1 121 ? -11.717 -6.618  -1.567  1.00 6.73  ? 121  LYS A C     1 
ATOM   965  O O     . LYS A 1 121 ? -10.807 -7.120  -2.223  1.00 5.77  ? 121  LYS A O     1 
ATOM   966  C CB    . LYS A 1 121 ? -10.824 -5.160  0.214   1.00 8.87  ? 121  LYS A CB    1 
ATOM   967  C CG    . LYS A 1 121 ? -10.379 -4.951  1.667   1.00 7.90  ? 121  LYS A CG    1 
ATOM   968  C CD    . LYS A 1 121 ? -9.681  -3.589  1.843   1.00 7.68  ? 121  LYS A CD    1 
ATOM   969  C CE    . LYS A 1 121 ? -8.439  -3.478  0.969   1.00 9.92  ? 121  LYS A CE    1 
ATOM   970  N NZ    . LYS A 1 121 ? -7.446  -4.554  1.263   1.00 11.05 ? 121  LYS A NZ    1 
ATOM   971  N N     . ALA A 1 122 ? -12.852 -6.194  -2.106  1.00 7.58  ? 122  ALA A N     1 
ATOM   972  C CA    . ALA A 1 122 ? -13.050 -6.232  -3.546  1.00 7.72  ? 122  ALA A CA    1 
ATOM   973  C C     . ALA A 1 122 ? -12.437 -4.919  -4.018  1.00 8.52  ? 122  ALA A C     1 
ATOM   974  O O     . ALA A 1 122 ? -12.366 -3.963  -3.247  1.00 8.01  ? 122  ALA A O     1 
ATOM   975  C CB    . ALA A 1 122 ? -14.532 -6.262  -3.875  1.00 10.43 ? 122  ALA A CB    1 
ATOM   976  N N     . PHE A 1 123 ? -11.956 -4.871  -5.254  1.00 7.36  ? 123  PHE A N     1 
ATOM   977  C CA    . PHE A 1 123 ? -11.405 -3.624  -5.762  1.00 7.56  ? 123  PHE A CA    1 
ATOM   978  C C     . PHE A 1 123 ? -11.557 -3.522  -7.267  1.00 7.33  ? 123  PHE A C     1 
ATOM   979  O O     . PHE A 1 123 ? -11.699 -4.527  -7.967  1.00 7.86  ? 123  PHE A O     1 
ATOM   980  C CB    . PHE A 1 123 ? -9.921  -3.443  -5.370  1.00 8.12  ? 123  PHE A CB    1 
ATOM   981  C CG    . PHE A 1 123 ? -8.956  -4.323  -6.136  1.00 9.44  ? 123  PHE A CG    1 
ATOM   982  C CD1   . PHE A 1 123 ? -8.585  -5.571  -5.642  1.00 8.17  ? 123  PHE A CD1   1 
ATOM   983  C CD2   . PHE A 1 123 ? -8.410  -3.891  -7.346  1.00 10.38 ? 123  PHE A CD2   1 
ATOM   984  C CE1   . PHE A 1 123 ? -7.683  -6.382  -6.339  1.00 10.12 ? 123  PHE A CE1   1 
ATOM   985  C CE2   . PHE A 1 123 ? -7.509  -4.692  -8.053  1.00 10.97 ? 123  PHE A CE2   1 
ATOM   986  C CZ    . PHE A 1 123 ? -7.144  -5.943  -7.546  1.00 8.93  ? 123  PHE A CZ    1 
ATOM   987  N N     . LYS A 1 124 ? -11.564 -2.285  -7.746  1.00 7.18  ? 124  LYS A N     1 
ATOM   988  C CA    . LYS A 1 124 ? -11.658 -1.999  -9.166  1.00 6.72  ? 124  LYS A CA    1 
ATOM   989  C C     . LYS A 1 124 ? -10.529 -1.032  -9.457  1.00 6.52  ? 124  LYS A C     1 
ATOM   990  O O     . LYS A 1 124 ? -10.339 -0.056  -8.729  1.00 6.95  ? 124  LYS A O     1 
ATOM   991  C CB    . LYS A 1 124 ? -12.989 -1.335  -9.501  1.00 7.40  ? 124  LYS A CB    1 
ATOM   992  C CG    . LYS A 1 124 ? -14.193 -2.235  -9.329  1.00 8.97  ? 124  LYS A CG    1 
ATOM   993  C CD    . LYS A 1 124 ? -15.464 -1.535  -9.789  1.00 12.39 ? 124  LYS A CD    1 
ATOM   994  C CE    . LYS A 1 124 ? -16.676 -2.442  -9.593  1.00 15.42 ? 124  LYS A CE    1 
ATOM   995  N NZ    . LYS A 1 124 ? -17.950 -1.762  -9.955  1.00 18.19 ? 124  LYS A NZ    1 
ATOM   996  N N     . ILE A 1 125 ? -9.773  -1.300  -10.512 1.00 6.01  ? 125  ILE A N     1 
ATOM   997  C CA    . ILE A 1 125 ? -8.676  -0.419  -10.864 1.00 6.59  ? 125  ILE A CA    1 
ATOM   998  C C     . ILE A 1 125 ? -8.586  -0.283  -12.384 1.00 7.48  ? 125  ILE A C     1 
ATOM   999  O O     . ILE A 1 125 ? -9.030  -1.164  -13.129 1.00 6.91  ? 125  ILE A O     1 
ATOM   1000 C CB    . ILE A 1 125 ? -7.332  -0.949  -10.276 1.00 7.36  ? 125  ILE A CB    1 
ATOM   1001 C CG1   . ILE A 1 125 ? -6.227  0.099   -10.443 1.00 8.54  ? 125  ILE A CG1   1 
ATOM   1002 C CG2   . ILE A 1 125 ? -6.937  -2.252  -10.958 1.00 7.93  ? 125  ILE A CG2   1 
ATOM   1003 C CD1   . ILE A 1 125 ? -4.907  -0.272  -9.753  1.00 9.62  ? 125  ILE A CD1   1 
ATOM   1004 N N     . SER A 1 126 ? -8.050  0.846   -12.830 1.00 6.61  ? 126  SER A N     1 
ATOM   1005 C CA    . SER A 1 126 ? -7.870  1.120   -14.252 1.00 6.52  ? 126  SER A CA    1 
ATOM   1006 C C     . SER A 1 126 ? -6.444  1.619   -14.404 1.00 8.29  ? 126  SER A C     1 
ATOM   1007 O O     . SER A 1 126 ? -6.120  2.737   -14.003 1.00 10.18 ? 126  SER A O     1 
ATOM   1008 C CB    . SER A 1 126 ? -8.854  2.197   -14.734 1.00 7.86  ? 126  SER A CB    1 
ATOM   1009 O OG    . SER A 1 126 ? -8.601  2.559   -16.086 1.00 8.56  ? 126  SER A OG    1 
ATOM   1010 N N     . CYS A 1 127 ? -5.588  0.766   -14.955 1.00 8.72  ? 127  CYS A N     1 
ATOM   1011 C CA    . CYS A 1 127 ? -4.186  1.098   -15.166 1.00 8.84  ? 127  CYS A CA    1 
ATOM   1012 C C     . CYS A 1 127 ? -4.015  1.889   -16.459 1.00 7.95  ? 127  CYS A C     1 
ATOM   1013 O O     . CYS A 1 127 ? -4.560  1.519   -17.496 1.00 7.49  ? 127  CYS A O     1 
ATOM   1014 C CB    . CYS A 1 127 ? -3.357  -0.184  -15.223 1.00 8.69  ? 127  CYS A CB    1 
ATOM   1015 S SG    . CYS A 1 127 ? -1.609  0.089   -15.553 1.00 10.39 ? 127  CYS A SG    1 
ATOM   1016 N N     . LYS A 1 128 ? -3.241  2.970   -16.390 1.00 6.49  ? 128  LYS A N     1 
ATOM   1017 C CA    . LYS A 1 128 ? -3.010  3.833   -17.542 1.00 8.37  ? 128  LYS A CA    1 
ATOM   1018 C C     . LYS A 1 128 ? -2.306  3.172   -18.725 1.00 7.61  ? 128  LYS A C     1 
ATOM   1019 O O     . LYS A 1 128 ? -2.454  3.611   -19.864 1.00 8.44  ? 128  LYS A O     1 
ATOM   1020 C CB    . LYS A 1 128 ? -2.244  5.080   -17.101 1.00 8.05  ? 128  LYS A CB    1 
ATOM   1021 C CG    . LYS A 1 128 ? -3.056  5.993   -16.180 1.00 8.96  ? 128  LYS A CG    1 
ATOM   1022 C CD    . LYS A 1 128 ? -2.263  7.222   -15.777 1.00 9.43  ? 128  LYS A CD    1 
ATOM   1023 C CE    . LYS A 1 128 ? -3.080  8.155   -14.889 1.00 12.04 ? 128  LYS A CE    1 
ATOM   1024 N NZ    . LYS A 1 128 ? -4.241  8.762   -15.601 1.00 12.25 ? 128  LYS A NZ    1 
ATOM   1025 N N     . GLY A 1 129 ? -1.535  2.127   -18.467 1.00 6.27  ? 129  GLY A N     1 
ATOM   1026 C CA    . GLY A 1 129 ? -0.876  1.443   -19.564 1.00 7.31  ? 129  GLY A CA    1 
ATOM   1027 C C     . GLY A 1 129 ? 0.304   2.161   -20.193 1.00 8.82  ? 129  GLY A C     1 
ATOM   1028 O O     . GLY A 1 129 ? 0.709   1.831   -21.312 1.00 8.39  ? 129  GLY A O     1 
ATOM   1029 N N     . HIS A 1 130 ? 0.850   3.148   -19.492 1.00 10.82 ? 130  HIS A N     1 
ATOM   1030 C CA    . HIS A 1 130 ? 2.016   3.871   -19.989 1.00 12.12 ? 130  HIS A CA    1 
ATOM   1031 C C     . HIS A 1 130 ? 3.234   3.005   -19.691 1.00 10.95 ? 130  HIS A C     1 
ATOM   1032 O O     . HIS A 1 130 ? 3.158   2.088   -18.876 1.00 10.19 ? 130  HIS A O     1 
ATOM   1033 C CB    . HIS A 1 130 ? 2.174   5.208   -19.267 1.00 14.98 ? 130  HIS A CB    1 
ATOM   1034 C CG    . HIS A 1 130 ? 1.038   6.151   -19.486 1.00 19.75 ? 130  HIS A CG    1 
ATOM   1035 N ND1   . HIS A 1 130 ? 0.546   6.440   -20.739 1.00 20.02 ? 130  HIS A ND1   1 
ATOM   1036 C CD2   . HIS A 1 130 ? 0.310   6.888   -18.614 1.00 21.50 ? 130  HIS A CD2   1 
ATOM   1037 C CE1   . HIS A 1 130 ? -0.439  7.315   -20.632 1.00 26.44 ? 130  HIS A CE1   1 
ATOM   1038 N NE2   . HIS A 1 130 ? -0.602  7.604   -19.353 1.00 27.71 ? 130  HIS A NE2   1 
ATOM   1039 N N     . PRO A 1 131 ? 4.378   3.291   -20.333 1.00 10.60 ? 131  PRO A N     1 
ATOM   1040 C CA    . PRO A 1 131 ? 5.594   2.505   -20.098 1.00 9.72  ? 131  PRO A CA    1 
ATOM   1041 C C     . PRO A 1 131 ? 5.948   2.332   -18.613 1.00 10.53 ? 131  PRO A C     1 
ATOM   1042 O O     . PRO A 1 131 ? 6.426   1.273   -18.205 1.00 11.33 ? 131  PRO A O     1 
ATOM   1043 C CB    . PRO A 1 131 ? 6.661   3.294   -20.855 1.00 10.88 ? 131  PRO A CB    1 
ATOM   1044 C CG    . PRO A 1 131 ? 5.900   3.852   -22.009 1.00 11.21 ? 131  PRO A CG    1 
ATOM   1045 C CD    . PRO A 1 131 ? 4.616   4.333   -21.350 1.00 10.94 ? 131  PRO A CD    1 
ATOM   1046 N N     . LEU A 1 132 ? 5.698   3.360   -17.806 1.00 9.88  ? 132  LEU A N     1 
ATOM   1047 C CA    . LEU A 1 132 ? 6.023   3.303   -16.380 1.00 10.44 ? 132  LEU A CA    1 
ATOM   1048 C C     . LEU A 1 132 ? 4.816   3.091   -15.452 1.00 11.42 ? 132  LEU A C     1 
ATOM   1049 O O     . LEU A 1 132 ? 4.938   3.226   -14.231 1.00 9.82  ? 132  LEU A O     1 
ATOM   1050 C CB    . LEU A 1 132 ? 6.748   4.592   -15.966 1.00 12.02 ? 132  LEU A CB    1 
ATOM   1051 C CG    . LEU A 1 132 ? 8.078   4.904   -16.658 1.00 11.63 ? 132  LEU A CG    1 
ATOM   1052 C CD1   . LEU A 1 132 ? 8.521   6.317   -16.300 1.00 14.70 ? 132  LEU A CD1   1 
ATOM   1053 C CD2   . LEU A 1 132 ? 9.131   3.884   -16.234 1.00 13.17 ? 132  LEU A CD2   1 
ATOM   1054 N N     . ALA A 1 133 ? 3.665   2.748   -16.024 1.00 9.46  ? 133  ALA A N     1 
ATOM   1055 C CA    . ALA A 1 133 ? 2.452   2.550   -15.237 1.00 8.23  ? 133  ALA A CA    1 
ATOM   1056 C C     . ALA A 1 133 ? 2.441   1.290   -14.376 1.00 8.58  ? 133  ALA A C     1 
ATOM   1057 O O     . ALA A 1 133 ? 1.618   1.168   -13.468 1.00 9.13  ? 133  ALA A O     1 
ATOM   1058 C CB    . ALA A 1 133 ? 1.234   2.562   -16.153 1.00 7.20  ? 133  ALA A CB    1 
ATOM   1059 N N     . GLU A 1 134 ? 3.339   0.351   -14.667 1.00 8.88  ? 134  GLU A N     1 
ATOM   1060 C CA    . GLU A 1 134 ? 3.417   -0.892  -13.904 1.00 9.92  ? 134  GLU A CA    1 
ATOM   1061 C C     . GLU A 1 134 ? 4.852   -1.135  -13.470 1.00 10.49 ? 134  GLU A C     1 
ATOM   1062 O O     . GLU A 1 134 ? 5.736   -1.351  -14.305 1.00 10.66 ? 134  GLU A O     1 
ATOM   1063 C CB    . GLU A 1 134 ? 2.934   -2.072  -14.750 1.00 9.43  ? 134  GLU A CB    1 
ATOM   1064 C CG    . GLU A 1 134 ? 1.545   -1.881  -15.320 1.00 11.77 ? 134  GLU A CG    1 
ATOM   1065 C CD    . GLU A 1 134 ? 1.139   -2.995  -16.259 1.00 11.88 ? 134  GLU A CD    1 
ATOM   1066 O OE1   . GLU A 1 134 ? 2.030   -3.734  -16.734 1.00 13.93 ? 134  GLU A OE1   1 
ATOM   1067 O OE2   . GLU A 1 134 ? -0.075  -3.122  -16.534 1.00 12.86 ? 134  GLU A OE2   1 
ATOM   1068 N N     . LEU A 1 135 ? 5.080   -1.107  -12.162 1.00 10.74 ? 135  LEU A N     1 
ATOM   1069 C CA    . LEU A 1 135 ? 6.420   -1.310  -11.621 1.00 11.32 ? 135  LEU A CA    1 
ATOM   1070 C C     . LEU A 1 135 ? 6.406   -2.144  -10.349 1.00 12.97 ? 135  LEU A C     1 
ATOM   1071 O O     . LEU A 1 135 ? 5.476   -2.052  -9.544  1.00 12.20 ? 135  LEU A O     1 
ATOM   1072 C CB    . LEU A 1 135 ? 7.063   0.047   -11.328 1.00 11.53 ? 135  LEU A CB    1 
ATOM   1073 C CG    . LEU A 1 135 ? 7.223   0.971   -12.538 1.00 12.95 ? 135  LEU A CG    1 
ATOM   1074 C CD1   . LEU A 1 135 ? 7.607   2.370   -12.086 1.00 12.59 ? 135  LEU A CD1   1 
ATOM   1075 C CD2   . LEU A 1 135 ? 8.283   0.397   -13.479 1.00 16.51 ? 135  LEU A CD2   1 
ATOM   1076 N N     . SER A 1 136 ? 7.441   -2.957  -10.167 1.00 13.54 ? 136  SER A N     1 
ATOM   1077 C CA    . SER A 1 136 ? 7.549   -3.781  -8.971  1.00 16.07 ? 136  SER A CA    1 
ATOM   1078 C C     . SER A 1 136 ? 8.842   -3.418  -8.257  1.00 17.03 ? 136  SER A C     1 
ATOM   1079 O O     . SER A 1 136 ? 9.843   -3.055  -8.883  1.00 16.16 ? 136  SER A O     1 
ATOM   1080 C CB    . SER A 1 136 ? 7.561   -5.272  -9.316  1.00 18.37 ? 136  SER A CB    1 
ATOM   1081 O OG    . SER A 1 136 ? 8.764   -5.640  -9.971  1.00 22.53 ? 136  SER A OG    1 
ATOM   1082 N N     . ARG A 1 137 ? 8.810   -3.510  -6.938  1.00 15.35 ? 137  ARG A N     1 
ATOM   1083 C CA    . ARG A 1 137 ? 9.963   -3.191  -6.131  1.00 16.02 ? 137  ARG A CA    1 
ATOM   1084 C C     . ARG A 1 137 ? 9.990   -4.106  -4.919  1.00 16.55 ? 137  ARG A C     1 
ATOM   1085 O O     . ARG A 1 137 ? 8.952   -4.407  -4.322  1.00 13.11 ? 137  ARG A O     1 
ATOM   1086 C CB    . ARG A 1 137 ? 9.888   -1.732  -5.669  1.00 16.18 ? 137  ARG A CB    1 
ATOM   1087 C CG    . ARG A 1 137 ? 9.872   -0.689  -6.791  1.00 17.93 ? 137  ARG A CG    1 
ATOM   1088 C CD    . ARG A 1 137 ? 11.230  -0.570  -7.463  1.00 19.87 ? 137  ARG A CD    1 
ATOM   1089 N NE    . ARG A 1 137 ? 11.316  0.580   -8.363  1.00 19.43 ? 137  ARG A NE    1 
ATOM   1090 C CZ    . ARG A 1 137 ? 11.009  0.556   -9.657  1.00 19.15 ? 137  ARG A CZ    1 
ATOM   1091 N NH1   . ARG A 1 137 ? 10.587  -0.565  -10.228 1.00 18.55 ? 137  ARG A NH1   1 
ATOM   1092 N NH2   . ARG A 1 137 ? 11.143  1.658   -10.385 1.00 16.08 ? 137  ARG A NH2   1 
ATOM   1093 N N     . THR A 1 138 ? 11.182  -4.571  -4.573  1.00 17.36 ? 138  THR A N     1 
ATOM   1094 C CA    . THR A 1 138 ? 11.356  -5.413  -3.402  1.00 18.31 ? 138  THR A CA    1 
ATOM   1095 C C     . THR A 1 138 ? 12.203  -4.559  -2.476  1.00 18.15 ? 138  THR A C     1 
ATOM   1096 O O     . THR A 1 138 ? 13.282  -4.111  -2.853  1.00 17.51 ? 138  THR A O     1 
ATOM   1097 C CB    . THR A 1 138 ? 12.099  -6.720  -3.735  1.00 21.14 ? 138  THR A CB    1 
ATOM   1098 O OG1   . THR A 1 138 ? 11.298  -7.514  -4.619  1.00 22.25 ? 138  THR A OG1   1 
ATOM   1099 C CG2   . THR A 1 138 ? 12.372  -7.518  -2.463  1.00 22.33 ? 138  THR A CG2   1 
ATOM   1100 N N     . ILE A 1 139 ? 11.697  -4.311  -1.274  1.00 17.55 ? 139  ILE A N     1 
ATOM   1101 C CA    . ILE A 1 139 ? 12.406  -3.489  -0.306  1.00 19.15 ? 139  ILE A CA    1 
ATOM   1102 C C     . ILE A 1 139 ? 12.582  -4.288  0.975   1.00 19.50 ? 139  ILE A C     1 
ATOM   1103 O O     . ILE A 1 139 ? 11.607  -4.739  1.573   1.00 18.12 ? 139  ILE A O     1 
ATOM   1104 C CB    . ILE A 1 139 ? 11.618  -2.195  0.025   1.00 19.57 ? 139  ILE A CB    1 
ATOM   1105 C CG1   . ILE A 1 139 ? 11.304  -1.416  -1.254  1.00 22.19 ? 139  ILE A CG1   1 
ATOM   1106 C CG2   . ILE A 1 139 ? 12.422  -1.322  0.970   1.00 20.10 ? 139  ILE A CG2   1 
ATOM   1107 C CD1   . ILE A 1 139 ? 10.243  -2.053  -2.112  1.00 26.21 ? 139  ILE A CD1   1 
ATOM   1108 N N     . VAL A 1 140 ? 13.829  -4.470  1.389   1.00 21.58 ? 140  VAL A N     1 
ATOM   1109 C CA    . VAL A 1 140 ? 14.109  -5.225  2.604   1.00 24.35 ? 140  VAL A CA    1 
ATOM   1110 C C     . VAL A 1 140 ? 15.157  -4.517  3.452   1.00 25.97 ? 140  VAL A C     1 
ATOM   1111 O O     . VAL A 1 140 ? 15.901  -3.667  2.959   1.00 24.48 ? 140  VAL A O     1 
ATOM   1112 C CB    . VAL A 1 140 ? 14.603  -6.655  2.275   1.00 24.11 ? 140  VAL A CB    1 
ATOM   1113 C CG1   . VAL A 1 140 ? 13.527  -7.407  1.503   1.00 24.92 ? 140  VAL A CG1   1 
ATOM   1114 C CG2   . VAL A 1 140 ? 15.896  -6.594  1.470   1.00 24.83 ? 140  VAL A CG2   1 
ATOM   1115 N N     . PRO A 1 141 ? 15.222  -4.852  4.749   1.00 28.27 ? 141  PRO A N     1 
ATOM   1116 C CA    . PRO A 1 141 ? 16.208  -4.210  5.617   1.00 31.24 ? 141  PRO A CA    1 
ATOM   1117 C C     . PRO A 1 141 ? 17.637  -4.581  5.223   1.00 34.23 ? 141  PRO A C     1 
ATOM   1118 O O     . PRO A 1 141 ? 17.886  -5.677  4.710   1.00 33.23 ? 141  PRO A O     1 
ATOM   1119 C CB    . PRO A 1 141 ? 15.828  -4.723  7.004   1.00 30.41 ? 141  PRO A CB    1 
ATOM   1120 C CG    . PRO A 1 141 ? 15.306  -6.089  6.715   1.00 30.75 ? 141  PRO A CG    1 
ATOM   1121 C CD    . PRO A 1 141 ? 14.439  -5.854  5.496   1.00 28.84 ? 141  PRO A CD    1 
ATOM   1122 N N     . GLU A 1 142 ? 18.562  -3.654  5.451   1.00 38.57 ? 142  GLU A N     1 
ATOM   1123 C CA    . GLU A 1 142 ? 19.971  -3.866  5.138   1.00 43.79 ? 142  GLU A CA    1 
ATOM   1124 C C     . GLU A 1 142 ? 20.518  -4.969  6.036   1.00 46.26 ? 142  GLU A C     1 
ATOM   1125 O O     . GLU A 1 142 ? 20.538  -4.829  7.261   1.00 47.54 ? 142  GLU A O     1 
ATOM   1126 C CB    . GLU A 1 142 ? 20.767  -2.580  5.377   1.00 44.73 ? 142  GLU A CB    1 
ATOM   1127 C CG    . GLU A 1 142 ? 20.361  -1.406  4.498   1.00 48.23 ? 142  GLU A CG    1 
ATOM   1128 C CD    . GLU A 1 142 ? 20.688  -1.632  3.035   1.00 49.66 ? 142  GLU A CD    1 
ATOM   1129 O OE1   . GLU A 1 142 ? 21.869  -1.897  2.724   1.00 51.66 ? 142  GLU A OE1   1 
ATOM   1130 O OE2   . GLU A 1 142 ? 19.768  -1.544  2.194   1.00 50.60 ? 142  GLU A OE2   1 
ATOM   1131 N N     . GLU A 1 143 ? 20.959  -6.065  5.431   1.00 48.66 ? 143  GLU A N     1 
ATOM   1132 C CA    . GLU A 1 143 ? 21.500  -7.178  6.203   1.00 51.37 ? 143  GLU A CA    1 
ATOM   1133 C C     . GLU A 1 143 ? 23.028  -7.122  6.214   1.00 52.13 ? 143  GLU A C     1 
ATOM   1134 O O     . GLU A 1 143 ? 23.664  -8.136  5.851   1.00 52.04 ? 143  GLU A O     1 
ATOM   1135 C CB    . GLU A 1 143 ? 21.024  -8.506  5.608   1.00 52.68 ? 143  GLU A CB    1 
ATOM   1136 C CG    . GLU A 1 143 ? 21.307  -9.719  6.481   1.00 54.53 ? 143  GLU A CG    1 
ATOM   1137 C CD    . GLU A 1 143 ? 20.861  -11.016 5.837   1.00 55.60 ? 143  GLU A CD    1 
ATOM   1138 O OE1   . GLU A 1 143 ? 21.392  -11.359 4.759   1.00 56.87 ? 143  GLU A OE1   1 
ATOM   1139 O OE2   . GLU A 1 143 ? 19.977  -11.690 6.406   1.00 57.36 ? 143  GLU A OE2   1 
ATOM   1140 O OXT   . GLU A 1 143 ? 23.571  -6.062  6.592   1.00 53.38 ? 143  GLU A OXT   1 
HETATM 1141 O "O5'" . A3S B 2 .   ? -4.087  -10.991 4.996   1.00 14.17 ? 500  A3S A "O5'" 1 
HETATM 1142 C "C5'" . A3S B 2 .   ? -5.447  -10.577 5.157   1.00 13.70 ? 500  A3S A "C5'" 1 
HETATM 1143 C "C4'" . A3S B 2 .   ? -5.510  -9.069  5.412   1.00 11.83 ? 500  A3S A "C4'" 1 
HETATM 1144 O "O4'" . A3S B 2 .   ? -4.771  -8.728  6.597   1.00 12.09 ? 500  A3S A "O4'" 1 
HETATM 1145 C "C1'" . A3S B 2 .   ? -3.833  -7.683  6.281   1.00 10.84 ? 500  A3S A "C1'" 1 
HETATM 1146 N N9    . A3S B 2 .   ? -2.473  -8.276  6.249   1.00 9.56  ? 500  A3S A N9    1 
HETATM 1147 C C4    . A3S B 2 .   ? -1.437  -7.917  5.492   1.00 9.54  ? 500  A3S A C4    1 
HETATM 1148 N N3    . A3S B 2 .   ? -1.277  -7.032  4.497   1.00 8.18  ? 500  A3S A N3    1 
HETATM 1149 C C2    . A3S B 2 .   ? -0.102  -6.871  3.912   1.00 7.82  ? 500  A3S A C2    1 
HETATM 1150 N N1    . A3S B 2 .   ? 0.953   -7.574  4.285   1.00 7.65  ? 500  A3S A N1    1 
HETATM 1151 C C6    . A3S B 2 .   ? 0.871   -8.479  5.273   1.00 8.01  ? 500  A3S A C6    1 
HETATM 1152 N N6    . A3S B 2 .   ? 1.940   -9.177  5.647   1.00 7.61  ? 500  A3S A N6    1 
HETATM 1153 C C5    . A3S B 2 .   ? -0.350  -8.675  5.907   1.00 7.91  ? 500  A3S A C5    1 
HETATM 1154 N N7    . A3S B 2 .   ? -0.761  -9.468  6.890   1.00 10.02 ? 500  A3S A N7    1 
HETATM 1155 C C8    . A3S B 2 .   ? -2.054  -9.221  7.087   1.00 11.77 ? 500  A3S A C8    1 
HETATM 1156 C "C2'" . A3S B 2 .   ? -4.333  -7.068  4.971   1.00 8.74  ? 500  A3S A "C2'" 1 
HETATM 1157 O "O2'" . A3S B 2 .   ? -5.431  -6.197  5.251   1.00 10.03 ? 500  A3S A "O2'" 1 
HETATM 1158 C "C3'" . A3S B 2 .   ? -4.825  -8.328  4.263   1.00 11.22 ? 500  A3S A "C3'" 1 
HETATM 1159 N N8    . A3S B 2 .   ? -5.795  -8.057  3.192   1.00 11.23 ? 500  A3S A N8    1 
HETATM 1160 N N     . A3S B 2 .   ? -6.072  -7.323  -0.339  1.00 8.74  ? 500  A3S A N     1 
HETATM 1161 C CA    . A3S B 2 .   ? -6.636  -7.885  0.896   1.00 8.78  ? 500  A3S A CA    1 
HETATM 1162 C CB    . A3S B 2 .   ? -7.379  -9.183  0.571   1.00 7.76  ? 500  A3S A CB    1 
HETATM 1163 O OG    . A3S B 2 .   ? -8.470  -8.903  -0.308  1.00 9.57  ? 500  A3S A OG    1 
HETATM 1164 C C     . A3S B 2 .   ? -5.517  -8.180  1.897   1.00 9.92  ? 500  A3S A C     1 
HETATM 1165 O O     . A3S B 2 .   ? -4.297  -8.534  1.409   1.00 10.09 ? 500  A3S A O     1 
HETATM 1166 O O     . HOH C 3 .   ? -8.159  -6.621  -2.083  1.00 8.20  ? 1001 HOH A O     1 
HETATM 1167 O O     . HOH C 3 .   ? -17.347 -3.929  -4.742  1.00 13.00 ? 1002 HOH A O     1 
HETATM 1168 O O     . HOH C 3 .   ? 8.700   5.133   10.113  1.00 11.83 ? 1003 HOH A O     1 
HETATM 1169 O O     . HOH C 3 .   ? 4.420   8.007   -16.956 1.00 12.03 ? 1004 HOH A O     1 
HETATM 1170 O O     . HOH C 3 .   ? 6.505   6.751   9.041   1.00 10.86 ? 1005 HOH A O     1 
HETATM 1171 O O     . HOH C 3 .   ? -1.913  -0.206  8.865   1.00 15.36 ? 1006 HOH A O     1 
HETATM 1172 O O     . HOH C 3 .   ? -7.472  1.573   -18.316 1.00 13.33 ? 1007 HOH A O     1 
HETATM 1173 O O     . HOH C 3 .   ? 1.930   3.036   -23.741 1.00 14.89 ? 1008 HOH A O     1 
HETATM 1174 O O     . HOH C 3 .   ? -6.484  -10.773 15.318  1.00 12.14 ? 1009 HOH A O     1 
HETATM 1175 O O     . HOH C 3 .   ? -13.352 -9.615  17.398  1.00 16.40 ? 1010 HOH A O     1 
HETATM 1176 O O     . HOH C 3 .   ? 11.917  8.117   3.986   1.00 15.02 ? 1011 HOH A O     1 
HETATM 1177 O O     . HOH C 3 .   ? 2.079   6.614   13.560  1.00 17.17 ? 1012 HOH A O     1 
HETATM 1178 O O     . HOH C 3 .   ? 13.476  3.059   -5.301  1.00 21.12 ? 1013 HOH A O     1 
HETATM 1179 O O     . HOH C 3 .   ? 10.325  7.132   10.857  1.00 12.71 ? 1014 HOH A O     1 
HETATM 1180 O O     . HOH C 3 .   ? 5.020   -0.731  -17.199 1.00 14.24 ? 1015 HOH A O     1 
HETATM 1181 O O     . HOH C 3 .   ? -14.920 -2.973  -5.442  1.00 13.81 ? 1016 HOH A O     1 
HETATM 1182 O O     . HOH C 3 .   ? 4.843   6.937   11.305  1.00 13.83 ? 1017 HOH A O     1 
HETATM 1183 O O     . HOH C 3 .   ? 7.438   9.191   9.467   1.00 16.57 ? 1018 HOH A O     1 
HETATM 1184 O O     . HOH C 3 .   ? 0.039   15.508  2.727   1.00 12.57 ? 1019 HOH A O     1 
HETATM 1185 O O     . HOH C 3 .   ? 9.256   -3.140  -12.515 1.00 17.77 ? 1020 HOH A O     1 
HETATM 1186 O O     . HOH C 3 .   ? 12.068  -0.361  13.523  1.00 13.34 ? 1021 HOH A O     1 
HETATM 1187 O O     . HOH C 3 .   ? 4.632   9.446   11.938  1.00 17.27 ? 1022 HOH A O     1 
HETATM 1188 O O     . HOH C 3 .   ? -16.368 0.852   -3.735  1.00 15.20 ? 1023 HOH A O     1 
HETATM 1189 O O     . HOH C 3 .   ? -7.886  7.216   2.805   1.00 16.73 ? 1024 HOH A O     1 
HETATM 1190 O O     . HOH C 3 .   ? 5.138   17.012  -12.838 1.00 11.89 ? 1025 HOH A O     1 
HETATM 1191 O O     . HOH C 3 .   ? 3.803   2.856   -11.702 1.00 13.65 ? 1026 HOH A O     1 
HETATM 1192 O O     . HOH C 3 .   ? 2.501   6.162   -15.874 1.00 14.74 ? 1027 HOH A O     1 
HETATM 1193 O O     . HOH C 3 .   ? 12.619  12.027  -7.434  1.00 17.44 ? 1028 HOH A O     1 
HETATM 1194 O O     . HOH C 3 .   ? 2.506   -0.504  -18.306 1.00 16.12 ? 1029 HOH A O     1 
HETATM 1195 O O     . HOH C 3 .   ? 4.655   5.271   13.484  1.00 11.96 ? 1030 HOH A O     1 
HETATM 1196 O O     . HOH C 3 .   ? 3.500   2.799   13.319  1.00 13.87 ? 1031 HOH A O     1 
HETATM 1197 O O     . HOH C 3 .   ? 8.605   15.837  0.797   1.00 20.01 ? 1032 HOH A O     1 
HETATM 1198 O O     . HOH C 3 .   ? -1.975  12.708  -9.750  1.00 14.21 ? 1033 HOH A O     1 
HETATM 1199 O O     . HOH C 3 .   ? 7.901   6.675   -19.854 1.00 18.49 ? 1034 HOH A O     1 
HETATM 1200 O O     . HOH C 3 .   ? 5.449   6.094   -18.784 1.00 13.48 ? 1035 HOH A O     1 
HETATM 1201 O O     . HOH C 3 .   ? 4.841   19.706  1.513   1.00 16.12 ? 1036 HOH A O     1 
HETATM 1202 O O     . HOH C 3 .   ? -10.110 2.007   14.060  1.00 17.57 ? 1037 HOH A O     1 
HETATM 1203 O O     . HOH C 3 .   ? 12.276  4.217   -9.369  1.00 18.34 ? 1038 HOH A O     1 
HETATM 1204 O O     . HOH C 3 .   ? -9.762  5.529   1.240   1.00 22.11 ? 1039 HOH A O     1 
HETATM 1205 O O     . HOH C 3 .   ? -14.101 -11.658 13.748  1.00 19.68 ? 1040 HOH A O     1 
HETATM 1206 O O     . HOH C 3 .   ? -1.657  2.450   5.415   1.00 18.27 ? 1041 HOH A O     1 
HETATM 1207 O O     . HOH C 3 .   ? -3.863  -10.315 -0.705  1.00 17.05 ? 1042 HOH A O     1 
HETATM 1208 O O     . HOH C 3 .   ? 0.978   15.707  -3.933  1.00 19.96 ? 1043 HOH A O     1 
HETATM 1209 O O     . HOH C 3 .   ? -16.012 -0.535  -6.142  1.00 15.07 ? 1044 HOH A O     1 
HETATM 1210 O O     . HOH C 3 .   ? 11.302  -1.284  -12.973 1.00 18.34 ? 1045 HOH A O     1 
HETATM 1211 O O     . HOH C 3 .   ? 4.440   -5.296  15.951  1.00 16.35 ? 1046 HOH A O     1 
HETATM 1212 O O     . HOH C 3 .   ? 17.185  7.797   -2.919  1.00 17.86 ? 1047 HOH A O     1 
HETATM 1213 O O     . HOH C 3 .   ? -9.497  3.649   5.141   1.00 18.89 ? 1048 HOH A O     1 
HETATM 1214 O O     . HOH C 3 .   ? 13.196  8.490   -10.357 1.00 18.53 ? 1049 HOH A O     1 
HETATM 1215 O O     . HOH C 3 .   ? 4.141   15.267  -9.656  1.00 20.71 ? 1050 HOH A O     1 
HETATM 1216 O O     . HOH C 3 .   ? -13.982 -11.938 20.852  1.00 17.25 ? 1051 HOH A O     1 
HETATM 1217 O O     . HOH C 3 .   ? 15.103  1.138   13.218  1.00 23.91 ? 1052 HOH A O     1 
HETATM 1218 O O     . HOH C 3 .   ? 5.976   -3.863  14.340  1.00 18.06 ? 1053 HOH A O     1 
HETATM 1219 O O     . HOH C 3 .   ? 9.179   5.413   15.136  1.00 18.88 ? 1054 HOH A O     1 
HETATM 1220 O O     . HOH C 3 .   ? 2.573   10.110  -16.558 1.00 22.72 ? 1055 HOH A O     1 
HETATM 1221 O O     . HOH C 3 .   ? -4.416  -10.065 13.797  1.00 17.65 ? 1056 HOH A O     1 
HETATM 1222 O O     . HOH C 3 .   ? -2.845  2.276   7.614   1.00 20.98 ? 1057 HOH A O     1 
HETATM 1223 O O     . HOH C 3 .   ? 4.554   13.972  -7.501  1.00 19.29 ? 1058 HOH A O     1 
HETATM 1224 O O     . HOH C 3 .   ? -17.771 4.335   -9.781  1.00 16.19 ? 1059 HOH A O     1 
HETATM 1225 O O     . HOH C 3 .   ? 10.598  -12.646 4.069   1.00 15.25 ? 1060 HOH A O     1 
HETATM 1226 O O     . HOH C 3 .   ? -16.693 -10.205 8.513   1.00 25.57 ? 1061 HOH A O     1 
HETATM 1227 O O     . HOH C 3 .   ? 15.616  12.013  -2.432  1.00 20.57 ? 1062 HOH A O     1 
HETATM 1228 O O     . HOH C 3 .   ? 8.671   9.205   -18.667 1.00 22.25 ? 1063 HOH A O     1 
HETATM 1229 O O     . HOH C 3 .   ? 11.670  10.545  -9.401  1.00 17.18 ? 1064 HOH A O     1 
HETATM 1230 O O     . HOH C 3 .   ? -5.572  -6.372  12.987  1.00 22.64 ? 1065 HOH A O     1 
HETATM 1231 O O     . HOH C 3 .   ? 7.287   -14.717 -2.389  1.00 32.37 ? 1066 HOH A O     1 
HETATM 1232 O O     . HOH C 3 .   ? -11.708 -5.422  15.513  1.00 19.95 ? 1067 HOH A O     1 
HETATM 1233 O O     . HOH C 3 .   ? -13.449 7.823   -1.140  1.00 24.48 ? 1068 HOH A O     1 
HETATM 1234 O O     . HOH C 3 .   ? -6.904  -13.827 13.204  1.00 26.05 ? 1069 HOH A O     1 
HETATM 1235 O O     . HOH C 3 .   ? -9.165  11.398  -5.931  1.00 22.72 ? 1070 HOH A O     1 
HETATM 1236 O O     . HOH C 3 .   ? 11.723  -10.559 -0.194  1.00 20.89 ? 1071 HOH A O     1 
HETATM 1237 O O     . HOH C 3 .   ? -14.146 -14.591 14.697  1.00 27.44 ? 1072 HOH A O     1 
HETATM 1238 O O     . HOH C 3 .   ? 14.023  12.241  -0.061  1.00 18.11 ? 1073 HOH A O     1 
HETATM 1239 O O     . HOH C 3 .   ? -16.207 5.487   -2.327  1.00 22.47 ? 1074 HOH A O     1 
HETATM 1240 O O     . HOH C 3 .   ? -3.218  0.886   3.891   1.00 16.65 ? 1075 HOH A O     1 
HETATM 1241 O O     . HOH C 3 .   ? -14.198 -15.648 5.222   1.00 23.46 ? 1076 HOH A O     1 
HETATM 1242 O O     . HOH C 3 .   ? -19.316 -5.646  1.692   1.00 28.33 ? 1077 HOH A O     1 
HETATM 1243 O O     . HOH C 3 .   ? 11.803  3.050   -7.142  1.00 27.69 ? 1078 HOH A O     1 
HETATM 1244 O O     . HOH C 3 .   ? -15.617 -2.427  12.697  1.00 18.90 ? 1079 HOH A O     1 
HETATM 1245 O O     . HOH C 3 .   ? 0.242   -14.423 7.783   1.00 30.20 ? 1080 HOH A O     1 
HETATM 1246 O O     . HOH C 3 .   ? 9.005   -10.112 15.153  1.00 28.63 ? 1081 HOH A O     1 
HETATM 1247 O O     . HOH C 3 .   ? -3.039  -13.898 10.883  1.00 24.63 ? 1082 HOH A O     1 
HETATM 1248 O O     . HOH C 3 .   ? -3.448  -12.805 6.657   1.00 19.87 ? 1083 HOH A O     1 
HETATM 1249 O O     . HOH C 3 .   ? 11.925  -4.393  -10.439 1.00 25.42 ? 1084 HOH A O     1 
HETATM 1250 O O     . HOH C 3 .   ? 5.525   -7.490  17.226  1.00 22.48 ? 1085 HOH A O     1 
HETATM 1251 O O     . HOH C 3 .   ? -17.046 4.532   -6.393  1.00 23.46 ? 1086 HOH A O     1 
HETATM 1252 O O     . HOH C 3 .   ? 8.969   0.355   -17.859 1.00 25.92 ? 1087 HOH A O     1 
HETATM 1253 O O     . HOH C 3 .   ? 2.089   9.350   13.228  1.00 22.29 ? 1088 HOH A O     1 
HETATM 1254 O O     . HOH C 3 .   ? 6.796   9.613   -16.628 1.00 17.34 ? 1089 HOH A O     1 
HETATM 1255 O O     . HOH C 3 .   ? 1.659   11.844  10.014  1.00 21.60 ? 1090 HOH A O     1 
HETATM 1256 O O     . HOH C 3 .   ? -4.237  15.827  -5.415  1.00 23.50 ? 1091 HOH A O     1 
HETATM 1257 O O     . HOH C 3 .   ? 18.182  2.853   1.761   1.00 29.03 ? 1092 HOH A O     1 
HETATM 1258 O O     . HOH C 3 .   ? 2.521   17.326  4.779   1.00 29.39 ? 1093 HOH A O     1 
HETATM 1259 O O     . HOH C 3 .   ? 12.313  -11.840 10.105  1.00 24.27 ? 1094 HOH A O     1 
HETATM 1260 O O     . HOH C 3 .   ? -5.976  6.996   -19.045 1.00 24.67 ? 1095 HOH A O     1 
HETATM 1261 O O     . HOH C 3 .   ? -4.656  5.240   -20.202 1.00 27.54 ? 1096 HOH A O     1 
HETATM 1262 O O     . HOH C 3 .   ? 7.320   7.198   -22.332 1.00 23.56 ? 1097 HOH A O     1 
HETATM 1263 O O     . HOH C 3 .   ? -18.102 0.874   -8.892  1.00 19.66 ? 1098 HOH A O     1 
HETATM 1264 O O     . HOH C 3 .   ? 15.156  4.784   -9.705  1.00 28.46 ? 1099 HOH A O     1 
HETATM 1265 O O     . HOH C 3 .   ? -3.563  9.752   -18.225 1.00 26.95 ? 1100 HOH A O     1 
HETATM 1266 O O     . HOH C 3 .   ? -1.582  10.832  -12.113 1.00 18.94 ? 1101 HOH A O     1 
HETATM 1267 O O     . HOH C 3 .   ? -20.827 0.380   1.861   1.00 30.72 ? 1102 HOH A O     1 
HETATM 1268 O O     . HOH C 3 .   ? -4.146  9.110   10.473  1.00 31.47 ? 1103 HOH A O     1 
HETATM 1269 O O     . HOH C 3 .   ? -20.083 4.831   11.046  1.00 28.95 ? 1104 HOH A O     1 
HETATM 1270 O O     . HOH C 3 .   ? 11.500  2.072   -13.538 1.00 29.57 ? 1105 HOH A O     1 
HETATM 1271 O O     . HOH C 3 .   ? -13.970 -14.144 7.849   1.00 25.28 ? 1106 HOH A O     1 
HETATM 1272 O O     . HOH C 3 .   ? 13.163  -3.044  -5.705  1.00 30.34 ? 1107 HOH A O     1 
HETATM 1273 O O     . HOH C 3 .   ? -6.701  3.987   -18.978 1.00 20.25 ? 1108 HOH A O     1 
HETATM 1274 O O     . HOH C 3 .   ? 16.394  -8.314  4.819   1.00 27.93 ? 1109 HOH A O     1 
HETATM 1275 O O     . HOH C 3 .   ? 10.229  14.125  -0.268  1.00 20.27 ? 1110 HOH A O     1 
HETATM 1276 O O     . HOH C 3 .   ? -12.655 5.650   2.386   1.00 21.78 ? 1111 HOH A O     1 
HETATM 1277 O O     . HOH C 3 .   ? 15.640  3.654   5.644   1.00 20.24 ? 1112 HOH A O     1 
HETATM 1278 O O     . HOH C 3 .   ? 16.595  6.523   7.044   1.00 33.13 ? 1113 HOH A O     1 
HETATM 1279 O O     . HOH C 3 .   ? 6.413   -6.800  -6.158  1.00 23.82 ? 1114 HOH A O     1 
HETATM 1280 O O     . HOH C 3 .   ? -5.179  10.252  8.054   1.00 32.98 ? 1115 HOH A O     1 
HETATM 1281 O O     . HOH C 3 .   ? -7.232  -4.860  3.852   1.00 16.41 ? 1116 HOH A O     1 
HETATM 1282 O O     . HOH C 3 .   ? 14.375  3.269   -1.097  1.00 19.14 ? 1117 HOH A O     1 
HETATM 1283 O O     . HOH C 3 .   ? -13.727 2.959   -16.425 1.00 27.72 ? 1118 HOH A O     1 
HETATM 1284 O O     . HOH C 3 .   ? 13.096  -9.353  -6.097  1.00 40.94 ? 1119 HOH A O     1 
HETATM 1285 O O     . HOH C 3 .   ? -14.271 -12.115 16.940  1.00 22.72 ? 1120 HOH A O     1 
HETATM 1286 O O     . HOH C 3 .   ? -3.074  13.184  2.280   1.00 22.04 ? 1121 HOH A O     1 
HETATM 1287 O O     . HOH C 3 .   ? -11.742 -15.867 9.764   1.00 35.59 ? 1122 HOH A O     1 
HETATM 1288 O O     . HOH C 3 .   ? -13.687 9.870   -7.042  1.00 29.42 ? 1123 HOH A O     1 
HETATM 1289 O O     . HOH C 3 .   ? -4.238  -13.101 3.035   1.00 26.22 ? 1124 HOH A O     1 
HETATM 1290 O O     . HOH C 3 .   ? 5.591   18.480  3.937   1.00 32.54 ? 1125 HOH A O     1 
HETATM 1291 O O     . HOH C 3 .   ? -6.229  3.864   10.983  1.00 42.38 ? 1126 HOH A O     1 
HETATM 1292 O O     . HOH C 3 .   ? -6.574  11.333  1.107   1.00 34.90 ? 1127 HOH A O     1 
HETATM 1293 O O     . HOH C 3 .   ? 1.343   5.781   -23.255 1.00 22.67 ? 1128 HOH A O     1 
HETATM 1294 O O     . HOH C 3 .   ? 9.093   -7.326  -6.185  1.00 28.09 ? 1129 HOH A O     1 
HETATM 1295 O O     . HOH C 3 .   ? 6.784   6.774   14.094  1.00 27.76 ? 1130 HOH A O     1 
HETATM 1296 O O     . HOH C 3 .   ? 11.005  0.416   -15.590 1.00 27.20 ? 1131 HOH A O     1 
HETATM 1297 O O     . HOH C 3 .   ? -2.761  4.499   9.271   1.00 25.23 ? 1132 HOH A O     1 
HETATM 1298 O O     . HOH C 3 .   ? 5.671   18.161  -0.595  1.00 12.42 ? 1133 HOH A O     1 
HETATM 1299 O O     . HOH C 3 .   ? 6.618   15.160  -11.516 1.00 17.68 ? 1134 HOH A O     1 
HETATM 1300 O O     . HOH C 3 .   ? 11.484  6.564   -10.163 1.00 18.21 ? 1135 HOH A O     1 
HETATM 1301 O O     . HOH C 3 .   ? -3.836  -13.006 13.214  1.00 25.75 ? 1136 HOH A O     1 
HETATM 1302 O O     . HOH C 3 .   ? -3.358  -0.744  6.437   1.00 22.88 ? 1137 HOH A O     1 
HETATM 1303 O O     . HOH C 3 .   ? -11.015 2.034   16.500  1.00 26.20 ? 1138 HOH A O     1 
HETATM 1304 O O     . HOH C 3 .   ? -2.372  -12.182 8.816   1.00 25.58 ? 1139 HOH A O     1 
HETATM 1305 O O     . HOH C 3 .   ? 13.809  -2.239  14.568  1.00 27.66 ? 1140 HOH A O     1 
HETATM 1306 O O     . HOH C 3 .   ? -7.905  2.952   7.109   1.00 23.79 ? 1141 HOH A O     1 
HETATM 1307 O O     . HOH C 3 .   ? -5.657  -11.723 0.727   1.00 34.78 ? 1142 HOH A O     1 
HETATM 1308 O O     . HOH C 3 .   ? 0.361   -11.858 7.948   1.00 21.08 ? 1143 HOH A O     1 
HETATM 1309 O O     . HOH C 3 .   ? 14.497  4.479   -3.337  1.00 26.03 ? 1144 HOH A O     1 
HETATM 1310 O O     . HOH C 3 .   ? -5.570  1.437   7.574   1.00 21.57 ? 1145 HOH A O     1 
HETATM 1311 O O     . HOH C 3 .   ? 1.095   -15.800 -0.424  1.00 28.84 ? 1146 HOH A O     1 
HETATM 1312 O O     . HOH C 3 .   ? -20.101 3.024   -8.428  1.00 30.72 ? 1147 HOH A O     1 
HETATM 1313 O O     . HOH C 3 .   ? -2.386  -15.196 5.840   1.00 27.42 ? 1148 HOH A O     1 
HETATM 1314 O O     . HOH C 3 .   ? 16.489  12.602  -4.569  1.00 33.30 ? 1149 HOH A O     1 
HETATM 1315 O O     . HOH C 3 .   ? -13.999 -5.461  14.496  1.00 30.96 ? 1150 HOH A O     1 
HETATM 1316 O O     . HOH C 3 .   ? 2.330   19.064  -6.949  1.00 25.61 ? 1151 HOH A O     1 
HETATM 1317 O O     . HOH C 3 .   ? 0.329   11.929  -14.335 1.00 30.42 ? 1152 HOH A O     1 
HETATM 1318 O O     . HOH C 3 .   ? -16.466 3.533   -3.918  1.00 31.00 ? 1153 HOH A O     1 
HETATM 1319 O O     . HOH C 3 .   ? 2.840   15.506  -18.756 1.00 31.38 ? 1154 HOH A O     1 
HETATM 1320 O O     . HOH C 3 .   ? 8.847   -5.160  15.051  1.00 29.90 ? 1155 HOH A O     1 
HETATM 1321 O O     . HOH C 3 .   ? 6.172   -16.015 7.174   1.00 25.75 ? 1156 HOH A O     1 
HETATM 1322 O O     . HOH C 3 .   ? -15.034 -8.120  15.445  1.00 30.26 ? 1157 HOH A O     1 
HETATM 1323 O O     . HOH C 3 .   ? -16.790 0.386   14.154  1.00 35.82 ? 1158 HOH A O     1 
HETATM 1324 O O     . HOH C 3 .   ? -19.187 -7.714  -3.136  1.00 31.49 ? 1159 HOH A O     1 
HETATM 1325 O O     . HOH C 3 .   ? -20.101 -2.086  1.959   1.00 31.48 ? 1160 HOH A O     1 
HETATM 1326 O O     . HOH C 3 .   ? -18.983 -1.609  -6.340  1.00 32.12 ? 1161 HOH A O     1 
HETATM 1327 O O     . HOH C 3 .   ? 10.188  2.214   -19.605 1.00 35.28 ? 1162 HOH A O     1 
HETATM 1328 O O     . HOH C 3 .   ? -4.318  15.483  8.750   1.00 34.12 ? 1163 HOH A O     1 
HETATM 1329 O O     . HOH C 3 .   ? -5.785  -15.149 3.809   1.00 34.88 ? 1164 HOH A O     1 
HETATM 1330 O O     . HOH C 3 .   ? 15.883  -3.152  -0.293  1.00 28.86 ? 1165 HOH A O     1 
HETATM 1331 O O     . HOH C 3 .   ? 13.124  -14.864 6.898   1.00 35.54 ? 1166 HOH A O     1 
HETATM 1332 O O     . HOH C 3 .   ? -6.721  9.270   4.167   1.00 33.71 ? 1167 HOH A O     1 
HETATM 1333 O O     . HOH C 3 .   ? -10.356 2.963   11.047  1.00 29.40 ? 1168 HOH A O     1 
HETATM 1334 O O     . HOH C 3 .   ? -5.962  -13.513 15.823  1.00 31.92 ? 1169 HOH A O     1 
HETATM 1335 O O     . HOH C 3 .   ? 10.223  5.345   -19.558 1.00 32.39 ? 1170 HOH A O     1 
HETATM 1336 O O     . HOH C 3 .   ? -19.719 2.671   2.061   1.00 32.63 ? 1171 HOH A O     1 
HETATM 1337 O O     . HOH C 3 .   ? -16.725 5.752   1.697   1.00 24.59 ? 1172 HOH A O     1 
HETATM 1338 O O     . HOH C 3 .   ? 3.497   -16.559 4.791   1.00 32.12 ? 1173 HOH A O     1 
HETATM 1339 O O     . HOH C 3 .   ? -16.722 -7.130  7.338   1.00 33.10 ? 1174 HOH A O     1 
HETATM 1340 O O     . HOH C 3 .   ? -2.147  10.964  9.582   1.00 32.97 ? 1175 HOH A O     1 
HETATM 1341 O O     . HOH C 3 .   ? 18.180  2.884   4.486   1.00 29.57 ? 1176 HOH A O     1 
HETATM 1342 O O     . HOH C 3 .   ? -3.154  14.965  -10.369 1.00 37.77 ? 1177 HOH A O     1 
HETATM 1343 O O     . HOH C 3 .   ? -0.677  10.425  -16.980 1.00 34.97 ? 1178 HOH A O     1 
HETATM 1344 O O     . HOH C 3 .   ? 12.205  -17.343 8.070   1.00 37.34 ? 1179 HOH A O     1 
HETATM 1345 O O     . HOH C 3 .   ? -8.768  6.442   5.438   1.00 31.78 ? 1180 HOH A O     1 
HETATM 1346 O O     . HOH C 3 .   ? -13.392 -15.517 20.690  1.00 34.80 ? 1181 HOH A O     1 
HETATM 1347 O O     . HOH C 3 .   ? -14.812 -5.064  12.087  1.00 34.02 ? 1182 HOH A O     1 
HETATM 1348 O O     . HOH C 3 .   ? 14.875  11.544  -6.068  1.00 30.46 ? 1183 HOH A O     1 
HETATM 1349 O O     . HOH C 3 .   ? 0.155   18.184  2.260   1.00 30.88 ? 1184 HOH A O     1 
HETATM 1350 O O     . HOH C 3 .   ? 0.637   -16.959 2.269   1.00 33.60 ? 1185 HOH A O     1 
HETATM 1351 O O     . HOH C 3 .   ? -19.498 -4.095  -9.601  1.00 36.27 ? 1186 HOH A O     1 
HETATM 1352 O O     . HOH C 3 .   ? -5.541  -14.321 7.306   1.00 30.03 ? 1187 HOH A O     1 
HETATM 1353 O O     . HOH C 3 .   ? -9.355  -15.548 10.542  1.00 40.27 ? 1188 HOH A O     1 
HETATM 1354 O O     . HOH C 3 .   ? 10.337  -6.868  -8.336  1.00 33.97 ? 1189 HOH A O     1 
HETATM 1355 O O     . HOH C 3 .   ? 13.153  -5.122  -7.155  1.00 38.36 ? 1190 HOH A O     1 
HETATM 1356 O O     . HOH C 3 .   ? 14.210  0.751   -12.574 1.00 34.86 ? 1191 HOH A O     1 
HETATM 1357 O O     . HOH C 3 .   ? 6.081   8.685   15.599  1.00 28.91 ? 1192 HOH A O     1 
HETATM 1358 O O     . HOH C 3 .   ? 11.317  6.911   14.975  1.00 36.98 ? 1193 HOH A O     1 
HETATM 1359 O O     . HOH C 3 .   ? 0.094   5.877   -25.781 1.00 34.53 ? 1194 HOH A O     1 
HETATM 1360 O O     . HOH C 3 .   ? 13.816  -0.488  -9.840  1.00 35.79 ? 1195 HOH A O     1 
HETATM 1361 O O     . HOH C 3 .   ? -7.176  10.062  -16.765 1.00 32.75 ? 1196 HOH A O     1 
HETATM 1362 O O     . HOH C 3 .   ? 13.924  -13.421 8.899   1.00 35.40 ? 1197 HOH A O     1 
HETATM 1363 O O     . HOH C 3 .   ? 11.799  -12.671 1.621   1.00 36.70 ? 1198 HOH A O     1 
HETATM 1364 O O     . HOH C 3 .   ? -19.199 -9.011  1.295   1.00 37.59 ? 1199 HOH A O     1 
# 
loop_
_pdbx_poly_seq_scheme.asym_id 
_pdbx_poly_seq_scheme.entity_id 
_pdbx_poly_seq_scheme.seq_id 
_pdbx_poly_seq_scheme.mon_id 
_pdbx_poly_seq_scheme.ndb_seq_num 
_pdbx_poly_seq_scheme.pdb_seq_num 
_pdbx_poly_seq_scheme.auth_seq_num 
_pdbx_poly_seq_scheme.pdb_mon_id 
_pdbx_poly_seq_scheme.auth_mon_id 
_pdbx_poly_seq_scheme.pdb_strand_id 
_pdbx_poly_seq_scheme.pdb_ins_code 
_pdbx_poly_seq_scheme.hetero 
A 1 1   MET 1   1   1   MET MET A . n 
A 1 2   ARG 2   2   2   ARG ARG A . n 
A 1 3   VAL 3   3   3   VAL VAL A . n 
A 1 4   LEU 4   4   4   LEU LEU A . n 
A 1 5   LEU 5   5   5   LEU LEU A . n 
A 1 6   ILE 6   6   6   ILE ILE A . n 
A 1 7   HIS 7   7   7   HIS HIS A . n 
A 1 8   SER 8   8   8   SER SER A . n 
A 1 9   ASP 9   9   9   ASP ASP A . n 
A 1 10  TYR 10  10  10  TYR TYR A . n 
A 1 11  ILE 11  11  11  ILE ILE A . n 
A 1 12  GLU 12  12  12  GLU GLU A . n 
A 1 13  TYR 13  13  13  TYR TYR A . n 
A 1 14  GLU 14  14  14  GLU GLU A . n 
A 1 15  VAL 15  15  15  VAL VAL A . n 
A 1 16  LYS 16  16  16  LYS LYS A . n 
A 1 17  ASP 17  17  17  ASP ASP A . n 
A 1 18  LYS 18  18  18  LYS ALA A . n 
A 1 19  ALA 19  19  19  ALA ALA A . n 
A 1 20  LEU 20  20  20  LEU LEU A . n 
A 1 21  LYS 21  21  21  LYS LYS A . n 
A 1 22  ASN 22  22  22  ASN ASN A . n 
A 1 23  PRO 23  23  23  PRO PRO A . n 
A 1 24  GLU 24  24  24  GLU GLU A . n 
A 1 25  PRO 25  25  25  PRO PRO A . n 
A 1 26  ILE 26  26  26  ILE ILE A . n 
A 1 27  SER 27  27  27  SER SER A . n 
A 1 28  GLU 28  28  28  GLU GLU A . n 
A 1 29  ASP 29  29  29  ASP ASP A . n 
A 1 30  MET 30  30  30  MET MET A . n 
A 1 31  LYS 31  31  31  LYS LYS A . n 
A 1 32  ARG 32  32  32  ARG ARG A . n 
A 1 33  GLY 33  33  33  GLY GLY A . n 
A 1 34  ARG 34  34  34  ARG ARG A . n 
A 1 35  MET 35  35  35  MET MET A . n 
A 1 36  GLU 36  36  36  GLU GLU A . n 
A 1 37  GLU 37  37  37  GLU GLU A . n 
A 1 38  VAL 38  38  38  VAL VAL A . n 
A 1 39  LEU 39  39  39  LEU LEU A . n 
A 1 40  VAL 40  40  40  VAL VAL A . n 
A 1 41  ALA 41  41  41  ALA ALA A . n 
A 1 42  PHE 42  42  42  PHE PHE A . n 
A 1 43  ILE 43  43  43  ILE ILE A . n 
A 1 44  SER 44  44  44  SER SER A . n 
A 1 45  VAL 45  45  45  VAL VAL A . n 
A 1 46  GLU 46  46  46  GLU GLU A . n 
A 1 47  LYS 47  47  47  LYS LYS A . n 
A 1 48  VAL 48  48  48  VAL VAL A . n 
A 1 49  ASP 49  49  49  ASP ASP A . n 
A 1 50  GLU 50  50  50  GLU GLU A . n 
A 1 51  LYS 51  51  51  LYS LYS A . n 
A 1 52  ASN 52  52  52  ASN ASN A . n 
A 1 53  PRO 53  53  53  PRO PRO A . n 
A 1 54  GLU 54  54  54  GLU GLU A . n 
A 1 55  GLU 55  55  55  GLU GLU A . n 
A 1 56  VAL 56  56  56  VAL VAL A . n 
A 1 57  SER 57  57  57  SER SER A . n 
A 1 58  LEU 58  58  58  LEU LEU A . n 
A 1 59  LYS 59  59  59  LYS LYS A . n 
A 1 60  ALA 60  60  60  ALA ALA A . n 
A 1 61  ILE 61  61  61  ILE ILE A . n 
A 1 62  GLU 62  62  62  GLU GLU A . n 
A 1 63  GLU 63  63  63  GLU GLU A . n 
A 1 64  ILE 64  64  64  ILE ILE A . n 
A 1 65  SER 65  65  65  SER SER A . n 
A 1 66  LYS 66  66  66  LYS LYS A . n 
A 1 67  VAL 67  67  67  VAL VAL A . n 
A 1 68  ALA 68  68  68  ALA ALA A . n 
A 1 69  GLU 69  69  69  GLU GLU A . n 
A 1 70  GLN 70  70  70  GLN GLN A . n 
A 1 71  VAL 71  71  71  VAL VAL A . n 
A 1 72  LYS 72  72  72  LYS LYS A . n 
A 1 73  ALA 73  73  73  ALA ALA A . n 
A 1 74  GLU 74  74  74  GLU GLU A . n 
A 1 75  ASN 75  75  75  ASN ASN A . n 
A 1 76  VAL 76  76  76  VAL VAL A . n 
A 1 77  PHE 77  77  77  PHE PHE A . n 
A 1 78  VAL 78  78  78  VAL VAL A . n 
A 1 79  TYR 79  79  79  TYR TYR A . n 
A 1 80  PRO 80  80  80  PRO PRO A . n 
A 1 81  PHE 81  81  81  PHE PHE A . n 
A 1 82  ALA 82  82  82  ALA ALA A . n 
A 1 83  HIS 83  83  83  HIS HIS A . n 
A 1 84  LEU 84  84  84  LEU LEU A . n 
A 1 85  SER 85  85  85  SER SER A . n 
A 1 86  SER 86  86  86  SER SER A . n 
A 1 87  GLU 87  87  87  GLU GLU A . n 
A 1 88  LEU 88  88  88  LEU LEU A . n 
A 1 89  ALA 89  89  89  ALA ALA A . n 
A 1 90  LYS 90  90  90  LYS LYS A . n 
A 1 91  PRO 91  91  91  PRO PRO A . n 
A 1 92  SER 92  92  92  SER SER A . n 
A 1 93  VAL 93  93  93  VAL VAL A . n 
A 1 94  ALA 94  94  94  ALA ALA A . n 
A 1 95  MET 95  95  95  MET MET A . n 
A 1 96  ASP 96  96  96  ASP ASP A . n 
A 1 97  ILE 97  97  97  ILE ILE A . n 
A 1 98  LEU 98  98  98  LEU LEU A . n 
A 1 99  ASN 99  99  99  ASN ASN A . n 
A 1 100 ARG 100 100 100 ARG ARG A . n 
A 1 101 VAL 101 101 101 VAL VAL A . n 
A 1 102 TYR 102 102 102 TYR TYR A . n 
A 1 103 GLN 103 103 103 GLN GLN A . n 
A 1 104 GLY 104 104 104 GLY GLY A . n 
A 1 105 LEU 105 105 105 LEU LEU A . n 
A 1 106 LYS 106 106 106 LYS LYS A . n 
A 1 107 GLU 107 107 107 GLU GLU A . n 
A 1 108 ARG 108 108 108 ARG ARG A . n 
A 1 109 GLY 109 109 109 GLY GLY A . n 
A 1 110 PHE 110 110 110 PHE PHE A . n 
A 1 111 ASN 111 111 111 ASN ASN A . n 
A 1 112 VAL 112 112 112 VAL VAL A . n 
A 1 113 GLY 113 113 113 GLY GLY A . n 
A 1 114 LYS 114 114 114 LYS LYS A . n 
A 1 115 ALA 115 115 115 ALA ALA A . n 
A 1 116 PRO 116 116 116 PRO PRO A . n 
A 1 117 PHE 117 117 117 PHE PHE A . n 
A 1 118 GLY 118 118 118 GLY GLY A . n 
A 1 119 TYR 119 119 119 TYR TYR A . n 
A 1 120 TYR 120 120 120 TYR TYR A . n 
A 1 121 LYS 121 121 121 LYS LYS A . n 
A 1 122 ALA 122 122 122 ALA ALA A . n 
A 1 123 PHE 123 123 123 PHE PHE A . n 
A 1 124 LYS 124 124 124 LYS LYS A . n 
A 1 125 ILE 125 125 125 ILE ILE A . n 
A 1 126 SER 126 126 126 SER SER A . n 
A 1 127 CYS 127 127 127 CYS CYS A . n 
A 1 128 LYS 128 128 128 LYS LYS A . n 
A 1 129 GLY 129 129 129 GLY GLY A . n 
A 1 130 HIS 130 130 130 HIS HIS A . n 
A 1 131 PRO 131 131 131 PRO PRO A . n 
A 1 132 LEU 132 132 132 LEU LEU A . n 
A 1 133 ALA 133 133 133 ALA ALA A . n 
A 1 134 GLU 134 134 134 GLU GLU A . n 
A 1 135 LEU 135 135 135 LEU LEU A . n 
A 1 136 SER 136 136 136 SER SER A . n 
A 1 137 ARG 137 137 137 ARG ARG A . n 
A 1 138 THR 138 138 138 THR THR A . n 
A 1 139 ILE 139 139 139 ILE ILE A . n 
A 1 140 VAL 140 140 140 VAL VAL A . n 
A 1 141 PRO 141 141 141 PRO PRO A . n 
A 1 142 GLU 142 142 142 GLU GLU A . n 
A 1 143 GLU 143 143 143 GLU GLU A . n 
# 
loop_
_pdbx_nonpoly_scheme.asym_id 
_pdbx_nonpoly_scheme.entity_id 
_pdbx_nonpoly_scheme.mon_id 
_pdbx_nonpoly_scheme.ndb_seq_num 
_pdbx_nonpoly_scheme.pdb_seq_num 
_pdbx_nonpoly_scheme.auth_seq_num 
_pdbx_nonpoly_scheme.pdb_mon_id 
_pdbx_nonpoly_scheme.auth_mon_id 
_pdbx_nonpoly_scheme.pdb_strand_id 
_pdbx_nonpoly_scheme.pdb_ins_code 
B 2 A3S 1   500  500  A3S A3S A . 
C 3 HOH 1   1001 1001 HOH HOH A . 
C 3 HOH 2   1002 1002 HOH HOH A . 
C 3 HOH 3   1003 1003 HOH HOH A . 
C 3 HOH 4   1004 1004 HOH HOH A . 
C 3 HOH 5   1005 1005 HOH HOH A . 
C 3 HOH 6   1006 1006 HOH HOH A . 
C 3 HOH 7   1007 1007 HOH HOH A . 
C 3 HOH 8   1008 1008 HOH HOH A . 
C 3 HOH 9   1009 1009 HOH HOH A . 
C 3 HOH 10  1010 1010 HOH HOH A . 
C 3 HOH 11  1011 1011 HOH HOH A . 
C 3 HOH 12  1012 1012 HOH HOH A . 
C 3 HOH 13  1013 1013 HOH HOH A . 
C 3 HOH 14  1014 1014 HOH HOH A . 
C 3 HOH 15  1015 1015 HOH HOH A . 
C 3 HOH 16  1016 1016 HOH HOH A . 
C 3 HOH 17  1017 1017 HOH HOH A . 
C 3 HOH 18  1018 1018 HOH HOH A . 
C 3 HOH 19  1019 1019 HOH HOH A . 
C 3 HOH 20  1020 1020 HOH HOH A . 
C 3 HOH 21  1021 1021 HOH HOH A . 
C 3 HOH 22  1022 1022 HOH HOH A . 
C 3 HOH 23  1023 1023 HOH HOH A . 
C 3 HOH 24  1024 1024 HOH HOH A . 
C 3 HOH 25  1025 1025 HOH HOH A . 
C 3 HOH 26  1026 1026 HOH HOH A . 
C 3 HOH 27  1027 1027 HOH HOH A . 
C 3 HOH 28  1028 1028 HOH HOH A . 
C 3 HOH 29  1029 1029 HOH HOH A . 
C 3 HOH 30  1030 1030 HOH HOH A . 
C 3 HOH 31  1031 1031 HOH HOH A . 
C 3 HOH 32  1032 1032 HOH HOH A . 
C 3 HOH 33  1033 1033 HOH HOH A . 
C 3 HOH 34  1034 1034 HOH HOH A . 
C 3 HOH 35  1035 1035 HOH HOH A . 
C 3 HOH 36  1036 1036 HOH HOH A . 
C 3 HOH 37  1037 1037 HOH HOH A . 
C 3 HOH 38  1038 1038 HOH HOH A . 
C 3 HOH 39  1039 1039 HOH HOH A . 
C 3 HOH 40  1040 1040 HOH HOH A . 
C 3 HOH 41  1041 1041 HOH HOH A . 
C 3 HOH 42  1042 1042 HOH HOH A . 
C 3 HOH 43  1043 1043 HOH HOH A . 
C 3 HOH 44  1044 1044 HOH HOH A . 
C 3 HOH 45  1045 1045 HOH HOH A . 
C 3 HOH 46  1046 1046 HOH HOH A . 
C 3 HOH 47  1047 1047 HOH HOH A . 
C 3 HOH 48  1048 1048 HOH HOH A . 
C 3 HOH 49  1049 1049 HOH HOH A . 
C 3 HOH 50  1050 1050 HOH HOH A . 
C 3 HOH 51  1051 1051 HOH HOH A . 
C 3 HOH 52  1052 1052 HOH HOH A . 
C 3 HOH 53  1053 1053 HOH HOH A . 
C 3 HOH 54  1054 1054 HOH HOH A . 
C 3 HOH 55  1055 1055 HOH HOH A . 
C 3 HOH 56  1056 1056 HOH HOH A . 
C 3 HOH 57  1057 1057 HOH HOH A . 
C 3 HOH 58  1058 1058 HOH HOH A . 
C 3 HOH 59  1059 1059 HOH HOH A . 
C 3 HOH 60  1060 1060 HOH HOH A . 
C 3 HOH 61  1061 1061 HOH HOH A . 
C 3 HOH 62  1062 1062 HOH HOH A . 
C 3 HOH 63  1063 1063 HOH HOH A . 
C 3 HOH 64  1064 1064 HOH HOH A . 
C 3 HOH 65  1065 1065 HOH HOH A . 
C 3 HOH 66  1066 1066 HOH HOH A . 
C 3 HOH 67  1067 1067 HOH HOH A . 
C 3 HOH 68  1068 1068 HOH HOH A . 
C 3 HOH 69  1069 1069 HOH HOH A . 
C 3 HOH 70  1070 1070 HOH HOH A . 
C 3 HOH 71  1071 1071 HOH HOH A . 
C 3 HOH 72  1072 1072 HOH HOH A . 
C 3 HOH 73  1073 1073 HOH HOH A . 
C 3 HOH 74  1074 1074 HOH HOH A . 
C 3 HOH 75  1075 1075 HOH HOH A . 
C 3 HOH 76  1076 1076 HOH HOH A . 
C 3 HOH 77  1077 1077 HOH HOH A . 
C 3 HOH 78  1078 1078 HOH HOH A . 
C 3 HOH 79  1079 1079 HOH HOH A . 
C 3 HOH 80  1080 1080 HOH HOH A . 
C 3 HOH 81  1081 1081 HOH HOH A . 
C 3 HOH 82  1082 1082 HOH HOH A . 
C 3 HOH 83  1083 1083 HOH HOH A . 
C 3 HOH 84  1084 1084 HOH HOH A . 
C 3 HOH 85  1085 1085 HOH HOH A . 
C 3 HOH 86  1086 1086 HOH HOH A . 
C 3 HOH 87  1087 1087 HOH HOH A . 
C 3 HOH 88  1088 1088 HOH HOH A . 
C 3 HOH 89  1089 1089 HOH HOH A . 
C 3 HOH 90  1090 1090 HOH HOH A . 
C 3 HOH 91  1091 1091 HOH HOH A . 
C 3 HOH 92  1092 1092 HOH HOH A . 
C 3 HOH 93  1093 1093 HOH HOH A . 
C 3 HOH 94  1094 1094 HOH HOH A . 
C 3 HOH 95  1095 1095 HOH HOH A . 
C 3 HOH 96  1096 1096 HOH HOH A . 
C 3 HOH 97  1097 1097 HOH HOH A . 
C 3 HOH 98  1098 1098 HOH HOH A . 
C 3 HOH 99  1099 1099 HOH HOH A . 
C 3 HOH 100 1100 1100 HOH HOH A . 
C 3 HOH 101 1101 1101 HOH HOH A . 
C 3 HOH 102 1102 1102 HOH HOH A . 
C 3 HOH 103 1103 1103 HOH HOH A . 
C 3 HOH 104 1104 1104 HOH HOH A . 
C 3 HOH 105 1105 1105 HOH HOH A . 
C 3 HOH 106 1106 1106 HOH HOH A . 
C 3 HOH 107 1107 1107 HOH HOH A . 
C 3 HOH 108 1108 1108 HOH HOH A . 
C 3 HOH 109 1109 1109 HOH HOH A . 
C 3 HOH 110 1110 1110 HOH HOH A . 
C 3 HOH 111 1111 1111 HOH HOH A . 
C 3 HOH 112 1112 1112 HOH HOH A . 
C 3 HOH 113 1113 1113 HOH HOH A . 
C 3 HOH 114 1114 1114 HOH HOH A . 
C 3 HOH 115 1115 1115 HOH HOH A . 
C 3 HOH 116 1116 1116 HOH HOH A . 
C 3 HOH 117 1117 1117 HOH HOH A . 
C 3 HOH 118 1118 1118 HOH HOH A . 
C 3 HOH 119 1119 1119 HOH HOH A . 
C 3 HOH 120 1120 1120 HOH HOH A . 
C 3 HOH 121 1121 1121 HOH HOH A . 
C 3 HOH 122 1122 1122 HOH HOH A . 
C 3 HOH 123 1123 1123 HOH HOH A . 
C 3 HOH 124 1124 1124 HOH HOH A . 
C 3 HOH 125 1125 1125 HOH HOH A . 
C 3 HOH 126 1126 1126 HOH HOH A . 
C 3 HOH 127 1127 1127 HOH HOH A . 
C 3 HOH 128 1128 1128 HOH HOH A . 
C 3 HOH 129 1129 1129 HOH HOH A . 
C 3 HOH 130 1130 1130 HOH HOH A . 
C 3 HOH 131 1131 1131 HOH HOH A . 
C 3 HOH 132 1132 1132 HOH HOH A . 
C 3 HOH 133 1133 1133 HOH HOH A . 
C 3 HOH 134 1134 1134 HOH HOH A . 
C 3 HOH 135 1135 1135 HOH HOH A . 
C 3 HOH 136 1136 1136 HOH HOH A . 
C 3 HOH 137 1137 1137 HOH HOH A . 
C 3 HOH 138 1138 1138 HOH HOH A . 
C 3 HOH 139 1139 1139 HOH HOH A . 
C 3 HOH 140 1140 1140 HOH HOH A . 
C 3 HOH 141 1141 1141 HOH HOH A . 
C 3 HOH 142 1142 1142 HOH HOH A . 
C 3 HOH 143 1143 1143 HOH HOH A . 
C 3 HOH 144 1144 1144 HOH HOH A . 
C 3 HOH 145 1145 1145 HOH HOH A . 
C 3 HOH 146 1146 1146 HOH HOH A . 
C 3 HOH 147 1147 1147 HOH HOH A . 
C 3 HOH 148 1148 1148 HOH HOH A . 
C 3 HOH 149 1149 1149 HOH HOH A . 
C 3 HOH 150 1150 1150 HOH HOH A . 
C 3 HOH 151 1151 1151 HOH HOH A . 
C 3 HOH 152 1152 1152 HOH HOH A . 
C 3 HOH 153 1153 1153 HOH HOH A . 
C 3 HOH 154 1154 1154 HOH HOH A . 
C 3 HOH 155 1155 1155 HOH HOH A . 
C 3 HOH 156 1156 1156 HOH HOH A . 
C 3 HOH 157 1157 1157 HOH HOH A . 
C 3 HOH 158 1158 1158 HOH HOH A . 
C 3 HOH 159 1159 1159 HOH HOH A . 
C 3 HOH 160 1160 1160 HOH HOH A . 
C 3 HOH 161 1161 1161 HOH HOH A . 
C 3 HOH 162 1162 1162 HOH HOH A . 
C 3 HOH 163 1163 1163 HOH HOH A . 
C 3 HOH 164 1164 1164 HOH HOH A . 
C 3 HOH 165 1165 1165 HOH HOH A . 
C 3 HOH 166 1166 1166 HOH HOH A . 
C 3 HOH 167 1167 1167 HOH HOH A . 
C 3 HOH 168 1168 1168 HOH HOH A . 
C 3 HOH 169 1169 1169 HOH HOH A . 
C 3 HOH 170 1170 1170 HOH HOH A . 
C 3 HOH 171 1171 1171 HOH HOH A . 
C 3 HOH 172 1172 1172 HOH HOH A . 
C 3 HOH 173 1173 1173 HOH HOH A . 
C 3 HOH 174 1174 1174 HOH HOH A . 
C 3 HOH 175 1175 1175 HOH HOH A . 
C 3 HOH 176 1176 1176 HOH HOH A . 
C 3 HOH 177 1177 1177 HOH HOH A . 
C 3 HOH 178 1178 1178 HOH HOH A . 
C 3 HOH 179 1179 1179 HOH HOH A . 
C 3 HOH 180 1180 1180 HOH HOH A . 
C 3 HOH 181 1181 1181 HOH HOH A . 
C 3 HOH 182 1182 1182 HOH HOH A . 
C 3 HOH 183 1183 1183 HOH HOH A . 
C 3 HOH 184 1184 1184 HOH HOH A . 
C 3 HOH 185 1185 1185 HOH HOH A . 
C 3 HOH 186 1186 1186 HOH HOH A . 
C 3 HOH 187 1187 1187 HOH HOH A . 
C 3 HOH 188 1188 1188 HOH HOH A . 
C 3 HOH 189 1189 1189 HOH HOH A . 
C 3 HOH 190 1190 1190 HOH HOH A . 
C 3 HOH 191 1191 1191 HOH HOH A . 
C 3 HOH 192 1192 1192 HOH HOH A . 
C 3 HOH 193 1193 1193 HOH HOH A . 
C 3 HOH 194 1194 1194 HOH HOH A . 
C 3 HOH 195 1195 1195 HOH HOH A . 
C 3 HOH 196 1196 1196 HOH HOH A . 
C 3 HOH 197 1197 1197 HOH HOH A . 
C 3 HOH 198 1198 1198 HOH HOH A . 
C 3 HOH 199 1199 1199 HOH HOH A . 
# 
_pdbx_struct_assembly.id                   1 
_pdbx_struct_assembly.details              author_defined_assembly 
_pdbx_struct_assembly.method_details       ? 
_pdbx_struct_assembly.oligomeric_details   dimeric 
_pdbx_struct_assembly.oligomeric_count     2 
# 
_pdbx_struct_assembly_gen.assembly_id       1 
_pdbx_struct_assembly_gen.oper_expression   1,2 
_pdbx_struct_assembly_gen.asym_id_list      A,B,C 
# 
loop_
_pdbx_struct_oper_list.id 
_pdbx_struct_oper_list.type 
_pdbx_struct_oper_list.name 
_pdbx_struct_oper_list.symmetry_operation 
_pdbx_struct_oper_list.matrix[1][1] 
_pdbx_struct_oper_list.matrix[1][2] 
_pdbx_struct_oper_list.matrix[1][3] 
_pdbx_struct_oper_list.vector[1] 
_pdbx_struct_oper_list.matrix[2][1] 
_pdbx_struct_oper_list.matrix[2][2] 
_pdbx_struct_oper_list.matrix[2][3] 
_pdbx_struct_oper_list.vector[2] 
_pdbx_struct_oper_list.matrix[3][1] 
_pdbx_struct_oper_list.matrix[3][2] 
_pdbx_struct_oper_list.matrix[3][3] 
_pdbx_struct_oper_list.vector[3] 
1 'identity operation'         1_555 x,y,z     1.0000000000 0.0000000000  0.0000000000 0.0000000000  0.0000000000  1.0000000000  0.0000000000  0.0000000000   0.0000000000 0.0000000000  1.0000000000  0.0000000000   
2 'crystal symmetry operation' 2_565 -x,-y+1,z 0.4340811847 -0.7372971901 0.5176546904 -1.0437741155 -0.7372971901 -0.6209369787 -0.2661392903 -14.6937083754 0.5176546904 -0.2661392903 -0.8131442059 -18.0366820780 
# 
loop_
_pdbx_audit_revision_history.ordinal 
_pdbx_audit_revision_history.data_content_type 
_pdbx_audit_revision_history.major_revision 
_pdbx_audit_revision_history.minor_revision 
_pdbx_audit_revision_history.revision_date 
1 'Structure model' 1 0 2006-08-29 
2 'Structure model' 1 1 2008-05-01 
3 'Structure model' 1 2 2011-07-13 
4 'Structure model' 1 3 2023-10-25 
# 
_pdbx_audit_revision_details.ordinal             1 
_pdbx_audit_revision_details.revision_ordinal    1 
_pdbx_audit_revision_details.data_content_type   'Structure model' 
_pdbx_audit_revision_details.provider            repository 
_pdbx_audit_revision_details.type                'Initial release' 
_pdbx_audit_revision_details.description         ? 
_pdbx_audit_revision_details.details             ? 
# 
loop_
_pdbx_audit_revision_group.ordinal 
_pdbx_audit_revision_group.revision_ordinal 
_pdbx_audit_revision_group.data_content_type 
_pdbx_audit_revision_group.group 
1 2 'Structure model' 'Version format compliance' 
2 3 'Structure model' 'Version format compliance' 
3 4 'Structure model' 'Data collection'           
4 4 'Structure model' 'Database references'       
5 4 'Structure model' 'Derived calculations'      
6 4 'Structure model' 'Refinement description'    
# 
loop_
_pdbx_audit_revision_category.ordinal 
_pdbx_audit_revision_category.revision_ordinal 
_pdbx_audit_revision_category.data_content_type 
_pdbx_audit_revision_category.category 
1 4 'Structure model' chem_comp_atom                
2 4 'Structure model' chem_comp_bond                
3 4 'Structure model' database_2                    
4 4 'Structure model' pdbx_initial_refinement_model 
5 4 'Structure model' struct_site                   
# 
loop_
_pdbx_audit_revision_item.ordinal 
_pdbx_audit_revision_item.revision_ordinal 
_pdbx_audit_revision_item.data_content_type 
_pdbx_audit_revision_item.item 
1 4 'Structure model' '_database_2.pdbx_DOI'                
2 4 'Structure model' '_database_2.pdbx_database_accession' 
3 4 'Structure model' '_struct_site.pdbx_auth_asym_id'      
4 4 'Structure model' '_struct_site.pdbx_auth_comp_id'      
5 4 'Structure model' '_struct_site.pdbx_auth_seq_id'       
# 
loop_
_software.name 
_software.classification 
_software.version 
_software.citation_id 
_software.pdbx_ordinal 
CNS       refinement       1.1        ? 1 
DENZO     'data reduction' .          ? 2 
SCALEPACK 'data scaling'   .          ? 3 
CCP4      phasing          '(MOLREP)' ? 4 
# 
_pdbx_validate_symm_contact.id                1 
_pdbx_validate_symm_contact.PDB_model_num     1 
_pdbx_validate_symm_contact.auth_atom_id_1    O 
_pdbx_validate_symm_contact.auth_asym_id_1    A 
_pdbx_validate_symm_contact.auth_comp_id_1    GLU 
_pdbx_validate_symm_contact.auth_seq_id_1     143 
_pdbx_validate_symm_contact.PDB_ins_code_1    ? 
_pdbx_validate_symm_contact.label_alt_id_1    ? 
_pdbx_validate_symm_contact.site_symmetry_1   1_555 
_pdbx_validate_symm_contact.auth_atom_id_2    O 
_pdbx_validate_symm_contact.auth_asym_id_2    A 
_pdbx_validate_symm_contact.auth_comp_id_2    GLU 
_pdbx_validate_symm_contact.auth_seq_id_2     143 
_pdbx_validate_symm_contact.PDB_ins_code_2    ? 
_pdbx_validate_symm_contact.label_alt_id_2    ? 
_pdbx_validate_symm_contact.site_symmetry_2   3_556 
_pdbx_validate_symm_contact.dist              2.18 
# 
loop_
_pdbx_validate_torsion.id 
_pdbx_validate_torsion.PDB_model_num 
_pdbx_validate_torsion.auth_comp_id 
_pdbx_validate_torsion.auth_asym_id 
_pdbx_validate_torsion.auth_seq_id 
_pdbx_validate_torsion.PDB_ins_code 
_pdbx_validate_torsion.label_alt_id 
_pdbx_validate_torsion.phi 
_pdbx_validate_torsion.psi 
1 1 LYS A 16 ? ? -112.10 -129.88 
2 1 ASN A 52 ? ? -156.37 79.08   
3 1 HIS A 83 ? ? -70.67  22.34   
# 
loop_
_pdbx_unobs_or_zero_occ_atoms.id 
_pdbx_unobs_or_zero_occ_atoms.PDB_model_num 
_pdbx_unobs_or_zero_occ_atoms.polymer_flag 
_pdbx_unobs_or_zero_occ_atoms.occupancy_flag 
_pdbx_unobs_or_zero_occ_atoms.auth_asym_id 
_pdbx_unobs_or_zero_occ_atoms.auth_comp_id 
_pdbx_unobs_or_zero_occ_atoms.auth_seq_id 
_pdbx_unobs_or_zero_occ_atoms.PDB_ins_code 
_pdbx_unobs_or_zero_occ_atoms.auth_atom_id 
_pdbx_unobs_or_zero_occ_atoms.label_alt_id 
_pdbx_unobs_or_zero_occ_atoms.label_asym_id 
_pdbx_unobs_or_zero_occ_atoms.label_comp_id 
_pdbx_unobs_or_zero_occ_atoms.label_seq_id 
_pdbx_unobs_or_zero_occ_atoms.label_atom_id 
1 1 Y 1 A LYS 18 ? CG ? A LYS 18 CG 
2 1 Y 1 A LYS 18 ? CD ? A LYS 18 CD 
3 1 Y 1 A LYS 18 ? CE ? A LYS 18 CE 
4 1 Y 1 A LYS 18 ? NZ ? A LYS 18 NZ 
# 
loop_
_chem_comp_atom.comp_id 
_chem_comp_atom.atom_id 
_chem_comp_atom.type_symbol 
_chem_comp_atom.pdbx_aromatic_flag 
_chem_comp_atom.pdbx_stereo_config 
_chem_comp_atom.pdbx_ordinal 
A3S "O5'"  O N N 1   
A3S "C5'"  C N N 2   
A3S "C4'"  C N S 3   
A3S "O4'"  O N N 4   
A3S "C1'"  C N R 5   
A3S N9     N Y N 6   
A3S C4     C Y N 7   
A3S N3     N Y N 8   
A3S C2     C Y N 9   
A3S N1     N Y N 10  
A3S C6     C Y N 11  
A3S N6     N N N 12  
A3S C5     C Y N 13  
A3S N7     N Y N 14  
A3S C8     C Y N 15  
A3S "C2'"  C N R 16  
A3S "O2'"  O N N 17  
A3S "C3'"  C N S 18  
A3S N8     N N N 19  
A3S N      N N N 20  
A3S CA     C N S 21  
A3S CB     C N N 22  
A3S OG     O N N 23  
A3S C      C N N 24  
A3S O      O N N 25  
A3S "H5'"  H N N 26  
A3S "H5'1" H N N 27  
A3S "H5'2" H N N 28  
A3S "H4'"  H N N 29  
A3S "H1'"  H N N 30  
A3S H2     H N N 31  
A3S HN61   H N N 32  
A3S HN62   H N N 33  
A3S H8     H N N 34  
A3S "H2'"  H N N 35  
A3S H1     H N N 36  
A3S "H3'"  H N N 37  
A3S HN8    H N N 38  
A3S HN1    H N N 39  
A3S HN2    H N N 40  
A3S HA     H N N 41  
A3S HB1    H N N 42  
A3S HB2    H N N 43  
A3S HOG    H N N 44  
ALA N      N N N 45  
ALA CA     C N S 46  
ALA C      C N N 47  
ALA O      O N N 48  
ALA CB     C N N 49  
ALA OXT    O N N 50  
ALA H      H N N 51  
ALA H2     H N N 52  
ALA HA     H N N 53  
ALA HB1    H N N 54  
ALA HB2    H N N 55  
ALA HB3    H N N 56  
ALA HXT    H N N 57  
ARG N      N N N 58  
ARG CA     C N S 59  
ARG C      C N N 60  
ARG O      O N N 61  
ARG CB     C N N 62  
ARG CG     C N N 63  
ARG CD     C N N 64  
ARG NE     N N N 65  
ARG CZ     C N N 66  
ARG NH1    N N N 67  
ARG NH2    N N N 68  
ARG OXT    O N N 69  
ARG H      H N N 70  
ARG H2     H N N 71  
ARG HA     H N N 72  
ARG HB2    H N N 73  
ARG HB3    H N N 74  
ARG HG2    H N N 75  
ARG HG3    H N N 76  
ARG HD2    H N N 77  
ARG HD3    H N N 78  
ARG HE     H N N 79  
ARG HH11   H N N 80  
ARG HH12   H N N 81  
ARG HH21   H N N 82  
ARG HH22   H N N 83  
ARG HXT    H N N 84  
ASN N      N N N 85  
ASN CA     C N S 86  
ASN C      C N N 87  
ASN O      O N N 88  
ASN CB     C N N 89  
ASN CG     C N N 90  
ASN OD1    O N N 91  
ASN ND2    N N N 92  
ASN OXT    O N N 93  
ASN H      H N N 94  
ASN H2     H N N 95  
ASN HA     H N N 96  
ASN HB2    H N N 97  
ASN HB3    H N N 98  
ASN HD21   H N N 99  
ASN HD22   H N N 100 
ASN HXT    H N N 101 
ASP N      N N N 102 
ASP CA     C N S 103 
ASP C      C N N 104 
ASP O      O N N 105 
ASP CB     C N N 106 
ASP CG     C N N 107 
ASP OD1    O N N 108 
ASP OD2    O N N 109 
ASP OXT    O N N 110 
ASP H      H N N 111 
ASP H2     H N N 112 
ASP HA     H N N 113 
ASP HB2    H N N 114 
ASP HB3    H N N 115 
ASP HD2    H N N 116 
ASP HXT    H N N 117 
CYS N      N N N 118 
CYS CA     C N R 119 
CYS C      C N N 120 
CYS O      O N N 121 
CYS CB     C N N 122 
CYS SG     S N N 123 
CYS OXT    O N N 124 
CYS H      H N N 125 
CYS H2     H N N 126 
CYS HA     H N N 127 
CYS HB2    H N N 128 
CYS HB3    H N N 129 
CYS HG     H N N 130 
CYS HXT    H N N 131 
GLN N      N N N 132 
GLN CA     C N S 133 
GLN C      C N N 134 
GLN O      O N N 135 
GLN CB     C N N 136 
GLN CG     C N N 137 
GLN CD     C N N 138 
GLN OE1    O N N 139 
GLN NE2    N N N 140 
GLN OXT    O N N 141 
GLN H      H N N 142 
GLN H2     H N N 143 
GLN HA     H N N 144 
GLN HB2    H N N 145 
GLN HB3    H N N 146 
GLN HG2    H N N 147 
GLN HG3    H N N 148 
GLN HE21   H N N 149 
GLN HE22   H N N 150 
GLN HXT    H N N 151 
GLU N      N N N 152 
GLU CA     C N S 153 
GLU C      C N N 154 
GLU O      O N N 155 
GLU CB     C N N 156 
GLU CG     C N N 157 
GLU CD     C N N 158 
GLU OE1    O N N 159 
GLU OE2    O N N 160 
GLU OXT    O N N 161 
GLU H      H N N 162 
GLU H2     H N N 163 
GLU HA     H N N 164 
GLU HB2    H N N 165 
GLU HB3    H N N 166 
GLU HG2    H N N 167 
GLU HG3    H N N 168 
GLU HE2    H N N 169 
GLU HXT    H N N 170 
GLY N      N N N 171 
GLY CA     C N N 172 
GLY C      C N N 173 
GLY O      O N N 174 
GLY OXT    O N N 175 
GLY H      H N N 176 
GLY H2     H N N 177 
GLY HA2    H N N 178 
GLY HA3    H N N 179 
GLY HXT    H N N 180 
HIS N      N N N 181 
HIS CA     C N S 182 
HIS C      C N N 183 
HIS O      O N N 184 
HIS CB     C N N 185 
HIS CG     C Y N 186 
HIS ND1    N Y N 187 
HIS CD2    C Y N 188 
HIS CE1    C Y N 189 
HIS NE2    N Y N 190 
HIS OXT    O N N 191 
HIS H      H N N 192 
HIS H2     H N N 193 
HIS HA     H N N 194 
HIS HB2    H N N 195 
HIS HB3    H N N 196 
HIS HD1    H N N 197 
HIS HD2    H N N 198 
HIS HE1    H N N 199 
HIS HE2    H N N 200 
HIS HXT    H N N 201 
HOH O      O N N 202 
HOH H1     H N N 203 
HOH H2     H N N 204 
ILE N      N N N 205 
ILE CA     C N S 206 
ILE C      C N N 207 
ILE O      O N N 208 
ILE CB     C N S 209 
ILE CG1    C N N 210 
ILE CG2    C N N 211 
ILE CD1    C N N 212 
ILE OXT    O N N 213 
ILE H      H N N 214 
ILE H2     H N N 215 
ILE HA     H N N 216 
ILE HB     H N N 217 
ILE HG12   H N N 218 
ILE HG13   H N N 219 
ILE HG21   H N N 220 
ILE HG22   H N N 221 
ILE HG23   H N N 222 
ILE HD11   H N N 223 
ILE HD12   H N N 224 
ILE HD13   H N N 225 
ILE HXT    H N N 226 
LEU N      N N N 227 
LEU CA     C N S 228 
LEU C      C N N 229 
LEU O      O N N 230 
LEU CB     C N N 231 
LEU CG     C N N 232 
LEU CD1    C N N 233 
LEU CD2    C N N 234 
LEU OXT    O N N 235 
LEU H      H N N 236 
LEU H2     H N N 237 
LEU HA     H N N 238 
LEU HB2    H N N 239 
LEU HB3    H N N 240 
LEU HG     H N N 241 
LEU HD11   H N N 242 
LEU HD12   H N N 243 
LEU HD13   H N N 244 
LEU HD21   H N N 245 
LEU HD22   H N N 246 
LEU HD23   H N N 247 
LEU HXT    H N N 248 
LYS N      N N N 249 
LYS CA     C N S 250 
LYS C      C N N 251 
LYS O      O N N 252 
LYS CB     C N N 253 
LYS CG     C N N 254 
LYS CD     C N N 255 
LYS CE     C N N 256 
LYS NZ     N N N 257 
LYS OXT    O N N 258 
LYS H      H N N 259 
LYS H2     H N N 260 
LYS HA     H N N 261 
LYS HB2    H N N 262 
LYS HB3    H N N 263 
LYS HG2    H N N 264 
LYS HG3    H N N 265 
LYS HD2    H N N 266 
LYS HD3    H N N 267 
LYS HE2    H N N 268 
LYS HE3    H N N 269 
LYS HZ1    H N N 270 
LYS HZ2    H N N 271 
LYS HZ3    H N N 272 
LYS HXT    H N N 273 
MET N      N N N 274 
MET CA     C N S 275 
MET C      C N N 276 
MET O      O N N 277 
MET CB     C N N 278 
MET CG     C N N 279 
MET SD     S N N 280 
MET CE     C N N 281 
MET OXT    O N N 282 
MET H      H N N 283 
MET H2     H N N 284 
MET HA     H N N 285 
MET HB2    H N N 286 
MET HB3    H N N 287 
MET HG2    H N N 288 
MET HG3    H N N 289 
MET HE1    H N N 290 
MET HE2    H N N 291 
MET HE3    H N N 292 
MET HXT    H N N 293 
PHE N      N N N 294 
PHE CA     C N S 295 
PHE C      C N N 296 
PHE O      O N N 297 
PHE CB     C N N 298 
PHE CG     C Y N 299 
PHE CD1    C Y N 300 
PHE CD2    C Y N 301 
PHE CE1    C Y N 302 
PHE CE2    C Y N 303 
PHE CZ     C Y N 304 
PHE OXT    O N N 305 
PHE H      H N N 306 
PHE H2     H N N 307 
PHE HA     H N N 308 
PHE HB2    H N N 309 
PHE HB3    H N N 310 
PHE HD1    H N N 311 
PHE HD2    H N N 312 
PHE HE1    H N N 313 
PHE HE2    H N N 314 
PHE HZ     H N N 315 
PHE HXT    H N N 316 
PRO N      N N N 317 
PRO CA     C N S 318 
PRO C      C N N 319 
PRO O      O N N 320 
PRO CB     C N N 321 
PRO CG     C N N 322 
PRO CD     C N N 323 
PRO OXT    O N N 324 
PRO H      H N N 325 
PRO HA     H N N 326 
PRO HB2    H N N 327 
PRO HB3    H N N 328 
PRO HG2    H N N 329 
PRO HG3    H N N 330 
PRO HD2    H N N 331 
PRO HD3    H N N 332 
PRO HXT    H N N 333 
SER N      N N N 334 
SER CA     C N S 335 
SER C      C N N 336 
SER O      O N N 337 
SER CB     C N N 338 
SER OG     O N N 339 
SER OXT    O N N 340 
SER H      H N N 341 
SER H2     H N N 342 
SER HA     H N N 343 
SER HB2    H N N 344 
SER HB3    H N N 345 
SER HG     H N N 346 
SER HXT    H N N 347 
THR N      N N N 348 
THR CA     C N S 349 
THR C      C N N 350 
THR O      O N N 351 
THR CB     C N R 352 
THR OG1    O N N 353 
THR CG2    C N N 354 
THR OXT    O N N 355 
THR H      H N N 356 
THR H2     H N N 357 
THR HA     H N N 358 
THR HB     H N N 359 
THR HG1    H N N 360 
THR HG21   H N N 361 
THR HG22   H N N 362 
THR HG23   H N N 363 
THR HXT    H N N 364 
TYR N      N N N 365 
TYR CA     C N S 366 
TYR C      C N N 367 
TYR O      O N N 368 
TYR CB     C N N 369 
TYR CG     C Y N 370 
TYR CD1    C Y N 371 
TYR CD2    C Y N 372 
TYR CE1    C Y N 373 
TYR CE2    C Y N 374 
TYR CZ     C Y N 375 
TYR OH     O N N 376 
TYR OXT    O N N 377 
TYR H      H N N 378 
TYR H2     H N N 379 
TYR HA     H N N 380 
TYR HB2    H N N 381 
TYR HB3    H N N 382 
TYR HD1    H N N 383 
TYR HD2    H N N 384 
TYR HE1    H N N 385 
TYR HE2    H N N 386 
TYR HH     H N N 387 
TYR HXT    H N N 388 
VAL N      N N N 389 
VAL CA     C N S 390 
VAL C      C N N 391 
VAL O      O N N 392 
VAL CB     C N N 393 
VAL CG1    C N N 394 
VAL CG2    C N N 395 
VAL OXT    O N N 396 
VAL H      H N N 397 
VAL H2     H N N 398 
VAL HA     H N N 399 
VAL HB     H N N 400 
VAL HG11   H N N 401 
VAL HG12   H N N 402 
VAL HG13   H N N 403 
VAL HG21   H N N 404 
VAL HG22   H N N 405 
VAL HG23   H N N 406 
VAL HXT    H N N 407 
# 
loop_
_chem_comp_bond.comp_id 
_chem_comp_bond.atom_id_1 
_chem_comp_bond.atom_id_2 
_chem_comp_bond.value_order 
_chem_comp_bond.pdbx_aromatic_flag 
_chem_comp_bond.pdbx_stereo_config 
_chem_comp_bond.pdbx_ordinal 
A3S "O5'" "C5'"  sing N N 1   
A3S "O5'" "H5'"  sing N N 2   
A3S "C5'" "C4'"  sing N N 3   
A3S "C5'" "H5'1" sing N N 4   
A3S "C5'" "H5'2" sing N N 5   
A3S "C4'" "O4'"  sing N N 6   
A3S "C4'" "C3'"  sing N N 7   
A3S "C4'" "H4'"  sing N N 8   
A3S "O4'" "C1'"  sing N N 9   
A3S "C1'" N9     sing N N 10  
A3S "C1'" "C2'"  sing N N 11  
A3S "C1'" "H1'"  sing N N 12  
A3S N9    C4     sing Y N 13  
A3S N9    C8     sing Y N 14  
A3S C4    N3     sing Y N 15  
A3S C4    C5     doub Y N 16  
A3S N3    C2     doub Y N 17  
A3S C2    N1     sing Y N 18  
A3S C2    H2     sing N N 19  
A3S N1    C6     doub Y N 20  
A3S C6    N6     sing N N 21  
A3S C6    C5     sing Y N 22  
A3S N6    HN61   sing N N 23  
A3S N6    HN62   sing N N 24  
A3S C5    N7     sing Y N 25  
A3S N7    C8     doub Y N 26  
A3S C8    H8     sing N N 27  
A3S "C2'" "O2'"  sing N N 28  
A3S "C2'" "C3'"  sing N N 29  
A3S "C2'" "H2'"  sing N N 30  
A3S "O2'" H1     sing N N 31  
A3S "C3'" N8     sing N N 32  
A3S "C3'" "H3'"  sing N N 33  
A3S N8    C      sing N N 34  
A3S N8    HN8    sing N N 35  
A3S N     CA     sing N N 36  
A3S N     HN1    sing N N 37  
A3S N     HN2    sing N N 38  
A3S CA    CB     sing N N 39  
A3S CA    C      sing N N 40  
A3S CA    HA     sing N N 41  
A3S CB    OG     sing N N 42  
A3S CB    HB1    sing N N 43  
A3S CB    HB2    sing N N 44  
A3S OG    HOG    sing N N 45  
A3S C     O      doub N N 46  
ALA N     CA     sing N N 47  
ALA N     H      sing N N 48  
ALA N     H2     sing N N 49  
ALA CA    C      sing N N 50  
ALA CA    CB     sing N N 51  
ALA CA    HA     sing N N 52  
ALA C     O      doub N N 53  
ALA C     OXT    sing N N 54  
ALA CB    HB1    sing N N 55  
ALA CB    HB2    sing N N 56  
ALA CB    HB3    sing N N 57  
ALA OXT   HXT    sing N N 58  
ARG N     CA     sing N N 59  
ARG N     H      sing N N 60  
ARG N     H2     sing N N 61  
ARG CA    C      sing N N 62  
ARG CA    CB     sing N N 63  
ARG CA    HA     sing N N 64  
ARG C     O      doub N N 65  
ARG C     OXT    sing N N 66  
ARG CB    CG     sing N N 67  
ARG CB    HB2    sing N N 68  
ARG CB    HB3    sing N N 69  
ARG CG    CD     sing N N 70  
ARG CG    HG2    sing N N 71  
ARG CG    HG3    sing N N 72  
ARG CD    NE     sing N N 73  
ARG CD    HD2    sing N N 74  
ARG CD    HD3    sing N N 75  
ARG NE    CZ     sing N N 76  
ARG NE    HE     sing N N 77  
ARG CZ    NH1    sing N N 78  
ARG CZ    NH2    doub N N 79  
ARG NH1   HH11   sing N N 80  
ARG NH1   HH12   sing N N 81  
ARG NH2   HH21   sing N N 82  
ARG NH2   HH22   sing N N 83  
ARG OXT   HXT    sing N N 84  
ASN N     CA     sing N N 85  
ASN N     H      sing N N 86  
ASN N     H2     sing N N 87  
ASN CA    C      sing N N 88  
ASN CA    CB     sing N N 89  
ASN CA    HA     sing N N 90  
ASN C     O      doub N N 91  
ASN C     OXT    sing N N 92  
ASN CB    CG     sing N N 93  
ASN CB    HB2    sing N N 94  
ASN CB    HB3    sing N N 95  
ASN CG    OD1    doub N N 96  
ASN CG    ND2    sing N N 97  
ASN ND2   HD21   sing N N 98  
ASN ND2   HD22   sing N N 99  
ASN OXT   HXT    sing N N 100 
ASP N     CA     sing N N 101 
ASP N     H      sing N N 102 
ASP N     H2     sing N N 103 
ASP CA    C      sing N N 104 
ASP CA    CB     sing N N 105 
ASP CA    HA     sing N N 106 
ASP C     O      doub N N 107 
ASP C     OXT    sing N N 108 
ASP CB    CG     sing N N 109 
ASP CB    HB2    sing N N 110 
ASP CB    HB3    sing N N 111 
ASP CG    OD1    doub N N 112 
ASP CG    OD2    sing N N 113 
ASP OD2   HD2    sing N N 114 
ASP OXT   HXT    sing N N 115 
CYS N     CA     sing N N 116 
CYS N     H      sing N N 117 
CYS N     H2     sing N N 118 
CYS CA    C      sing N N 119 
CYS CA    CB     sing N N 120 
CYS CA    HA     sing N N 121 
CYS C     O      doub N N 122 
CYS C     OXT    sing N N 123 
CYS CB    SG     sing N N 124 
CYS CB    HB2    sing N N 125 
CYS CB    HB3    sing N N 126 
CYS SG    HG     sing N N 127 
CYS OXT   HXT    sing N N 128 
GLN N     CA     sing N N 129 
GLN N     H      sing N N 130 
GLN N     H2     sing N N 131 
GLN CA    C      sing N N 132 
GLN CA    CB     sing N N 133 
GLN CA    HA     sing N N 134 
GLN C     O      doub N N 135 
GLN C     OXT    sing N N 136 
GLN CB    CG     sing N N 137 
GLN CB    HB2    sing N N 138 
GLN CB    HB3    sing N N 139 
GLN CG    CD     sing N N 140 
GLN CG    HG2    sing N N 141 
GLN CG    HG3    sing N N 142 
GLN CD    OE1    doub N N 143 
GLN CD    NE2    sing N N 144 
GLN NE2   HE21   sing N N 145 
GLN NE2   HE22   sing N N 146 
GLN OXT   HXT    sing N N 147 
GLU N     CA     sing N N 148 
GLU N     H      sing N N 149 
GLU N     H2     sing N N 150 
GLU CA    C      sing N N 151 
GLU CA    CB     sing N N 152 
GLU CA    HA     sing N N 153 
GLU C     O      doub N N 154 
GLU C     OXT    sing N N 155 
GLU CB    CG     sing N N 156 
GLU CB    HB2    sing N N 157 
GLU CB    HB3    sing N N 158 
GLU CG    CD     sing N N 159 
GLU CG    HG2    sing N N 160 
GLU CG    HG3    sing N N 161 
GLU CD    OE1    doub N N 162 
GLU CD    OE2    sing N N 163 
GLU OE2   HE2    sing N N 164 
GLU OXT   HXT    sing N N 165 
GLY N     CA     sing N N 166 
GLY N     H      sing N N 167 
GLY N     H2     sing N N 168 
GLY CA    C      sing N N 169 
GLY CA    HA2    sing N N 170 
GLY CA    HA3    sing N N 171 
GLY C     O      doub N N 172 
GLY C     OXT    sing N N 173 
GLY OXT   HXT    sing N N 174 
HIS N     CA     sing N N 175 
HIS N     H      sing N N 176 
HIS N     H2     sing N N 177 
HIS CA    C      sing N N 178 
HIS CA    CB     sing N N 179 
HIS CA    HA     sing N N 180 
HIS C     O      doub N N 181 
HIS C     OXT    sing N N 182 
HIS CB    CG     sing N N 183 
HIS CB    HB2    sing N N 184 
HIS CB    HB3    sing N N 185 
HIS CG    ND1    sing Y N 186 
HIS CG    CD2    doub Y N 187 
HIS ND1   CE1    doub Y N 188 
HIS ND1   HD1    sing N N 189 
HIS CD2   NE2    sing Y N 190 
HIS CD2   HD2    sing N N 191 
HIS CE1   NE2    sing Y N 192 
HIS CE1   HE1    sing N N 193 
HIS NE2   HE2    sing N N 194 
HIS OXT   HXT    sing N N 195 
HOH O     H1     sing N N 196 
HOH O     H2     sing N N 197 
ILE N     CA     sing N N 198 
ILE N     H      sing N N 199 
ILE N     H2     sing N N 200 
ILE CA    C      sing N N 201 
ILE CA    CB     sing N N 202 
ILE CA    HA     sing N N 203 
ILE C     O      doub N N 204 
ILE C     OXT    sing N N 205 
ILE CB    CG1    sing N N 206 
ILE CB    CG2    sing N N 207 
ILE CB    HB     sing N N 208 
ILE CG1   CD1    sing N N 209 
ILE CG1   HG12   sing N N 210 
ILE CG1   HG13   sing N N 211 
ILE CG2   HG21   sing N N 212 
ILE CG2   HG22   sing N N 213 
ILE CG2   HG23   sing N N 214 
ILE CD1   HD11   sing N N 215 
ILE CD1   HD12   sing N N 216 
ILE CD1   HD13   sing N N 217 
ILE OXT   HXT    sing N N 218 
LEU N     CA     sing N N 219 
LEU N     H      sing N N 220 
LEU N     H2     sing N N 221 
LEU CA    C      sing N N 222 
LEU CA    CB     sing N N 223 
LEU CA    HA     sing N N 224 
LEU C     O      doub N N 225 
LEU C     OXT    sing N N 226 
LEU CB    CG     sing N N 227 
LEU CB    HB2    sing N N 228 
LEU CB    HB3    sing N N 229 
LEU CG    CD1    sing N N 230 
LEU CG    CD2    sing N N 231 
LEU CG    HG     sing N N 232 
LEU CD1   HD11   sing N N 233 
LEU CD1   HD12   sing N N 234 
LEU CD1   HD13   sing N N 235 
LEU CD2   HD21   sing N N 236 
LEU CD2   HD22   sing N N 237 
LEU CD2   HD23   sing N N 238 
LEU OXT   HXT    sing N N 239 
LYS N     CA     sing N N 240 
LYS N     H      sing N N 241 
LYS N     H2     sing N N 242 
LYS CA    C      sing N N 243 
LYS CA    CB     sing N N 244 
LYS CA    HA     sing N N 245 
LYS C     O      doub N N 246 
LYS C     OXT    sing N N 247 
LYS CB    CG     sing N N 248 
LYS CB    HB2    sing N N 249 
LYS CB    HB3    sing N N 250 
LYS CG    CD     sing N N 251 
LYS CG    HG2    sing N N 252 
LYS CG    HG3    sing N N 253 
LYS CD    CE     sing N N 254 
LYS CD    HD2    sing N N 255 
LYS CD    HD3    sing N N 256 
LYS CE    NZ     sing N N 257 
LYS CE    HE2    sing N N 258 
LYS CE    HE3    sing N N 259 
LYS NZ    HZ1    sing N N 260 
LYS NZ    HZ2    sing N N 261 
LYS NZ    HZ3    sing N N 262 
LYS OXT   HXT    sing N N 263 
MET N     CA     sing N N 264 
MET N     H      sing N N 265 
MET N     H2     sing N N 266 
MET CA    C      sing N N 267 
MET CA    CB     sing N N 268 
MET CA    HA     sing N N 269 
MET C     O      doub N N 270 
MET C     OXT    sing N N 271 
MET CB    CG     sing N N 272 
MET CB    HB2    sing N N 273 
MET CB    HB3    sing N N 274 
MET CG    SD     sing N N 275 
MET CG    HG2    sing N N 276 
MET CG    HG3    sing N N 277 
MET SD    CE     sing N N 278 
MET CE    HE1    sing N N 279 
MET CE    HE2    sing N N 280 
MET CE    HE3    sing N N 281 
MET OXT   HXT    sing N N 282 
PHE N     CA     sing N N 283 
PHE N     H      sing N N 284 
PHE N     H2     sing N N 285 
PHE CA    C      sing N N 286 
PHE CA    CB     sing N N 287 
PHE CA    HA     sing N N 288 
PHE C     O      doub N N 289 
PHE C     OXT    sing N N 290 
PHE CB    CG     sing N N 291 
PHE CB    HB2    sing N N 292 
PHE CB    HB3    sing N N 293 
PHE CG    CD1    doub Y N 294 
PHE CG    CD2    sing Y N 295 
PHE CD1   CE1    sing Y N 296 
PHE CD1   HD1    sing N N 297 
PHE CD2   CE2    doub Y N 298 
PHE CD2   HD2    sing N N 299 
PHE CE1   CZ     doub Y N 300 
PHE CE1   HE1    sing N N 301 
PHE CE2   CZ     sing Y N 302 
PHE CE2   HE2    sing N N 303 
PHE CZ    HZ     sing N N 304 
PHE OXT   HXT    sing N N 305 
PRO N     CA     sing N N 306 
PRO N     CD     sing N N 307 
PRO N     H      sing N N 308 
PRO CA    C      sing N N 309 
PRO CA    CB     sing N N 310 
PRO CA    HA     sing N N 311 
PRO C     O      doub N N 312 
PRO C     OXT    sing N N 313 
PRO CB    CG     sing N N 314 
PRO CB    HB2    sing N N 315 
PRO CB    HB3    sing N N 316 
PRO CG    CD     sing N N 317 
PRO CG    HG2    sing N N 318 
PRO CG    HG3    sing N N 319 
PRO CD    HD2    sing N N 320 
PRO CD    HD3    sing N N 321 
PRO OXT   HXT    sing N N 322 
SER N     CA     sing N N 323 
SER N     H      sing N N 324 
SER N     H2     sing N N 325 
SER CA    C      sing N N 326 
SER CA    CB     sing N N 327 
SER CA    HA     sing N N 328 
SER C     O      doub N N 329 
SER C     OXT    sing N N 330 
SER CB    OG     sing N N 331 
SER CB    HB2    sing N N 332 
SER CB    HB3    sing N N 333 
SER OG    HG     sing N N 334 
SER OXT   HXT    sing N N 335 
THR N     CA     sing N N 336 
THR N     H      sing N N 337 
THR N     H2     sing N N 338 
THR CA    C      sing N N 339 
THR CA    CB     sing N N 340 
THR CA    HA     sing N N 341 
THR C     O      doub N N 342 
THR C     OXT    sing N N 343 
THR CB    OG1    sing N N 344 
THR CB    CG2    sing N N 345 
THR CB    HB     sing N N 346 
THR OG1   HG1    sing N N 347 
THR CG2   HG21   sing N N 348 
THR CG2   HG22   sing N N 349 
THR CG2   HG23   sing N N 350 
THR OXT   HXT    sing N N 351 
TYR N     CA     sing N N 352 
TYR N     H      sing N N 353 
TYR N     H2     sing N N 354 
TYR CA    C      sing N N 355 
TYR CA    CB     sing N N 356 
TYR CA    HA     sing N N 357 
TYR C     O      doub N N 358 
TYR C     OXT    sing N N 359 
TYR CB    CG     sing N N 360 
TYR CB    HB2    sing N N 361 
TYR CB    HB3    sing N N 362 
TYR CG    CD1    doub Y N 363 
TYR CG    CD2    sing Y N 364 
TYR CD1   CE1    sing Y N 365 
TYR CD1   HD1    sing N N 366 
TYR CD2   CE2    doub Y N 367 
TYR CD2   HD2    sing N N 368 
TYR CE1   CZ     doub Y N 369 
TYR CE1   HE1    sing N N 370 
TYR CE2   CZ     sing Y N 371 
TYR CE2   HE2    sing N N 372 
TYR CZ    OH     sing N N 373 
TYR OH    HH     sing N N 374 
TYR OXT   HXT    sing N N 375 
VAL N     CA     sing N N 376 
VAL N     H      sing N N 377 
VAL N     H2     sing N N 378 
VAL CA    C      sing N N 379 
VAL CA    CB     sing N N 380 
VAL CA    HA     sing N N 381 
VAL C     O      doub N N 382 
VAL C     OXT    sing N N 383 
VAL CB    CG1    sing N N 384 
VAL CB    CG2    sing N N 385 
VAL CB    HB     sing N N 386 
VAL CG1   HG11   sing N N 387 
VAL CG1   HG12   sing N N 388 
VAL CG1   HG13   sing N N 389 
VAL CG2   HG21   sing N N 390 
VAL CG2   HG22   sing N N 391 
VAL CG2   HG23   sing N N 392 
VAL OXT   HXT    sing N N 393 
# 
loop_
_pdbx_entity_nonpoly.entity_id 
_pdbx_entity_nonpoly.name 
_pdbx_entity_nonpoly.comp_id 
2 "SERINE-3'-AMINOADENOSINE" A3S 
3 water                      HOH 
# 
_pdbx_initial_refinement_model.id               1 
_pdbx_initial_refinement_model.entity_id_list   ? 
_pdbx_initial_refinement_model.type             'experimental model' 
_pdbx_initial_refinement_model.source_name      PDB 
_pdbx_initial_refinement_model.accession_code   1Y2Q 
_pdbx_initial_refinement_model.details          'PDB ENTRY 1Y2Q' 
# 
